data_7UFI
#
_entry.id   7UFI
#
_cell.length_a   1.00
_cell.length_b   1.00
_cell.length_c   1.00
_cell.angle_alpha   90.00
_cell.angle_beta   90.00
_cell.angle_gamma   90.00
#
_symmetry.space_group_name_H-M   'P 1'
#
loop_
_entity.id
_entity.type
_entity.pdbx_description
1 polymer "DNA (5'-D(P*CP*TP*CP*CP*AP*GP*TP*AP*CP*AP*GP*CP*GP*CP*GP*GP*CP*TP*GP*AP*A)-3')"
2 polymer "DNA (5'-D(P*TP*TP*CP*AP*GP*CP*CP*GP*CP*GP*CP*TP*GP*TP*AP*CP*TP*GP*GP*AP*G)-3')"
3 polymer VchTnsC
4 non-polymer "ADENOSINE-5'-TRIPHOSPHATE"
#
loop_
_entity_poly.entity_id
_entity_poly.type
_entity_poly.pdbx_seq_one_letter_code
_entity_poly.pdbx_strand_id
1 'polydeoxyribonucleotide'
;(DC)(DT)(DC)(DC)(DA)(DG)(DT)(DA)(DC)(DA)(DG)(DC)(DG)(DC)(DG)(DG)(DC)(DT)(DG)(DA)
(DA)
;
A
2 'polydeoxyribonucleotide'
;(DT)(DT)(DC)(DA)(DG)(DC)(DC)(DG)(DC)(DG)(DC)(DT)(DG)(DT)(DA)(DC)(DT)(DG)(DG)(DA)
(DG)
;
B
3 'polypeptide(L)'
;TREARISRAKRAFVSTPSVRKILSYMDRCRDLSDLESEPTCMMVYGASGVGKTTVIKKYLNQAAAAAAAGGDIIPVLHIE
LPDNAKPVDAARELLVEMGDPLALYETDLARLTKRLTELIPAVGVKLIIIDEFQHLVEERSNRVLTQVGNWLKMILNKTK
CPIVIFGMPYSKVVLQANSQLHGRFSIQVELRPFSYQGGRGVFKTFLEYLDKALPFEKQAGLANESLQKKLYAFSQGNMR
SLRNLIYQASIEAIDNQHETITEEDFVFASKLTSGDKPNSWKNPFEEGVEVTEDMLRPPPKDIGWEDYLRH
;
1,2,3,4,5,6,7
#
# COMPACT_ATOMS: atom_id res chain seq x y z
N THR C 1 20.36 -56.88 5.94
CA THR C 1 19.33 -55.84 6.31
C THR C 1 17.92 -56.40 6.11
N ARG C 2 17.60 -56.87 4.89
CA ARG C 2 16.25 -57.31 4.44
C ARG C 2 15.26 -56.16 4.61
N GLU C 3 15.30 -55.20 3.69
CA GLU C 3 14.42 -54.00 3.62
C GLU C 3 12.92 -54.39 3.62
N ALA C 4 12.58 -55.63 3.23
CA ALA C 4 11.24 -56.25 3.39
C ALA C 4 10.85 -56.29 4.88
N ARG C 5 11.77 -56.78 5.74
CA ARG C 5 11.62 -56.83 7.22
C ARG C 5 11.58 -55.40 7.80
N ILE C 6 12.37 -54.48 7.23
CA ILE C 6 12.48 -53.05 7.69
C ILE C 6 11.16 -52.34 7.39
N SER C 7 10.61 -52.53 6.18
CA SER C 7 9.30 -51.98 5.75
C SER C 7 8.17 -52.62 6.58
N ARG C 8 8.31 -53.89 6.96
CA ARG C 8 7.34 -54.59 7.83
C ARG C 8 7.34 -53.92 9.22
N ALA C 9 8.51 -53.56 9.75
CA ALA C 9 8.68 -52.87 11.06
C ALA C 9 8.12 -51.44 11.00
N LYS C 10 8.28 -50.77 9.85
CA LYS C 10 7.82 -49.37 9.64
C LYS C 10 6.29 -49.33 9.43
N ARG C 11 5.77 -50.17 8.52
CA ARG C 11 4.32 -50.29 8.21
C ARG C 11 3.71 -51.34 9.14
N ALA C 12 3.39 -50.92 10.37
CA ALA C 12 2.68 -51.72 11.40
C ALA C 12 1.46 -50.94 11.87
N PHE C 13 0.26 -51.35 11.44
CA PHE C 13 -1.04 -50.75 11.89
C PHE C 13 -1.69 -51.68 12.93
N VAL C 14 -1.97 -51.13 14.11
CA VAL C 14 -2.77 -51.75 15.20
C VAL C 14 -4.02 -50.89 15.43
N SER C 15 -5.22 -51.46 15.27
CA SER C 15 -6.51 -50.73 15.41
C SER C 15 -6.89 -50.61 16.89
N THR C 16 -6.90 -49.39 17.43
CA THR C 16 -7.46 -49.06 18.78
C THR C 16 -8.96 -48.89 18.66
N PRO C 17 -9.73 -49.00 19.78
CA PRO C 17 -11.16 -48.71 19.77
C PRO C 17 -11.55 -47.28 19.35
N SER C 18 -10.68 -46.29 19.60
CA SER C 18 -10.85 -44.87 19.17
C SER C 18 -10.78 -44.76 17.64
N VAL C 19 -9.83 -45.48 17.00
CA VAL C 19 -9.66 -45.51 15.52
C VAL C 19 -10.85 -46.22 14.88
N ARG C 20 -11.29 -47.35 15.45
CA ARG C 20 -12.47 -48.11 14.97
C ARG C 20 -13.73 -47.25 15.12
N LYS C 21 -13.80 -46.43 16.17
CA LYS C 21 -14.91 -45.46 16.39
C LYS C 21 -14.92 -44.43 15.25
N ILE C 22 -13.75 -43.86 14.91
CA ILE C 22 -13.60 -42.87 13.80
C ILE C 22 -13.98 -43.55 12.48
N LEU C 23 -13.46 -44.75 12.20
CA LEU C 23 -13.71 -45.48 10.92
C LEU C 23 -15.21 -45.79 10.78
N SER C 24 -15.86 -46.28 11.84
CA SER C 24 -17.32 -46.60 11.84
C SER C 24 -18.13 -45.34 11.56
N TYR C 25 -17.75 -44.20 12.14
CA TYR C 25 -18.40 -42.88 11.94
C TYR C 25 -18.13 -42.34 10.53
N MET C 26 -16.95 -42.61 9.97
CA MET C 26 -16.59 -42.19 8.58
C MET C 26 -17.43 -42.97 7.56
N ASP C 27 -17.55 -44.29 7.74
CA ASP C 27 -18.41 -45.19 6.92
C ASP C 27 -19.87 -44.75 7.04
N ARG C 28 -20.29 -44.36 8.25
CA ARG C 28 -21.65 -43.84 8.56
C ARG C 28 -21.89 -42.51 7.82
N CYS C 29 -20.97 -41.55 7.95
CA CYS C 29 -21.01 -40.22 7.28
C CYS C 29 -21.19 -40.37 5.77
N ARG C 30 -20.47 -41.32 5.14
CA ARG C 30 -20.51 -41.56 3.68
C ARG C 30 -21.87 -42.15 3.29
N ASP C 31 -22.25 -43.26 3.92
CA ASP C 31 -23.42 -44.10 3.52
C ASP C 31 -24.76 -43.43 3.90
N LEU C 32 -24.75 -42.30 4.62
CA LEU C 32 -26.00 -41.58 5.01
C LEU C 32 -26.38 -40.51 3.97
N SER C 33 -25.40 -39.84 3.36
CA SER C 33 -25.63 -38.78 2.34
C SER C 33 -26.14 -39.41 1.03
N ASP C 34 -27.34 -39.02 0.60
CA ASP C 34 -27.99 -39.43 -0.67
C ASP C 34 -27.61 -38.45 -1.79
N LEU C 35 -26.87 -37.39 -1.46
CA LEU C 35 -26.35 -36.33 -2.38
C LEU C 35 -27.50 -35.50 -3.00
N GLU C 36 -28.67 -35.46 -2.33
CA GLU C 36 -29.78 -34.50 -2.61
C GLU C 36 -29.95 -33.59 -1.39
N SER C 37 -30.15 -34.19 -0.21
CA SER C 37 -30.35 -33.49 1.09
C SER C 37 -28.99 -33.13 1.71
N GLU C 38 -29.01 -32.36 2.81
CA GLU C 38 -27.79 -31.85 3.49
C GLU C 38 -27.02 -33.03 4.09
N PRO C 39 -25.71 -33.18 3.81
CA PRO C 39 -24.91 -34.27 4.38
C PRO C 39 -24.62 -34.10 5.88
N THR C 40 -23.89 -35.07 6.45
CA THR C 40 -23.75 -35.27 7.92
C THR C 40 -22.60 -34.41 8.44
N CYS C 41 -21.43 -34.43 7.78
CA CYS C 41 -20.26 -33.55 8.04
C CYS C 41 -19.72 -33.75 9.46
N MET C 42 -18.80 -34.70 9.63
CA MET C 42 -18.07 -34.93 10.91
C MET C 42 -16.88 -33.98 10.99
N MET C 43 -16.46 -33.62 12.21
CA MET C 43 -15.17 -32.95 12.51
C MET C 43 -14.37 -33.84 13.47
N VAL C 44 -13.16 -34.25 13.08
CA VAL C 44 -12.26 -35.09 13.92
C VAL C 44 -11.07 -34.24 14.35
N TYR C 45 -11.00 -33.90 15.64
CA TYR C 45 -9.83 -33.23 16.28
C TYR C 45 -8.73 -34.27 16.51
N GLY C 46 -7.61 -33.85 17.09
CA GLY C 46 -6.50 -34.74 17.45
C GLY C 46 -5.18 -34.00 17.47
N ALA C 47 -4.33 -34.29 18.46
CA ALA C 47 -3.09 -33.55 18.78
C ALA C 47 -2.01 -33.84 17.72
N SER C 48 -0.78 -33.39 17.97
CA SER C 48 0.39 -33.59 17.09
C SER C 48 0.90 -35.03 17.23
N GLY C 49 0.55 -35.90 16.29
CA GLY C 49 1.12 -37.26 16.17
C GLY C 49 0.29 -38.33 16.87
N VAL C 50 -1.04 -38.26 16.79
CA VAL C 50 -1.98 -39.24 17.40
C VAL C 50 -2.24 -40.40 16.43
N GLY C 51 -2.14 -40.15 15.12
CA GLY C 51 -2.40 -41.12 14.04
C GLY C 51 -3.64 -40.76 13.24
N LYS C 52 -3.79 -39.48 12.88
CA LYS C 52 -4.89 -38.96 12.02
C LYS C 52 -4.62 -39.35 10.57
N THR C 53 -3.43 -39.03 10.04
CA THR C 53 -3.01 -39.32 8.64
C THR C 53 -3.02 -40.84 8.39
N THR C 54 -2.70 -41.66 9.40
CA THR C 54 -2.76 -43.14 9.33
C THR C 54 -4.22 -43.59 9.20
N VAL C 55 -5.13 -42.95 9.93
CA VAL C 55 -6.59 -43.22 9.91
C VAL C 55 -7.13 -42.92 8.50
N ILE C 56 -6.76 -41.77 7.93
CA ILE C 56 -7.22 -41.33 6.57
C ILE C 56 -6.67 -42.31 5.54
N LYS C 57 -5.40 -42.71 5.67
CA LYS C 57 -4.72 -43.63 4.72
C LYS C 57 -5.32 -45.03 4.84
N LYS C 58 -5.63 -45.48 6.05
CA LYS C 58 -6.28 -46.80 6.30
C LYS C 58 -7.68 -46.80 5.66
N TYR C 59 -8.46 -45.74 5.87
CA TYR C 59 -9.82 -45.55 5.30
C TYR C 59 -9.76 -45.48 3.77
N LEU C 60 -8.85 -44.67 3.23
CA LEU C 60 -8.61 -44.49 1.76
C LEU C 60 -8.43 -45.87 1.11
N ASN C 61 -7.50 -46.67 1.64
CA ASN C 61 -7.18 -48.03 1.13
C ASN C 61 -8.44 -48.90 1.20
N GLN C 62 -9.04 -49.02 2.39
CA GLN C 62 -10.16 -49.97 2.66
C GLN C 62 -11.43 -49.53 1.92
N ALA C 63 -11.55 -48.26 1.52
CA ALA C 63 -12.69 -47.72 0.74
C ALA C 63 -12.40 -47.82 -0.77
N ALA C 64 -11.39 -47.09 -1.26
CA ALA C 64 -11.28 -46.64 -2.67
C ALA C 64 -10.24 -47.43 -3.49
N ALA C 65 -9.66 -48.52 -2.97
CA ALA C 65 -8.58 -49.29 -3.63
C ALA C 65 -9.11 -49.95 -4.92
N ALA C 66 -10.15 -50.80 -4.80
CA ALA C 66 -10.75 -51.59 -5.90
C ALA C 66 -11.49 -50.69 -6.89
N ALA C 67 -12.13 -49.61 -6.40
CA ALA C 67 -12.89 -48.63 -7.22
C ALA C 67 -11.94 -47.77 -8.06
N ALA C 68 -10.78 -47.39 -7.52
CA ALA C 68 -9.70 -46.66 -8.25
C ALA C 68 -9.01 -47.62 -9.23
N ALA C 69 -8.92 -48.92 -8.91
CA ALA C 69 -8.39 -49.98 -9.79
C ALA C 69 -9.36 -50.27 -10.94
N GLY C 70 -10.67 -50.12 -10.71
CA GLY C 70 -11.73 -50.28 -11.73
C GLY C 70 -11.63 -49.27 -12.86
N GLY C 71 -11.50 -47.98 -12.51
CA GLY C 71 -11.35 -46.87 -13.49
C GLY C 71 -11.23 -45.51 -12.79
N ASP C 72 -11.29 -44.43 -13.58
CA ASP C 72 -11.29 -43.02 -13.07
C ASP C 72 -12.66 -42.72 -12.46
N ILE C 73 -12.82 -43.04 -11.18
CA ILE C 73 -14.08 -42.85 -10.38
C ILE C 73 -13.77 -41.95 -9.17
N ILE C 74 -12.68 -42.24 -8.42
CA ILE C 74 -12.22 -41.51 -7.20
C ILE C 74 -13.41 -41.16 -6.30
N PRO C 75 -13.94 -42.13 -5.53
CA PRO C 75 -15.14 -41.91 -4.71
C PRO C 75 -14.87 -41.00 -3.51
N VAL C 76 -13.79 -41.26 -2.76
CA VAL C 76 -13.35 -40.44 -1.59
C VAL C 76 -12.06 -39.70 -1.98
N LEU C 77 -11.86 -38.53 -1.38
CA LEU C 77 -10.68 -37.65 -1.61
C LEU C 77 -9.84 -37.55 -0.34
N HIS C 78 -8.63 -36.99 -0.49
CA HIS C 78 -7.71 -36.60 0.60
C HIS C 78 -7.08 -35.25 0.25
N ILE C 79 -7.41 -34.21 1.01
CA ILE C 79 -6.98 -32.80 0.79
C ILE C 79 -6.19 -32.35 2.02
N GLU C 80 -5.03 -31.76 1.78
CA GLU C 80 -4.17 -31.11 2.81
C GLU C 80 -4.08 -29.63 2.44
N LEU C 81 -4.81 -28.77 3.15
CA LEU C 81 -4.83 -27.30 2.89
C LEU C 81 -3.40 -26.77 2.92
N PRO C 82 -3.09 -25.71 2.15
CA PRO C 82 -1.85 -24.96 2.34
C PRO C 82 -1.97 -24.01 3.53
N ASP C 83 -0.83 -23.50 4.03
CA ASP C 83 -0.74 -22.60 5.21
C ASP C 83 -1.26 -21.21 4.81
N ASN C 84 -2.08 -20.59 5.67
CA ASN C 84 -2.73 -19.27 5.45
C ASN C 84 -3.49 -19.32 4.12
N ALA C 85 -4.32 -20.35 3.95
CA ALA C 85 -5.03 -20.67 2.68
C ALA C 85 -6.03 -19.57 2.35
N LYS C 86 -6.06 -19.15 1.07
CA LYS C 86 -7.17 -18.38 0.46
C LYS C 86 -8.17 -19.38 -0.10
N PRO C 87 -9.45 -19.00 -0.30
CA PRO C 87 -10.44 -19.91 -0.90
C PRO C 87 -10.01 -20.41 -2.29
N VAL C 88 -9.42 -19.54 -3.11
CA VAL C 88 -8.94 -19.87 -4.49
C VAL C 88 -7.81 -20.92 -4.42
N ASP C 89 -6.92 -20.82 -3.43
CA ASP C 89 -5.77 -21.74 -3.23
C ASP C 89 -6.27 -23.14 -2.88
N ALA C 90 -7.09 -23.25 -1.83
CA ALA C 90 -7.68 -24.52 -1.34
C ALA C 90 -8.68 -25.08 -2.37
N ALA C 91 -9.36 -24.21 -3.12
CA ALA C 91 -10.28 -24.58 -4.22
C ALA C 91 -9.51 -25.26 -5.37
N ARG C 92 -8.40 -24.67 -5.82
CA ARG C 92 -7.62 -25.21 -6.97
C ARG C 92 -6.81 -26.44 -6.53
N GLU C 93 -6.42 -26.53 -5.26
CA GLU C 93 -5.76 -27.73 -4.68
C GLU C 93 -6.74 -28.90 -4.65
N LEU C 94 -7.99 -28.65 -4.24
CA LEU C 94 -9.14 -29.61 -4.30
C LEU C 94 -9.39 -30.05 -5.75
N LEU C 95 -9.27 -29.11 -6.70
CA LEU C 95 -9.48 -29.35 -8.16
C LEU C 95 -8.35 -30.21 -8.73
N VAL C 96 -7.09 -29.81 -8.57
CA VAL C 96 -5.93 -30.52 -9.22
C VAL C 96 -5.71 -31.89 -8.57
N GLU C 97 -6.12 -32.07 -7.31
CA GLU C 97 -6.06 -33.40 -6.64
C GLU C 97 -7.16 -34.30 -7.22
N MET C 98 -8.38 -33.76 -7.37
CA MET C 98 -9.57 -34.51 -7.85
C MET C 98 -9.50 -34.67 -9.38
N GLY C 99 -9.31 -35.89 -9.87
CA GLY C 99 -9.24 -36.20 -11.32
C GLY C 99 -8.04 -35.51 -11.96
N ASP C 100 -8.19 -35.06 -13.22
CA ASP C 100 -7.11 -34.40 -14.00
C ASP C 100 -7.68 -33.25 -14.83
N PRO C 101 -8.03 -32.09 -14.20
CA PRO C 101 -8.12 -30.82 -14.91
C PRO C 101 -6.72 -30.16 -14.96
N LEU C 102 -6.60 -29.03 -15.68
CA LEU C 102 -5.42 -28.12 -15.56
C LEU C 102 -5.61 -27.27 -14.29
N ALA C 103 -6.62 -26.38 -14.26
CA ALA C 103 -7.29 -25.85 -13.05
C ALA C 103 -6.39 -24.93 -12.20
N LEU C 104 -5.07 -24.87 -12.41
CA LEU C 104 -4.14 -24.10 -11.55
C LEU C 104 -3.39 -23.03 -12.37
N TYR C 105 -3.86 -22.69 -13.58
CA TYR C 105 -3.38 -21.55 -14.39
C TYR C 105 -4.38 -20.40 -14.27
N GLU C 106 -5.66 -20.67 -14.55
CA GLU C 106 -6.76 -19.67 -14.53
C GLU C 106 -7.32 -19.61 -13.11
N THR C 107 -6.84 -18.64 -12.32
CA THR C 107 -7.25 -18.37 -10.91
C THR C 107 -8.21 -17.17 -10.93
N ASP C 108 -9.52 -17.43 -10.93
CA ASP C 108 -10.58 -16.39 -10.82
C ASP C 108 -11.66 -16.78 -9.80
N LEU C 109 -11.50 -17.90 -9.09
CA LEU C 109 -12.26 -18.28 -7.85
C LEU C 109 -13.73 -18.59 -8.15
N ALA C 110 -14.34 -18.01 -9.19
CA ALA C 110 -15.78 -18.14 -9.53
C ALA C 110 -15.98 -19.23 -10.59
N ARG C 111 -15.21 -19.18 -11.67
CA ARG C 111 -15.28 -20.15 -12.80
C ARG C 111 -14.67 -21.51 -12.39
N LEU C 112 -13.69 -21.52 -11.47
CA LEU C 112 -13.14 -22.79 -10.93
C LEU C 112 -14.04 -23.35 -9.82
N THR C 113 -14.83 -22.51 -9.14
CA THR C 113 -15.96 -22.98 -8.29
C THR C 113 -17.01 -23.64 -9.17
N LYS C 114 -17.33 -23.04 -10.32
CA LYS C 114 -18.28 -23.61 -11.32
C LYS C 114 -17.68 -24.92 -11.87
N ARG C 115 -16.37 -24.95 -12.14
CA ARG C 115 -15.68 -26.15 -12.69
C ARG C 115 -15.83 -27.33 -11.73
N LEU C 116 -15.55 -27.15 -10.43
CA LEU C 116 -15.50 -28.28 -9.48
C LEU C 116 -16.93 -28.69 -9.08
N THR C 117 -17.91 -27.78 -9.15
CA THR C 117 -19.36 -28.14 -9.02
C THR C 117 -19.83 -28.88 -10.27
N GLU C 118 -19.31 -28.53 -11.46
CA GLU C 118 -19.55 -29.31 -12.71
C GLU C 118 -18.94 -30.72 -12.56
N LEU C 119 -17.77 -30.84 -11.92
CA LEU C 119 -16.91 -32.05 -11.97
C LEU C 119 -17.16 -33.00 -10.78
N ILE C 120 -17.69 -32.53 -9.65
CA ILE C 120 -17.84 -33.38 -8.41
C ILE C 120 -18.89 -34.47 -8.65
N PRO C 121 -20.11 -34.20 -9.17
CA PRO C 121 -21.03 -35.27 -9.57
C PRO C 121 -20.62 -36.02 -10.85
N ALA C 122 -19.74 -35.43 -11.68
CA ALA C 122 -19.26 -36.00 -12.96
C ALA C 122 -18.45 -37.28 -12.70
N VAL C 123 -17.41 -37.18 -11.86
CA VAL C 123 -16.51 -38.32 -11.52
C VAL C 123 -17.19 -39.24 -10.48
N GLY C 124 -18.05 -38.68 -9.62
CA GLY C 124 -18.82 -39.43 -8.61
C GLY C 124 -18.13 -39.37 -7.25
N VAL C 125 -17.90 -38.15 -6.75
CA VAL C 125 -17.32 -37.89 -5.39
C VAL C 125 -18.39 -38.24 -4.35
N LYS C 126 -18.04 -39.10 -3.40
CA LYS C 126 -18.91 -39.57 -2.30
C LYS C 126 -18.54 -38.88 -0.98
N LEU C 127 -17.27 -38.51 -0.79
CA LEU C 127 -16.74 -37.93 0.47
C LEU C 127 -15.53 -37.05 0.17
N ILE C 128 -15.38 -35.95 0.91
CA ILE C 128 -14.18 -35.07 0.89
C ILE C 128 -13.56 -35.11 2.29
N ILE C 129 -12.28 -35.49 2.39
CA ILE C 129 -11.51 -35.54 3.66
C ILE C 129 -10.45 -34.44 3.59
N ILE C 130 -10.62 -33.40 4.42
CA ILE C 130 -9.65 -32.28 4.58
C ILE C 130 -8.81 -32.55 5.83
N ASP C 131 -7.48 -32.53 5.71
CA ASP C 131 -6.54 -33.03 6.76
C ASP C 131 -6.14 -31.88 7.70
N GLU C 132 -5.76 -30.73 7.13
CA GLU C 132 -5.27 -29.55 7.90
C GLU C 132 -6.38 -28.50 7.95
N PHE C 133 -6.94 -28.23 9.14
CA PHE C 133 -7.91 -27.13 9.37
C PHE C 133 -7.28 -26.03 10.23
N GLN C 134 -6.17 -26.31 10.92
CA GLN C 134 -5.51 -25.34 11.84
C GLN C 134 -4.73 -24.28 11.04
N HIS C 135 -4.60 -24.44 9.73
CA HIS C 135 -3.90 -23.48 8.81
C HIS C 135 -4.68 -22.16 8.69
N LEU C 136 -5.98 -22.17 8.98
CA LEU C 136 -6.89 -20.99 8.85
C LEU C 136 -6.75 -20.08 10.07
N VAL C 137 -5.96 -20.49 11.08
CA VAL C 137 -5.49 -19.61 12.19
C VAL C 137 -4.25 -18.87 11.68
N GLU C 138 -4.24 -17.54 11.78
CA GLU C 138 -3.05 -16.72 11.39
C GLU C 138 -1.95 -16.94 12.44
N GLU C 139 -0.69 -16.81 12.03
CA GLU C 139 0.48 -17.42 12.74
C GLU C 139 0.70 -16.69 14.07
N ARG C 140 0.90 -15.36 14.01
CA ARG C 140 1.45 -14.53 15.12
C ARG C 140 0.31 -13.78 15.84
N SER C 141 -0.64 -13.23 15.09
CA SER C 141 -1.95 -12.74 15.62
C SER C 141 -2.85 -13.95 15.85
N ASN C 142 -4.05 -13.74 16.40
CA ASN C 142 -5.01 -14.83 16.76
C ASN C 142 -6.34 -14.65 16.01
N ARG C 143 -6.40 -13.83 14.96
CA ARG C 143 -7.58 -13.78 14.06
C ARG C 143 -7.59 -15.09 13.27
N VAL C 144 -8.79 -15.62 13.02
CA VAL C 144 -9.00 -16.84 12.18
C VAL C 144 -9.75 -16.36 10.93
N LEU C 145 -9.08 -16.46 9.78
CA LEU C 145 -9.56 -15.90 8.49
C LEU C 145 -10.64 -16.83 7.91
N THR C 146 -11.86 -16.31 7.78
CA THR C 146 -13.14 -17.07 7.62
C THR C 146 -13.57 -17.12 6.13
N GLN C 147 -12.65 -16.90 5.19
CA GLN C 147 -12.96 -16.92 3.74
C GLN C 147 -13.05 -18.37 3.27
N VAL C 148 -12.16 -19.24 3.75
CA VAL C 148 -12.12 -20.68 3.36
C VAL C 148 -13.28 -21.42 4.03
N GLY C 149 -13.60 -21.05 5.28
CA GLY C 149 -14.73 -21.60 6.05
C GLY C 149 -16.08 -21.28 5.40
N ASN C 150 -16.26 -20.05 4.94
CA ASN C 150 -17.48 -19.58 4.22
C ASN C 150 -17.55 -20.21 2.83
N TRP C 151 -16.42 -20.42 2.16
CA TRP C 151 -16.34 -21.13 0.86
C TRP C 151 -16.69 -22.61 1.06
N LEU C 152 -16.22 -23.22 2.15
CA LEU C 152 -16.54 -24.65 2.49
C LEU C 152 -18.05 -24.79 2.71
N LYS C 153 -18.68 -23.82 3.38
CA LYS C 153 -20.16 -23.77 3.58
C LYS C 153 -20.85 -23.64 2.21
N MET C 154 -20.32 -22.76 1.36
CA MET C 154 -20.82 -22.51 -0.03
C MET C 154 -20.81 -23.83 -0.82
N ILE C 155 -19.64 -24.48 -0.92
CA ILE C 155 -19.46 -25.73 -1.71
C ILE C 155 -20.28 -26.87 -1.06
N LEU C 156 -20.51 -26.83 0.26
CA LEU C 156 -21.33 -27.84 0.97
C LEU C 156 -22.81 -27.72 0.58
N ASN C 157 -23.32 -26.48 0.51
CA ASN C 157 -24.75 -26.19 0.17
C ASN C 157 -24.97 -26.33 -1.34
N LYS C 158 -23.99 -25.95 -2.16
CA LYS C 158 -24.10 -25.98 -3.65
C LYS C 158 -24.19 -27.42 -4.15
N THR C 159 -23.15 -28.24 -3.90
CA THR C 159 -23.12 -29.70 -4.19
C THR C 159 -23.13 -30.44 -2.84
N LYS C 160 -24.25 -31.08 -2.51
CA LYS C 160 -24.44 -31.76 -1.20
C LYS C 160 -23.53 -33.00 -1.17
N CYS C 161 -22.33 -32.85 -0.59
CA CYS C 161 -21.32 -33.93 -0.44
C CYS C 161 -20.69 -33.84 0.95
N PRO C 162 -20.66 -34.95 1.74
CA PRO C 162 -20.18 -34.90 3.12
C PRO C 162 -18.68 -34.60 3.19
N ILE C 163 -18.29 -33.68 4.05
CA ILE C 163 -16.87 -33.24 4.26
C ILE C 163 -16.47 -33.66 5.68
N VAL C 164 -15.37 -34.41 5.82
CA VAL C 164 -14.78 -34.78 7.15
C VAL C 164 -13.49 -33.98 7.33
N ILE C 165 -13.60 -32.79 7.93
CA ILE C 165 -12.43 -31.89 8.18
C ILE C 165 -11.69 -32.39 9.42
N PHE C 166 -10.45 -32.87 9.24
CA PHE C 166 -9.48 -33.19 10.31
C PHE C 166 -8.74 -31.91 10.69
N GLY C 167 -8.10 -31.90 11.86
CA GLY C 167 -7.29 -30.76 12.31
C GLY C 167 -6.87 -30.91 13.76
N MET C 168 -5.96 -30.03 14.20
CA MET C 168 -5.48 -30.00 15.60
C MET C 168 -6.58 -29.40 16.47
N PRO C 169 -6.60 -29.66 17.80
CA PRO C 169 -7.69 -29.22 18.66
C PRO C 169 -7.96 -27.71 18.68
N TYR C 170 -6.91 -26.89 18.51
CA TYR C 170 -6.97 -25.40 18.52
C TYR C 170 -7.49 -24.85 17.18
N SER C 171 -7.89 -25.73 16.25
CA SER C 171 -8.67 -25.40 15.03
C SER C 171 -10.17 -25.33 15.34
N LYS C 172 -10.58 -25.73 16.54
CA LYS C 172 -11.99 -25.63 17.02
C LYS C 172 -12.48 -24.17 16.91
N VAL C 173 -11.63 -23.21 17.24
CA VAL C 173 -11.95 -21.75 17.25
C VAL C 173 -12.27 -21.27 15.81
N VAL C 174 -11.74 -21.95 14.80
CA VAL C 174 -12.08 -21.68 13.37
C VAL C 174 -13.53 -22.10 13.11
N LEU C 175 -13.97 -23.20 13.70
CA LEU C 175 -15.38 -23.67 13.64
C LEU C 175 -16.25 -22.77 14.53
N GLN C 176 -15.72 -22.25 15.65
CA GLN C 176 -16.41 -21.27 16.52
C GLN C 176 -16.54 -19.90 15.81
N ALA C 177 -15.62 -19.56 14.90
CA ALA C 177 -15.61 -18.29 14.15
C ALA C 177 -16.90 -18.11 13.32
N ASN C 178 -17.33 -19.15 12.61
CA ASN C 178 -18.54 -19.13 11.74
C ASN C 178 -19.64 -19.97 12.38
N SER C 179 -20.75 -19.32 12.80
CA SER C 179 -21.90 -19.93 13.51
C SER C 179 -22.68 -20.89 12.62
N GLN C 180 -22.79 -20.59 11.32
CA GLN C 180 -23.40 -21.47 10.30
C GLN C 180 -22.54 -22.72 10.09
N LEU C 181 -21.23 -22.56 9.90
CA LEU C 181 -20.27 -23.68 9.74
C LEU C 181 -20.17 -24.47 11.05
N HIS C 182 -20.38 -23.84 12.21
CA HIS C 182 -20.45 -24.54 13.52
C HIS C 182 -21.67 -25.45 13.55
N GLY C 183 -22.85 -24.91 13.19
CA GLY C 183 -24.14 -25.63 13.15
C GLY C 183 -24.10 -26.83 12.22
N ARG C 184 -23.40 -26.71 11.09
CA ARG C 184 -23.31 -27.78 10.05
C ARG C 184 -22.55 -28.98 10.58
N PHE C 185 -21.37 -28.76 11.20
CA PHE C 185 -20.48 -29.81 11.77
C PHE C 185 -20.94 -30.14 13.19
N SER C 186 -21.95 -31.01 13.28
CA SER C 186 -22.60 -31.45 14.53
C SER C 186 -21.77 -32.55 15.21
N ILE C 187 -21.39 -33.59 14.45
CA ILE C 187 -20.61 -34.75 14.98
C ILE C 187 -19.16 -34.31 15.13
N GLN C 188 -18.69 -34.22 16.38
CA GLN C 188 -17.28 -33.87 16.75
C GLN C 188 -16.73 -34.98 17.63
N VAL C 189 -15.62 -35.60 17.20
CA VAL C 189 -14.89 -36.67 17.95
C VAL C 189 -13.46 -36.18 18.21
N GLU C 190 -12.91 -36.53 19.36
CA GLU C 190 -11.55 -36.16 19.82
C GLU C 190 -10.68 -37.42 19.82
N LEU C 191 -9.80 -37.56 18.81
CA LEU C 191 -8.78 -38.64 18.73
C LEU C 191 -7.59 -38.23 19.60
N ARG C 192 -7.68 -38.47 20.92
CA ARG C 192 -6.68 -38.02 21.93
C ARG C 192 -5.75 -39.17 22.28
N PRO C 193 -4.48 -38.90 22.70
CA PRO C 193 -3.52 -39.95 23.00
C PRO C 193 -3.87 -40.92 24.14
N PHE C 194 -3.01 -41.92 24.33
CA PHE C 194 -3.14 -42.98 25.36
C PHE C 194 -3.09 -42.36 26.76
N SER C 195 -3.80 -42.97 27.71
CA SER C 195 -4.27 -42.32 28.97
C SER C 195 -3.40 -42.73 30.16
N TYR C 196 -3.36 -44.02 30.55
CA TYR C 196 -2.78 -44.45 31.84
C TYR C 196 -1.85 -45.68 31.69
N GLN C 197 -1.03 -45.91 32.71
CA GLN C 197 -0.07 -47.05 32.73
C GLN C 197 -0.56 -48.18 33.65
N GLY C 198 -1.27 -47.83 34.72
CA GLY C 198 -1.76 -48.79 35.74
C GLY C 198 -1.95 -50.22 35.26
N GLY C 199 -2.05 -50.46 33.95
CA GLY C 199 -2.04 -51.81 33.35
C GLY C 199 -3.46 -52.30 33.11
N ARG C 200 -3.60 -53.25 32.19
CA ARG C 200 -4.89 -53.85 31.74
C ARG C 200 -5.77 -52.76 31.14
N GLY C 201 -5.16 -51.71 30.58
CA GLY C 201 -5.82 -50.61 29.85
C GLY C 201 -5.69 -50.83 28.36
N VAL C 202 -6.05 -49.83 27.56
CA VAL C 202 -5.99 -49.90 26.07
C VAL C 202 -4.52 -49.89 25.62
N PHE C 203 -3.63 -49.27 26.41
CA PHE C 203 -2.17 -49.15 26.10
C PHE C 203 -1.49 -50.52 26.14
N LYS C 204 -1.85 -51.38 27.09
CA LYS C 204 -1.25 -52.73 27.27
C LYS C 204 -1.60 -53.62 26.06
N THR C 205 -2.88 -53.70 25.70
CA THR C 205 -3.39 -54.59 24.61
C THR C 205 -2.90 -54.03 23.27
N PHE C 206 -2.75 -52.70 23.17
CA PHE C 206 -2.17 -52.01 21.98
C PHE C 206 -0.73 -52.47 21.79
N LEU C 207 0.08 -52.44 22.85
CA LEU C 207 1.50 -52.90 22.81
C LEU C 207 1.55 -54.42 22.65
N GLU C 208 0.53 -55.15 23.12
CA GLU C 208 0.40 -56.62 22.95
C GLU C 208 0.26 -56.95 21.45
N TYR C 209 -0.62 -56.25 20.73
CA TYR C 209 -0.91 -56.48 19.28
C TYR C 209 0.20 -55.89 18.40
N LEU C 210 0.87 -54.84 18.85
CA LEU C 210 2.06 -54.27 18.17
C LEU C 210 3.26 -55.21 18.39
N ASP C 211 3.37 -55.83 19.56
CA ASP C 211 4.37 -56.90 19.87
C ASP C 211 4.17 -58.07 18.89
N LYS C 212 2.91 -58.45 18.63
CA LYS C 212 2.55 -59.49 17.63
C LYS C 212 2.99 -59.05 16.23
N ALA C 213 2.69 -57.81 15.84
CA ALA C 213 2.85 -57.29 14.46
C ALA C 213 4.33 -57.09 14.11
N LEU C 214 5.23 -56.94 15.08
CA LEU C 214 6.67 -56.68 14.83
C LEU C 214 7.30 -57.87 14.11
N PRO C 215 8.28 -57.65 13.21
CA PRO C 215 8.79 -58.70 12.32
C PRO C 215 9.75 -59.74 12.97
N PHE C 216 10.05 -59.60 14.26
CA PHE C 216 10.77 -60.62 15.06
C PHE C 216 9.84 -61.81 15.30
N GLU C 217 10.42 -62.98 15.54
CA GLU C 217 9.77 -64.31 15.34
C GLU C 217 9.27 -64.89 16.67
N LYS C 218 9.81 -64.46 17.81
CA LYS C 218 9.74 -65.22 19.09
C LYS C 218 9.04 -64.38 20.18
N GLN C 219 9.46 -63.13 20.38
CA GLN C 219 8.87 -62.14 21.34
C GLN C 219 9.57 -60.80 21.08
N ALA C 220 8.99 -59.68 21.50
CA ALA C 220 9.66 -58.35 21.55
C ALA C 220 9.66 -57.78 22.97
N GLY C 221 8.90 -58.39 23.90
CA GLY C 221 9.01 -58.18 25.35
C GLY C 221 8.12 -57.03 25.81
N LEU C 222 7.35 -56.43 24.91
CA LEU C 222 6.49 -55.25 25.17
C LEU C 222 5.30 -55.68 26.04
N ALA C 223 4.67 -54.70 26.70
CA ALA C 223 3.42 -54.84 27.49
C ALA C 223 3.64 -55.78 28.69
N ASN C 224 4.82 -55.72 29.31
CA ASN C 224 5.10 -56.33 30.65
C ASN C 224 5.29 -55.22 31.67
N GLU C 225 5.28 -55.59 32.96
CA GLU C 225 5.36 -54.70 34.15
C GLU C 225 6.42 -53.63 33.91
N SER C 226 7.68 -54.04 33.71
CA SER C 226 8.88 -53.16 33.65
C SER C 226 8.82 -52.29 32.39
N LEU C 227 8.77 -52.90 31.21
CA LEU C 227 9.02 -52.23 29.90
C LEU C 227 7.88 -51.28 29.53
N GLN C 228 6.63 -51.62 29.87
CA GLN C 228 5.45 -50.75 29.60
C GLN C 228 5.56 -49.45 30.40
N LYS C 229 6.07 -49.51 31.63
CA LYS C 229 6.27 -48.32 32.51
C LYS C 229 7.33 -47.41 31.89
N LYS C 230 8.44 -48.00 31.44
CA LYS C 230 9.56 -47.29 30.78
C LYS C 230 9.08 -46.71 29.44
N LEU C 231 8.21 -47.44 28.73
CA LEU C 231 7.70 -47.03 27.40
C LEU C 231 6.77 -45.82 27.52
N TYR C 232 5.86 -45.82 28.50
CA TYR C 232 4.94 -44.68 28.75
C TYR C 232 5.72 -43.50 29.31
N ALA C 233 6.75 -43.76 30.13
CA ALA C 233 7.64 -42.73 30.70
C ALA C 233 8.39 -41.99 29.59
N PHE C 234 8.81 -42.69 28.53
CA PHE C 234 9.51 -42.11 27.35
C PHE C 234 8.52 -41.28 26.54
N SER C 235 7.48 -41.93 26.01
CA SER C 235 6.41 -41.34 25.18
C SER C 235 5.11 -41.35 25.97
N GLN C 236 4.63 -40.17 26.39
CA GLN C 236 3.46 -40.02 27.29
C GLN C 236 2.27 -40.75 26.64
N GLY C 237 1.66 -40.15 25.61
CA GLY C 237 0.70 -40.83 24.71
C GLY C 237 1.13 -40.77 23.26
N ASN C 238 2.02 -39.83 22.90
CA ASN C 238 2.34 -39.44 21.50
C ASN C 238 2.67 -40.73 20.72
N MET C 239 1.76 -41.15 19.83
CA MET C 239 1.84 -42.39 19.02
C MET C 239 3.10 -42.36 18.15
N ARG C 240 3.44 -41.20 17.57
CA ARG C 240 4.59 -41.03 16.62
C ARG C 240 5.92 -41.27 17.35
N SER C 241 6.11 -40.69 18.55
CA SER C 241 7.38 -40.77 19.33
C SER C 241 7.57 -42.18 19.89
N LEU C 242 6.47 -42.83 20.29
CA LEU C 242 6.45 -44.27 20.68
C LEU C 242 6.87 -45.12 19.47
N ARG C 243 6.19 -44.95 18.33
CA ARG C 243 6.42 -45.77 17.09
C ARG C 243 7.83 -45.53 16.55
N ASN C 244 8.34 -44.29 16.63
CA ASN C 244 9.72 -43.92 16.23
C ASN C 244 10.73 -44.70 17.08
N LEU C 245 10.59 -44.65 18.42
CA LEU C 245 11.47 -45.38 19.38
C LEU C 245 11.44 -46.88 19.06
N ILE C 246 10.24 -47.46 18.89
CA ILE C 246 10.06 -48.92 18.57
C ILE C 246 10.73 -49.20 17.21
N TYR C 247 10.55 -48.32 16.23
CA TYR C 247 11.12 -48.47 14.86
C TYR C 247 12.65 -48.45 14.92
N GLN C 248 13.25 -47.47 15.61
CA GLN C 248 14.72 -47.29 15.72
C GLN C 248 15.34 -48.47 16.50
N ALA C 249 14.65 -48.95 17.54
CA ALA C 249 15.06 -50.12 18.35
C ALA C 249 14.96 -51.40 17.51
N SER C 250 13.90 -51.57 16.72
CA SER C 250 13.69 -52.76 15.85
C SER C 250 14.84 -52.88 14.84
N ILE C 251 15.05 -51.83 14.04
CA ILE C 251 16.10 -51.79 12.98
C ILE C 251 17.50 -51.81 13.61
N GLU C 252 17.65 -51.43 14.88
CA GLU C 252 18.93 -51.57 15.64
C GLU C 252 19.16 -53.05 15.97
N ALA C 253 18.12 -53.77 16.39
CA ALA C 253 18.15 -55.23 16.68
C ALA C 253 18.31 -56.03 15.38
N ILE C 254 17.84 -55.52 14.24
CA ILE C 254 17.98 -56.19 12.91
C ILE C 254 19.43 -56.03 12.42
N ASP C 255 20.06 -54.87 12.66
CA ASP C 255 21.42 -54.52 12.14
C ASP C 255 22.45 -55.51 12.69
N ASN C 256 22.64 -55.56 14.00
CA ASN C 256 23.48 -56.57 14.71
C ASN C 256 22.60 -57.78 15.00
N GLN C 257 22.82 -58.89 14.30
CA GLN C 257 21.91 -60.08 14.27
C GLN C 257 21.58 -60.49 15.71
N HIS C 258 20.32 -60.29 16.12
CA HIS C 258 19.83 -60.47 17.51
C HIS C 258 18.60 -61.39 17.54
N GLU C 259 18.26 -61.86 18.74
CA GLU C 259 17.09 -62.72 19.06
C GLU C 259 15.81 -61.90 18.85
N THR C 260 15.76 -60.75 19.51
CA THR C 260 14.55 -59.88 19.66
C THR C 260 15.01 -58.46 20.01
N ILE C 261 14.05 -57.55 20.21
CA ILE C 261 14.29 -56.21 20.84
C ILE C 261 14.56 -56.46 22.34
N THR C 262 15.75 -56.11 22.82
CA THR C 262 16.21 -56.29 24.22
C THR C 262 16.58 -54.92 24.79
N GLU C 263 17.01 -54.88 26.06
CA GLU C 263 17.43 -53.65 26.78
C GLU C 263 18.93 -53.41 26.51
N GLU C 264 19.36 -53.60 25.26
CA GLU C 264 20.73 -53.40 24.73
C GLU C 264 20.71 -52.25 23.73
N ASP C 265 19.77 -52.32 22.77
CA ASP C 265 19.60 -51.38 21.63
C ASP C 265 18.43 -50.41 21.89
N PHE C 266 17.58 -50.69 22.88
CA PHE C 266 16.42 -49.85 23.26
C PHE C 266 16.89 -48.54 23.88
N VAL C 267 17.92 -48.64 24.73
CA VAL C 267 18.64 -47.49 25.36
C VAL C 267 19.23 -46.60 24.26
N PHE C 268 19.88 -47.18 23.25
CA PHE C 268 20.47 -46.44 22.10
C PHE C 268 19.35 -45.70 21.34
N ALA C 269 18.22 -46.38 21.11
CA ALA C 269 17.03 -45.85 20.41
C ALA C 269 16.39 -44.71 21.21
N SER C 270 16.44 -44.78 22.55
CA SER C 270 15.92 -43.73 23.47
C SER C 270 16.76 -42.45 23.34
N LYS C 271 18.10 -42.58 23.39
CA LYS C 271 19.06 -41.46 23.23
C LYS C 271 18.99 -40.91 21.82
N LEU C 272 18.63 -41.74 20.83
CA LEU C 272 18.52 -41.34 19.40
C LEU C 272 17.31 -40.42 19.21
N THR C 273 16.11 -40.83 19.64
CA THR C 273 14.82 -40.13 19.38
C THR C 273 14.33 -39.39 20.63
N SER C 274 15.22 -38.62 21.29
CA SER C 274 14.90 -37.78 22.48
C SER C 274 15.26 -36.31 22.21
N GLY C 275 15.40 -35.91 20.94
CA GLY C 275 15.72 -34.53 20.54
C GLY C 275 14.53 -33.59 20.72
N ASP C 276 13.34 -34.04 20.31
CA ASP C 276 12.08 -33.25 20.27
C ASP C 276 11.45 -33.14 21.67
N LYS C 277 11.89 -33.96 22.63
CA LYS C 277 11.26 -34.08 23.98
C LYS C 277 11.60 -32.84 24.80
N PRO C 278 10.68 -32.33 25.66
CA PRO C 278 10.85 -31.04 26.32
C PRO C 278 12.02 -31.00 27.32
N ASN C 279 12.28 -29.80 27.86
CA ASN C 279 13.49 -29.45 28.66
C ASN C 279 13.51 -30.25 29.96
N SER C 280 12.41 -30.23 30.72
CA SER C 280 12.29 -30.84 32.07
C SER C 280 12.12 -32.37 31.99
N TRP C 281 11.75 -32.92 30.82
CA TRP C 281 11.51 -34.37 30.60
C TRP C 281 12.81 -35.14 30.83
N LYS C 282 12.72 -36.33 31.43
CA LYS C 282 13.87 -37.24 31.71
C LYS C 282 13.73 -38.52 30.89
N ASN C 283 14.82 -38.97 30.27
CA ASN C 283 14.93 -40.26 29.55
C ASN C 283 14.91 -41.39 30.57
N PRO C 284 13.89 -42.28 30.60
CA PRO C 284 13.79 -43.30 31.65
C PRO C 284 14.62 -44.58 31.42
N PHE C 285 15.62 -44.56 30.53
CA PHE C 285 16.35 -45.77 30.05
C PHE C 285 17.85 -45.75 30.39
N GLU C 286 18.40 -44.59 30.77
CA GLU C 286 19.86 -44.32 30.60
C GLU C 286 20.67 -45.15 31.60
N GLU C 287 20.78 -44.74 32.87
CA GLU C 287 21.59 -45.46 33.90
C GLU C 287 20.74 -45.85 35.12
N GLY C 288 20.03 -44.89 35.73
CA GLY C 288 19.37 -45.09 37.03
C GLY C 288 18.16 -44.18 37.23
N VAL C 289 17.30 -44.10 36.21
CA VAL C 289 16.05 -43.29 36.24
C VAL C 289 14.91 -44.18 36.74
N GLU C 290 14.84 -44.34 38.07
CA GLU C 290 13.67 -44.90 38.82
C GLU C 290 12.41 -44.18 38.31
N VAL C 291 11.56 -44.89 37.54
CA VAL C 291 10.33 -44.32 36.91
C VAL C 291 9.31 -44.01 38.01
N THR C 292 8.88 -42.75 38.09
CA THR C 292 8.14 -42.17 39.23
C THR C 292 6.63 -42.16 38.95
N GLU C 293 5.85 -41.82 39.98
CA GLU C 293 4.37 -41.59 39.93
C GLU C 293 4.10 -40.36 39.05
N ASP C 294 4.92 -39.32 39.20
CA ASP C 294 4.76 -37.98 38.55
C ASP C 294 4.99 -38.04 37.04
N MET C 295 5.66 -39.09 36.52
CA MET C 295 5.93 -39.28 35.07
C MET C 295 4.73 -39.89 34.35
N LEU C 296 3.87 -40.64 35.06
CA LEU C 296 2.81 -41.49 34.46
C LEU C 296 1.41 -40.88 34.63
N ARG C 297 1.31 -39.55 34.71
CA ARG C 297 -0.01 -38.86 34.81
C ARG C 297 -0.62 -38.87 33.41
N PRO C 298 -1.96 -38.91 33.27
CA PRO C 298 -2.59 -38.85 31.95
C PRO C 298 -2.29 -37.53 31.24
N PRO C 299 -2.32 -37.50 29.88
CA PRO C 299 -2.06 -36.27 29.13
C PRO C 299 -3.09 -35.20 29.47
N PRO C 300 -2.73 -33.89 29.41
CA PRO C 300 -3.66 -32.82 29.80
C PRO C 300 -4.85 -32.64 28.85
N LYS C 301 -5.77 -31.75 29.21
CA LYS C 301 -6.95 -31.39 28.36
C LYS C 301 -6.47 -30.59 27.15
N ASP C 302 -5.65 -29.56 27.39
CA ASP C 302 -5.12 -28.64 26.34
C ASP C 302 -3.78 -29.19 25.85
N ILE C 303 -3.80 -30.41 25.29
CA ILE C 303 -2.60 -31.15 24.82
C ILE C 303 -2.17 -30.59 23.45
N GLY C 304 -3.13 -30.32 22.56
CA GLY C 304 -2.89 -29.82 21.20
C GLY C 304 -3.24 -28.33 21.05
N TRP C 305 -3.28 -27.57 22.15
CA TRP C 305 -3.71 -26.14 22.18
C TRP C 305 -2.51 -25.20 22.31
N GLU C 306 -1.34 -25.73 22.68
CA GLU C 306 -0.23 -24.96 23.32
C GLU C 306 0.28 -23.85 22.37
N ASP C 307 0.35 -24.15 21.06
CA ASP C 307 0.77 -23.19 20.00
C ASP C 307 -0.18 -22.00 19.95
N TYR C 308 -1.48 -22.20 20.18
CA TYR C 308 -2.51 -21.13 20.27
C TYR C 308 -2.31 -20.34 21.56
N LEU C 309 -1.94 -21.01 22.66
CA LEU C 309 -1.74 -20.41 24.01
C LEU C 309 -0.38 -19.69 24.09
N ARG C 310 0.53 -19.94 23.13
CA ARG C 310 1.92 -19.41 23.13
C ARG C 310 1.94 -17.91 22.83
N HIS C 311 0.92 -17.37 22.15
CA HIS C 311 0.83 -15.95 21.70
C HIS C 311 -0.05 -15.14 22.65
N THR D 1 -31.50 -51.67 5.26
CA THR D 1 -31.42 -50.18 5.40
C THR D 1 -32.71 -49.53 4.83
N ARG D 2 -33.02 -49.81 3.56
CA ARG D 2 -34.11 -49.18 2.77
C ARG D 2 -33.88 -47.66 2.73
N GLU D 3 -32.94 -47.22 1.88
CA GLU D 3 -32.56 -45.80 1.66
C GLU D 3 -33.79 -44.95 1.26
N ALA D 4 -34.86 -45.57 0.74
CA ALA D 4 -36.20 -44.95 0.56
C ALA D 4 -36.75 -44.45 1.89
N ARG D 5 -36.73 -45.30 2.92
CA ARG D 5 -37.16 -45.00 4.32
C ARG D 5 -36.23 -43.95 4.93
N ILE D 6 -34.92 -44.02 4.63
CA ILE D 6 -33.88 -43.09 5.15
C ILE D 6 -34.15 -41.70 4.58
N SER D 7 -34.37 -41.61 3.25
CA SER D 7 -34.68 -40.33 2.55
C SER D 7 -36.01 -39.77 3.04
N ARG D 8 -36.97 -40.63 3.38
CA ARG D 8 -38.28 -40.24 3.95
C ARG D 8 -38.09 -39.58 5.32
N ALA D 9 -37.17 -40.12 6.15
CA ALA D 9 -36.81 -39.57 7.48
C ALA D 9 -36.06 -38.23 7.33
N LYS D 10 -35.21 -38.11 6.30
CA LYS D 10 -34.38 -36.90 6.07
C LYS D 10 -35.22 -35.76 5.47
N ARG D 11 -35.98 -36.06 4.41
CA ARG D 11 -36.93 -35.11 3.75
C ARG D 11 -38.30 -35.20 4.43
N ALA D 12 -38.45 -34.50 5.56
CA ALA D 12 -39.71 -34.38 6.33
C ALA D 12 -40.00 -32.89 6.55
N PHE D 13 -40.96 -32.33 5.80
CA PHE D 13 -41.40 -30.91 5.95
C PHE D 13 -42.70 -30.86 6.76
N VAL D 14 -42.70 -30.07 7.83
CA VAL D 14 -43.90 -29.71 8.65
C VAL D 14 -44.07 -28.19 8.63
N SER D 15 -45.19 -27.70 8.10
CA SER D 15 -45.46 -26.24 7.93
C SER D 15 -45.91 -25.65 9.27
N THR D 16 -45.10 -24.76 9.85
CA THR D 16 -45.46 -23.92 11.03
C THR D 16 -46.28 -22.72 10.56
N PRO D 17 -47.05 -22.05 11.44
CA PRO D 17 -47.73 -20.79 11.09
C PRO D 17 -46.80 -19.65 10.65
N SER D 18 -45.56 -19.61 11.15
CA SER D 18 -44.52 -18.61 10.75
C SER D 18 -44.10 -18.84 9.29
N VAL D 19 -43.93 -20.11 8.88
CA VAL D 19 -43.55 -20.52 7.49
C VAL D 19 -44.70 -20.19 6.54
N ARG D 20 -45.94 -20.51 6.93
CA ARG D 20 -47.17 -20.22 6.13
C ARG D 20 -47.37 -18.70 6.01
N LYS D 21 -46.97 -17.93 7.03
CA LYS D 21 -46.97 -16.45 7.00
C LYS D 21 -45.97 -15.95 5.95
N ILE D 22 -44.75 -16.50 5.94
CA ILE D 22 -43.66 -16.16 4.97
C ILE D 22 -44.13 -16.53 3.55
N LEU D 23 -44.67 -17.75 3.37
CA LEU D 23 -45.11 -18.24 2.03
C LEU D 23 -46.26 -17.38 1.50
N SER D 24 -47.24 -17.01 2.34
CA SER D 24 -48.39 -16.15 1.96
C SER D 24 -47.89 -14.77 1.54
N TYR D 25 -46.92 -14.19 2.27
CA TYR D 25 -46.30 -12.88 1.97
C TYR D 25 -45.44 -12.97 0.70
N MET D 26 -44.77 -14.11 0.46
CA MET D 26 -43.98 -14.34 -0.78
C MET D 26 -44.91 -14.38 -2.00
N ASP D 27 -46.02 -15.13 -1.93
CA ASP D 27 -47.06 -15.22 -2.99
C ASP D 27 -47.67 -13.83 -3.22
N ARG D 28 -47.88 -13.07 -2.15
CA ARG D 28 -48.40 -11.67 -2.19
C ARG D 28 -47.41 -10.74 -2.89
N CYS D 29 -46.13 -10.78 -2.48
CA CYS D 29 -45.02 -9.97 -3.07
C CYS D 29 -44.92 -10.20 -4.58
N ARG D 30 -45.05 -11.44 -5.04
CA ARG D 30 -44.97 -11.81 -6.48
C ARG D 30 -46.20 -11.28 -7.22
N ASP D 31 -47.40 -11.61 -6.76
CA ASP D 31 -48.68 -11.35 -7.49
C ASP D 31 -49.06 -9.86 -7.46
N LEU D 32 -48.38 -9.01 -6.66
CA LEU D 32 -48.70 -7.56 -6.57
C LEU D 32 -47.94 -6.75 -7.61
N SER D 33 -46.69 -7.11 -7.92
CA SER D 33 -45.84 -6.41 -8.92
C SER D 33 -46.41 -6.64 -10.33
N ASP D 34 -46.72 -5.55 -11.04
CA ASP D 34 -47.19 -5.53 -12.46
C ASP D 34 -45.98 -5.34 -13.38
N LEU D 35 -44.77 -5.18 -12.83
CA LEU D 35 -43.48 -5.02 -13.55
C LEU D 35 -43.47 -3.74 -14.40
N GLU D 36 -44.27 -2.73 -14.02
CA GLU D 36 -44.19 -1.33 -14.53
C GLU D 36 -43.87 -0.39 -13.36
N SER D 37 -44.69 -0.44 -12.31
CA SER D 37 -44.54 0.35 -11.06
C SER D 37 -43.55 -0.35 -10.11
N GLU D 38 -43.17 0.34 -9.03
CA GLU D 38 -42.16 -0.13 -8.04
C GLU D 38 -42.70 -1.36 -7.32
N PRO D 39 -41.94 -2.49 -7.27
CA PRO D 39 -42.39 -3.69 -6.59
C PRO D 39 -42.39 -3.55 -5.06
N THR D 40 -42.72 -4.63 -4.36
CA THR D 40 -43.09 -4.63 -2.92
C THR D 40 -41.85 -4.87 -2.05
N CYS D 41 -41.00 -5.84 -2.41
CA CYS D 41 -39.65 -6.06 -1.81
C CYS D 41 -39.78 -6.38 -0.32
N MET D 42 -39.94 -7.66 0.03
CA MET D 42 -39.91 -8.15 1.43
C MET D 42 -38.44 -8.40 1.83
N MET D 43 -38.13 -8.24 3.12
CA MET D 43 -36.87 -8.73 3.76
C MET D 43 -37.27 -9.74 4.83
N VAL D 44 -36.73 -10.96 4.77
CA VAL D 44 -36.97 -12.03 5.79
C VAL D 44 -35.66 -12.27 6.54
N TYR D 45 -35.64 -11.97 7.84
CA TYR D 45 -34.53 -12.30 8.78
C TYR D 45 -34.72 -13.74 9.27
N GLY D 46 -33.82 -14.23 10.13
CA GLY D 46 -33.88 -15.58 10.71
C GLY D 46 -32.49 -16.08 11.07
N ALA D 47 -32.35 -16.70 12.24
CA ALA D 47 -31.07 -17.08 12.88
C ALA D 47 -30.39 -18.23 12.11
N SER D 48 -29.31 -18.78 12.67
CA SER D 48 -28.53 -19.90 12.09
C SER D 48 -29.28 -21.22 12.29
N GLY D 49 -30.05 -21.64 11.27
CA GLY D 49 -30.69 -22.96 11.21
C GLY D 49 -32.14 -22.95 11.68
N VAL D 50 -32.91 -21.95 11.24
CA VAL D 50 -34.38 -21.82 11.54
C VAL D 50 -35.20 -22.55 10.48
N GLY D 51 -34.65 -22.71 9.27
CA GLY D 51 -35.34 -23.32 8.10
C GLY D 51 -35.70 -22.27 7.06
N LYS D 52 -34.77 -21.37 6.73
CA LYS D 52 -34.93 -20.35 5.65
C LYS D 52 -34.78 -21.04 4.29
N THR D 53 -33.70 -21.81 4.10
CA THR D 53 -33.37 -22.50 2.83
C THR D 53 -34.47 -23.52 2.50
N THR D 54 -35.07 -24.15 3.51
CA THR D 54 -36.21 -25.08 3.34
C THR D 54 -37.44 -24.31 2.85
N VAL D 55 -37.65 -23.09 3.36
CA VAL D 55 -38.77 -22.17 2.96
C VAL D 55 -38.60 -21.78 1.48
N ILE D 56 -37.39 -21.42 1.07
CA ILE D 56 -37.09 -21.01 -0.34
C ILE D 56 -37.28 -22.23 -1.24
N LYS D 57 -36.81 -23.40 -0.81
CA LYS D 57 -36.89 -24.67 -1.59
C LYS D 57 -38.35 -25.12 -1.71
N LYS D 58 -39.13 -24.99 -0.64
CA LYS D 58 -40.59 -25.34 -0.62
C LYS D 58 -41.33 -24.41 -1.58
N TYR D 59 -41.04 -23.10 -1.53
CA TYR D 59 -41.63 -22.07 -2.41
C TYR D 59 -41.24 -22.34 -3.88
N LEU D 60 -39.95 -22.55 -4.14
CA LEU D 60 -39.38 -22.84 -5.49
C LEU D 60 -40.16 -23.98 -6.15
N ASN D 61 -40.30 -25.11 -5.45
CA ASN D 61 -41.03 -26.32 -5.91
C ASN D 61 -42.50 -25.96 -6.19
N GLN D 62 -43.20 -25.38 -5.21
CA GLN D 62 -44.66 -25.13 -5.28
C GLN D 62 -44.99 -24.02 -6.29
N ALA D 63 -44.01 -23.17 -6.66
CA ALA D 63 -44.17 -22.07 -7.65
C ALA D 63 -43.75 -22.54 -9.05
N ALA D 64 -42.49 -22.97 -9.23
CA ALA D 64 -41.81 -22.98 -10.54
C ALA D 64 -41.58 -24.41 -11.11
N ALA D 65 -42.14 -25.46 -10.49
CA ALA D 65 -41.92 -26.87 -10.91
C ALA D 65 -42.50 -27.12 -12.31
N ALA D 66 -43.80 -26.88 -12.50
CA ALA D 66 -44.55 -27.13 -13.75
C ALA D 66 -44.13 -26.14 -14.85
N ALA D 67 -43.82 -24.89 -14.49
CA ALA D 67 -43.40 -23.82 -15.42
C ALA D 67 -41.99 -24.09 -15.97
N ALA D 68 -41.09 -24.61 -15.13
CA ALA D 68 -39.73 -25.05 -15.53
C ALA D 68 -39.81 -26.35 -16.35
N ALA D 69 -40.81 -27.20 -16.07
CA ALA D 69 -41.11 -28.45 -16.84
C ALA D 69 -41.70 -28.09 -18.21
N GLY D 70 -42.46 -27.00 -18.31
CA GLY D 70 -43.05 -26.48 -19.56
C GLY D 70 -41.98 -26.09 -20.58
N GLY D 71 -40.99 -25.29 -20.16
CA GLY D 71 -39.87 -24.83 -21.00
C GLY D 71 -38.91 -23.91 -20.24
N ASP D 72 -37.97 -23.29 -20.96
CA ASP D 72 -37.00 -22.30 -20.41
C ASP D 72 -37.75 -20.98 -20.15
N ILE D 73 -38.36 -20.87 -18.97
CA ILE D 73 -39.14 -19.68 -18.50
C ILE D 73 -38.51 -19.12 -17.22
N ILE D 74 -38.20 -19.99 -16.23
CA ILE D 74 -37.59 -19.68 -14.91
C ILE D 74 -38.24 -18.43 -14.33
N PRO D 75 -39.47 -18.53 -13.75
CA PRO D 75 -40.21 -17.37 -13.27
C PRO D 75 -39.59 -16.76 -11.99
N VAL D 76 -39.29 -17.60 -10.99
CA VAL D 76 -38.63 -17.20 -9.72
C VAL D 76 -37.20 -17.73 -9.72
N LEU D 77 -36.30 -17.03 -9.03
CA LEU D 77 -34.85 -17.37 -8.94
C LEU D 77 -34.50 -17.76 -7.50
N HIS D 78 -33.28 -18.26 -7.32
CA HIS D 78 -32.63 -18.51 -6.00
C HIS D 78 -31.15 -18.17 -6.12
N ILE D 79 -30.73 -17.12 -5.41
CA ILE D 79 -29.35 -16.55 -5.45
C ILE D 79 -28.76 -16.64 -4.06
N GLU D 80 -27.53 -17.14 -3.96
CA GLU D 80 -26.72 -17.20 -2.73
C GLU D 80 -25.46 -16.38 -2.98
N LEU D 81 -25.40 -15.15 -2.46
CA LEU D 81 -24.25 -14.23 -2.63
C LEU D 81 -22.96 -14.94 -2.21
N PRO D 82 -21.81 -14.63 -2.84
CA PRO D 82 -20.51 -15.04 -2.31
C PRO D 82 -20.09 -14.14 -1.15
N ASP D 83 -19.11 -14.58 -0.35
CA ASP D 83 -18.61 -13.85 0.85
C ASP D 83 -17.79 -12.64 0.40
N ASN D 84 -17.98 -11.48 1.05
CA ASN D 84 -17.35 -10.18 0.71
C ASN D 84 -17.61 -9.88 -0.77
N ALA D 85 -18.88 -9.92 -1.18
CA ALA D 85 -19.31 -9.81 -2.59
C ALA D 85 -19.06 -8.39 -3.11
N LYS D 86 -18.50 -8.29 -4.33
CA LYS D 86 -18.51 -7.06 -5.16
C LYS D 86 -19.78 -7.07 -6.00
N PRO D 87 -20.26 -5.91 -6.49
CA PRO D 87 -21.43 -5.87 -7.36
C PRO D 87 -21.26 -6.74 -8.61
N VAL D 88 -20.07 -6.74 -9.22
CA VAL D 88 -19.75 -7.53 -10.45
C VAL D 88 -19.85 -9.03 -10.15
N ASP D 89 -19.40 -9.48 -8.96
CA ASP D 89 -19.41 -10.90 -8.53
C ASP D 89 -20.86 -11.39 -8.38
N ALA D 90 -21.65 -10.68 -7.57
CA ALA D 90 -23.08 -11.01 -7.32
C ALA D 90 -23.91 -10.81 -8.60
N ALA D 91 -23.53 -9.85 -9.44
CA ALA D 91 -24.19 -9.57 -10.75
C ALA D 91 -24.01 -10.76 -11.69
N ARG D 92 -22.78 -11.27 -11.85
CA ARG D 92 -22.47 -12.38 -12.79
C ARG D 92 -23.01 -13.70 -12.22
N GLU D 93 -23.06 -13.85 -10.89
CA GLU D 93 -23.66 -15.04 -10.22
C GLU D 93 -25.16 -15.08 -10.51
N LEU D 94 -25.83 -13.92 -10.42
CA LEU D 94 -27.26 -13.71 -10.78
C LEU D 94 -27.47 -14.04 -12.27
N LEU D 95 -26.50 -13.69 -13.12
CA LEU D 95 -26.53 -13.91 -14.60
C LEU D 95 -26.37 -15.41 -14.92
N VAL D 96 -25.32 -16.07 -14.41
CA VAL D 96 -25.00 -17.48 -14.77
C VAL D 96 -26.01 -18.45 -14.13
N GLU D 97 -26.68 -18.05 -13.06
CA GLU D 97 -27.78 -18.84 -12.43
C GLU D 97 -29.04 -18.70 -13.29
N MET D 98 -29.36 -17.48 -13.73
CA MET D 98 -30.57 -17.15 -14.53
C MET D 98 -30.34 -17.55 -16.00
N GLY D 99 -31.02 -18.60 -16.47
CA GLY D 99 -30.91 -19.09 -17.87
C GLY D 99 -29.49 -19.58 -18.16
N ASP D 100 -29.03 -19.40 -19.40
CA ASP D 100 -27.70 -19.88 -19.87
C ASP D 100 -27.03 -18.83 -20.77
N PRO D 101 -26.49 -17.73 -20.18
CA PRO D 101 -25.43 -16.95 -20.82
C PRO D 101 -24.06 -17.55 -20.49
N LEU D 102 -22.98 -17.05 -21.11
CA LEU D 102 -21.59 -17.30 -20.66
C LEU D 102 -21.30 -16.40 -19.46
N ALA D 103 -21.27 -15.07 -19.65
CA ALA D 103 -21.49 -14.02 -18.63
C ALA D 103 -20.33 -13.89 -17.63
N LEU D 104 -19.53 -14.94 -17.41
CA LEU D 104 -18.53 -14.99 -16.30
C LEU D 104 -17.09 -14.99 -16.85
N TYR D 105 -16.90 -14.57 -18.10
CA TYR D 105 -15.57 -14.31 -18.71
C TYR D 105 -15.34 -12.81 -18.80
N GLU D 106 -16.29 -12.07 -19.39
CA GLU D 106 -16.22 -10.61 -19.63
C GLU D 106 -16.80 -9.90 -18.40
N THR D 107 -15.94 -9.55 -17.43
CA THR D 107 -16.28 -8.84 -16.17
C THR D 107 -15.96 -7.36 -16.37
N ASP D 108 -16.97 -6.55 -16.70
CA ASP D 108 -16.85 -5.07 -16.80
C ASP D 108 -18.00 -4.36 -16.07
N LEU D 109 -18.93 -5.08 -15.43
CA LEU D 109 -19.93 -4.58 -14.44
C LEU D 109 -21.04 -3.76 -15.11
N ALA D 110 -20.78 -3.09 -16.25
CA ALA D 110 -21.72 -2.17 -16.94
C ALA D 110 -22.46 -2.91 -18.07
N ARG D 111 -21.71 -3.62 -18.92
CA ARG D 111 -22.26 -4.37 -20.08
C ARG D 111 -23.00 -5.63 -19.60
N LEU D 112 -22.57 -6.22 -18.48
CA LEU D 112 -23.29 -7.38 -17.88
C LEU D 112 -24.50 -6.89 -17.07
N THR D 113 -24.49 -5.66 -16.56
CA THR D 113 -25.71 -4.98 -16.04
C THR D 113 -26.69 -4.76 -17.20
N LYS D 114 -26.20 -4.32 -18.36
CA LYS D 114 -27.03 -4.16 -19.59
C LYS D 114 -27.54 -5.54 -20.03
N ARG D 115 -26.70 -6.58 -19.94
CA ARG D 115 -27.06 -7.96 -20.36
C ARG D 115 -28.24 -8.47 -19.53
N LEU D 116 -28.18 -8.36 -18.20
CA LEU D 116 -29.21 -8.97 -17.31
C LEU D 116 -30.48 -8.11 -17.30
N THR D 117 -30.39 -6.81 -17.58
CA THR D 117 -31.60 -5.95 -17.84
C THR D 117 -32.19 -6.28 -19.21
N GLU D 118 -31.38 -6.61 -20.20
CA GLU D 118 -31.85 -7.15 -21.51
C GLU D 118 -32.57 -8.49 -21.29
N LEU D 119 -32.08 -9.34 -20.37
CA LEU D 119 -32.44 -10.77 -20.25
C LEU D 119 -33.56 -11.01 -19.22
N ILE D 120 -33.75 -10.14 -18.22
CA ILE D 120 -34.74 -10.37 -17.11
C ILE D 120 -36.17 -10.35 -17.66
N PRO D 121 -36.60 -9.35 -18.46
CA PRO D 121 -37.90 -9.44 -19.14
C PRO D 121 -37.95 -10.44 -20.30
N ALA D 122 -36.80 -10.84 -20.84
CA ALA D 122 -36.68 -11.78 -21.99
C ALA D 122 -37.20 -13.16 -21.60
N VAL D 123 -36.64 -13.74 -20.52
CA VAL D 123 -37.02 -15.10 -20.02
C VAL D 123 -38.33 -15.04 -19.23
N GLY D 124 -38.61 -13.89 -18.59
CA GLY D 124 -39.85 -13.66 -17.82
C GLY D 124 -39.64 -13.93 -16.35
N VAL D 125 -38.68 -13.22 -15.75
CA VAL D 125 -38.40 -13.26 -14.28
C VAL D 125 -39.54 -12.51 -13.57
N LYS D 126 -40.16 -13.16 -12.58
CA LYS D 126 -41.28 -12.62 -11.76
C LYS D 126 -40.80 -12.24 -10.37
N LEU D 127 -39.76 -12.90 -9.85
CA LEU D 127 -39.26 -12.72 -8.46
C LEU D 127 -37.76 -13.08 -8.42
N ILE D 128 -36.98 -12.38 -7.59
CA ILE D 128 -35.57 -12.70 -7.27
C ILE D 128 -35.47 -12.96 -5.76
N ILE D 129 -35.01 -14.16 -5.38
CA ILE D 129 -34.83 -14.55 -3.95
C ILE D 129 -33.33 -14.65 -3.67
N ILE D 130 -32.80 -13.68 -2.92
CA ILE D 130 -31.39 -13.64 -2.45
C ILE D 130 -31.36 -14.28 -1.05
N ASP D 131 -30.45 -15.23 -0.81
CA ASP D 131 -30.44 -16.07 0.42
C ASP D 131 -29.49 -15.47 1.47
N GLU D 132 -28.27 -15.09 1.08
CA GLU D 132 -27.23 -14.58 2.01
C GLU D 132 -27.11 -13.06 1.83
N PHE D 133 -27.50 -12.29 2.85
CA PHE D 133 -27.33 -10.81 2.90
C PHE D 133 -26.37 -10.39 4.02
N GLN D 134 -25.89 -11.33 4.85
CA GLN D 134 -24.92 -11.05 5.95
C GLN D 134 -23.49 -11.10 5.43
N HIS D 135 -23.28 -11.48 4.17
CA HIS D 135 -21.96 -11.50 3.48
C HIS D 135 -21.46 -10.08 3.20
N LEU D 136 -22.35 -9.09 3.20
CA LEU D 136 -22.01 -7.67 2.92
C LEU D 136 -21.44 -6.99 4.17
N VAL D 137 -21.47 -7.67 5.33
CA VAL D 137 -20.72 -7.27 6.55
C VAL D 137 -19.28 -7.79 6.40
N GLU D 138 -18.29 -6.91 6.53
CA GLU D 138 -16.85 -7.30 6.48
C GLU D 138 -16.55 -8.10 7.77
N GLU D 139 -15.55 -9.00 7.71
CA GLU D 139 -15.41 -10.14 8.67
C GLU D 139 -14.99 -9.60 10.04
N ARG D 140 -13.83 -8.93 10.09
CA ARG D 140 -13.10 -8.60 11.35
C ARG D 140 -13.41 -7.16 11.78
N SER D 141 -13.45 -6.21 10.83
CA SER D 141 -13.99 -4.85 11.03
C SER D 141 -15.52 -4.91 10.95
N ASN D 142 -16.21 -3.81 11.26
CA ASN D 142 -17.70 -3.76 11.31
C ASN D 142 -18.24 -2.79 10.25
N ARG D 143 -17.44 -2.38 9.26
CA ARG D 143 -17.96 -1.63 8.10
C ARG D 143 -18.79 -2.61 7.26
N VAL D 144 -19.90 -2.11 6.69
CA VAL D 144 -20.81 -2.88 5.79
C VAL D 144 -20.72 -2.25 4.40
N LEU D 145 -20.05 -2.94 3.48
CA LEU D 145 -19.71 -2.41 2.12
C LEU D 145 -20.99 -2.33 1.29
N THR D 146 -21.33 -1.11 0.84
CA THR D 146 -22.67 -0.70 0.34
C THR D 146 -22.70 -0.67 -1.19
N GLN D 147 -21.75 -1.33 -1.87
CA GLN D 147 -21.65 -1.35 -3.35
C GLN D 147 -22.71 -2.29 -3.93
N VAL D 148 -22.92 -3.44 -3.28
CA VAL D 148 -23.90 -4.48 -3.71
C VAL D 148 -25.31 -3.97 -3.41
N GLY D 149 -25.50 -3.32 -2.24
CA GLY D 149 -26.78 -2.71 -1.82
C GLY D 149 -27.24 -1.64 -2.78
N ASN D 150 -26.34 -0.73 -3.18
CA ASN D 150 -26.61 0.36 -4.16
C ASN D 150 -26.90 -0.25 -5.53
N TRP D 151 -26.17 -1.31 -5.91
CA TRP D 151 -26.38 -2.03 -7.20
C TRP D 151 -27.76 -2.71 -7.17
N LEU D 152 -28.17 -3.26 -6.03
CA LEU D 152 -29.51 -3.91 -5.87
C LEU D 152 -30.61 -2.85 -6.03
N LYS D 153 -30.41 -1.65 -5.48
CA LYS D 153 -31.32 -0.48 -5.67
C LYS D 153 -31.35 -0.10 -7.15
N MET D 154 -30.19 -0.09 -7.80
CA MET D 154 -30.00 0.24 -9.24
C MET D 154 -30.81 -0.75 -10.09
N ILE D 155 -30.58 -2.06 -9.92
CA ILE D 155 -31.28 -3.13 -10.69
C ILE D 155 -32.76 -3.16 -10.32
N LEU D 156 -33.15 -2.74 -9.11
CA LEU D 156 -34.58 -2.70 -8.68
C LEU D 156 -35.32 -1.58 -9.42
N ASN D 157 -34.72 -0.39 -9.54
CA ASN D 157 -35.32 0.80 -10.22
C ASN D 157 -35.25 0.63 -11.74
N LYS D 158 -34.21 0.00 -12.27
CA LYS D 158 -33.98 -0.16 -13.74
C LYS D 158 -35.03 -1.11 -14.31
N THR D 159 -35.04 -2.36 -13.87
CA THR D 159 -36.09 -3.38 -14.17
C THR D 159 -36.89 -3.61 -12.89
N LYS D 160 -38.16 -3.18 -12.89
CA LYS D 160 -39.06 -3.28 -11.70
C LYS D 160 -39.45 -4.74 -11.50
N CYS D 161 -38.69 -5.46 -10.66
CA CYS D 161 -38.91 -6.89 -10.32
C CYS D 161 -38.72 -7.08 -8.81
N PRO D 162 -39.69 -7.68 -8.10
CA PRO D 162 -39.62 -7.78 -6.64
C PRO D 162 -38.45 -8.68 -6.21
N ILE D 163 -37.70 -8.24 -5.19
CA ILE D 163 -36.54 -8.97 -4.61
C ILE D 163 -36.88 -9.31 -3.16
N VAL D 164 -36.79 -10.59 -2.79
CA VAL D 164 -36.96 -11.06 -1.37
C VAL D 164 -35.60 -11.48 -0.84
N ILE D 165 -34.87 -10.54 -0.23
CA ILE D 165 -33.51 -10.77 0.34
C ILE D 165 -33.69 -11.44 1.71
N PHE D 166 -33.22 -12.68 1.83
CA PHE D 166 -33.09 -13.44 3.10
C PHE D 166 -31.74 -13.11 3.73
N GLY D 167 -31.57 -13.45 5.00
CA GLY D 167 -30.29 -13.29 5.72
C GLY D 167 -30.44 -13.49 7.21
N MET D 168 -29.30 -13.43 7.91
CA MET D 168 -29.25 -13.53 9.39
C MET D 168 -29.63 -12.17 9.97
N PRO D 169 -30.09 -12.10 11.24
CA PRO D 169 -30.61 -10.87 11.82
C PRO D 169 -29.64 -9.68 11.82
N TYR D 170 -28.34 -9.95 11.99
CA TYR D 170 -27.27 -8.91 12.05
C TYR D 170 -26.98 -8.34 10.65
N SER D 171 -27.66 -8.81 9.61
CA SER D 171 -27.64 -8.23 8.24
C SER D 171 -28.58 -7.02 8.15
N LYS D 172 -29.40 -6.77 9.18
CA LYS D 172 -30.27 -5.58 9.31
C LYS D 172 -29.45 -4.30 9.15
N VAL D 173 -28.25 -4.26 9.73
CA VAL D 173 -27.36 -3.05 9.72
C VAL D 173 -26.93 -2.73 8.28
N VAL D 174 -26.90 -3.73 7.40
CA VAL D 174 -26.61 -3.54 5.94
C VAL D 174 -27.77 -2.78 5.31
N LEU D 175 -29.01 -3.07 5.73
CA LEU D 175 -30.23 -2.35 5.29
C LEU D 175 -30.27 -0.98 5.97
N GLN D 176 -29.76 -0.85 7.20
CA GLN D 176 -29.63 0.46 7.90
C GLN D 176 -28.56 1.34 7.23
N ALA D 177 -27.53 0.74 6.62
CA ALA D 177 -26.40 1.45 5.96
C ALA D 177 -26.94 2.37 4.84
N ASN D 178 -27.86 1.89 4.00
CA ASN D 178 -28.40 2.62 2.84
C ASN D 178 -29.86 3.01 3.15
N SER D 179 -30.12 4.32 3.32
CA SER D 179 -31.44 4.89 3.71
C SER D 179 -32.48 4.67 2.60
N GLN D 180 -32.07 4.76 1.33
CA GLN D 180 -32.93 4.50 0.15
C GLN D 180 -33.31 3.02 0.10
N LEU D 181 -32.33 2.12 0.21
CA LEU D 181 -32.56 0.66 0.25
C LEU D 181 -33.38 0.32 1.51
N HIS D 182 -33.24 1.07 2.60
CA HIS D 182 -34.04 0.86 3.84
C HIS D 182 -35.52 1.17 3.57
N GLY D 183 -35.78 2.30 2.90
CA GLY D 183 -37.13 2.77 2.53
C GLY D 183 -37.84 1.82 1.57
N ARG D 184 -37.08 1.20 0.66
CA ARG D 184 -37.63 0.28 -0.39
C ARG D 184 -38.17 -1.00 0.27
N PHE D 185 -37.37 -1.62 1.16
CA PHE D 185 -37.71 -2.89 1.87
C PHE D 185 -38.54 -2.56 3.11
N SER D 186 -39.84 -2.33 2.91
CA SER D 186 -40.82 -1.94 3.95
C SER D 186 -41.24 -3.17 4.75
N ILE D 187 -41.61 -4.25 4.08
CA ILE D 187 -42.12 -5.50 4.74
C ILE D 187 -40.90 -6.27 5.27
N GLN D 188 -40.78 -6.35 6.60
CA GLN D 188 -39.69 -7.08 7.32
C GLN D 188 -40.32 -8.08 8.29
N VAL D 189 -40.08 -9.38 8.08
CA VAL D 189 -40.59 -10.47 8.95
C VAL D 189 -39.38 -11.16 9.59
N GLU D 190 -39.54 -11.64 10.83
CA GLU D 190 -38.50 -12.33 11.63
C GLU D 190 -38.92 -13.79 11.80
N LEU D 191 -38.31 -14.70 11.04
CA LEU D 191 -38.48 -16.16 11.15
C LEU D 191 -37.61 -16.66 12.32
N ARG D 192 -38.10 -16.50 13.56
CA ARG D 192 -37.32 -16.79 14.80
C ARG D 192 -37.67 -18.19 15.30
N PRO D 193 -36.77 -18.86 16.06
CA PRO D 193 -37.01 -20.22 16.54
C PRO D 193 -38.19 -20.40 17.50
N PHE D 194 -38.46 -21.67 17.84
CA PHE D 194 -39.54 -22.11 18.77
C PHE D 194 -39.32 -21.50 20.15
N SER D 195 -40.40 -21.23 20.87
CA SER D 195 -40.46 -20.25 21.98
C SER D 195 -40.45 -20.96 23.34
N TYR D 196 -41.45 -21.79 23.66
CA TYR D 196 -41.66 -22.31 25.03
C TYR D 196 -41.91 -23.82 25.05
N GLN D 197 -41.88 -24.41 26.25
CA GLN D 197 -42.13 -25.87 26.42
C GLN D 197 -43.41 -26.13 27.24
N GLY D 198 -43.82 -25.19 28.09
CA GLY D 198 -45.06 -25.29 28.90
C GLY D 198 -46.06 -26.31 28.38
N GLY D 199 -46.22 -26.40 27.05
CA GLY D 199 -47.09 -27.38 26.38
C GLY D 199 -48.31 -26.70 25.79
N ARG D 200 -48.91 -27.34 24.79
CA ARG D 200 -50.08 -26.84 24.01
C ARG D 200 -49.68 -25.55 23.30
N GLY D 201 -48.39 -25.43 22.93
CA GLY D 201 -47.84 -24.35 22.09
C GLY D 201 -47.65 -24.84 20.67
N VAL D 202 -46.97 -24.06 19.84
CA VAL D 202 -46.68 -24.40 18.42
C VAL D 202 -45.68 -25.57 18.37
N PHE D 203 -44.79 -25.69 19.37
CA PHE D 203 -43.73 -26.74 19.45
C PHE D 203 -44.36 -28.13 19.60
N LYS D 204 -45.45 -28.26 20.38
CA LYS D 204 -46.12 -29.56 20.64
C LYS D 204 -46.75 -30.07 19.34
N THR D 205 -47.54 -29.24 18.66
CA THR D 205 -48.31 -29.62 17.43
C THR D 205 -47.33 -29.83 16.27
N PHE D 206 -46.22 -29.09 16.26
CA PHE D 206 -45.09 -29.25 15.30
C PHE D 206 -44.50 -30.66 15.45
N LEU D 207 -44.16 -31.06 16.68
CA LEU D 207 -43.61 -32.41 16.99
C LEU D 207 -44.70 -33.47 16.77
N GLU D 208 -45.97 -33.11 16.94
CA GLU D 208 -47.14 -34.01 16.70
C GLU D 208 -47.21 -34.36 15.20
N TYR D 209 -47.06 -33.38 14.31
CA TYR D 209 -47.13 -33.56 12.82
C TYR D 209 -45.81 -34.14 12.27
N LEU D 210 -44.69 -33.86 12.92
CA LEU D 210 -43.37 -34.47 12.58
C LEU D 210 -43.37 -35.95 13.04
N ASP D 211 -43.98 -36.25 14.20
CA ASP D 211 -44.22 -37.63 14.68
C ASP D 211 -45.04 -38.39 13.62
N LYS D 212 -46.07 -37.75 13.06
CA LYS D 212 -46.91 -38.33 11.96
C LYS D 212 -46.05 -38.59 10.72
N ALA D 213 -45.20 -37.64 10.34
CA ALA D 213 -44.42 -37.64 9.07
C ALA D 213 -43.27 -38.66 9.11
N LEU D 214 -42.80 -39.09 10.29
CA LEU D 214 -41.65 -40.02 10.43
C LEU D 214 -42.02 -41.38 9.84
N PRO D 215 -41.05 -42.10 9.23
CA PRO D 215 -41.35 -43.30 8.46
C PRO D 215 -41.69 -44.56 9.26
N PHE D 216 -41.63 -44.48 10.60
CA PHE D 216 -42.10 -45.56 11.52
C PHE D 216 -43.64 -45.61 11.44
N GLU D 217 -44.20 -46.78 11.77
CA GLU D 217 -45.57 -47.18 11.37
C GLU D 217 -46.57 -46.97 12.50
N LYS D 218 -46.13 -46.95 13.76
CA LYS D 218 -47.01 -47.18 14.94
C LYS D 218 -47.04 -45.94 15.85
N GLN D 219 -45.87 -45.39 16.20
CA GLN D 219 -45.70 -44.16 17.01
C GLN D 219 -44.20 -43.82 16.97
N ALA D 220 -43.80 -42.59 17.32
CA ALA D 220 -42.39 -42.23 17.59
C ALA D 220 -42.21 -41.64 19.00
N GLY D 221 -43.31 -41.33 19.70
CA GLY D 221 -43.33 -41.04 21.15
C GLY D 221 -43.10 -39.56 21.43
N LEU D 222 -42.98 -38.73 20.38
CA LEU D 222 -42.70 -37.28 20.47
C LEU D 222 -43.94 -36.55 21.01
N ALA D 223 -43.75 -35.33 21.52
CA ALA D 223 -44.80 -34.37 21.95
C ALA D 223 -45.61 -34.95 23.11
N ASN D 224 -44.97 -35.69 24.02
CA ASN D 224 -45.53 -36.06 25.36
C ASN D 224 -44.78 -35.27 26.43
N GLU D 225 -45.31 -35.29 27.66
CA GLU D 225 -44.82 -34.58 28.88
C GLU D 225 -43.29 -34.72 28.97
N SER D 226 -42.78 -35.95 29.06
CA SER D 226 -41.36 -36.28 29.34
C SER D 226 -40.48 -35.89 28.15
N LEU D 227 -40.73 -36.48 26.98
CA LEU D 227 -39.79 -36.44 25.82
C LEU D 227 -39.71 -35.02 25.24
N GLN D 228 -40.82 -34.28 25.18
CA GLN D 228 -40.85 -32.88 24.66
C GLN D 228 -39.91 -32.00 25.50
N LYS D 229 -39.93 -32.19 26.82
CA LYS D 229 -39.10 -31.41 27.78
C LYS D 229 -37.62 -31.69 27.51
N LYS D 230 -37.27 -32.97 27.33
CA LYS D 230 -35.88 -33.43 27.02
C LYS D 230 -35.47 -32.89 25.65
N LEU D 231 -36.40 -32.88 24.68
CA LEU D 231 -36.17 -32.45 23.28
C LEU D 231 -35.86 -30.95 23.23
N TYR D 232 -36.65 -30.12 23.92
CA TYR D 232 -36.44 -28.65 24.00
C TYR D 232 -35.14 -28.38 24.78
N ALA D 233 -34.88 -29.17 25.82
CA ALA D 233 -33.66 -29.04 26.66
C ALA D 233 -32.42 -29.25 25.78
N PHE D 234 -32.45 -30.23 24.88
CA PHE D 234 -31.34 -30.55 23.93
C PHE D 234 -31.19 -29.39 22.93
N SER D 235 -32.23 -29.16 22.13
CA SER D 235 -32.28 -28.13 21.06
C SER D 235 -33.26 -27.03 21.48
N GLN D 236 -32.75 -25.85 21.84
CA GLN D 236 -33.55 -24.74 22.43
C GLN D 236 -34.70 -24.40 21.46
N GLY D 237 -34.40 -23.73 20.35
CA GLY D 237 -35.33 -23.57 19.22
C GLY D 237 -34.75 -24.03 17.89
N ASN D 238 -33.42 -24.23 17.83
CA ASN D 238 -32.66 -24.45 16.57
C ASN D 238 -33.26 -25.66 15.85
N MET D 239 -33.98 -25.41 14.75
CA MET D 239 -34.70 -26.43 13.93
C MET D 239 -33.71 -27.48 13.41
N ARG D 240 -32.50 -27.06 13.00
CA ARG D 240 -31.48 -27.95 12.37
C ARG D 240 -30.96 -28.97 13.39
N SER D 241 -30.64 -28.54 14.63
CA SER D 241 -30.08 -29.42 15.69
C SER D 241 -31.15 -30.39 16.21
N LEU D 242 -32.40 -29.93 16.27
CA LEU D 242 -33.58 -30.77 16.57
C LEU D 242 -33.75 -31.84 15.48
N ARG D 243 -33.81 -31.42 14.21
CA ARG D 243 -34.02 -32.33 13.05
C ARG D 243 -32.83 -33.29 12.89
N ASN D 244 -31.60 -32.84 13.17
CA ASN D 244 -30.38 -33.68 13.15
C ASN D 244 -30.51 -34.81 14.19
N LEU D 245 -30.82 -34.45 15.45
CA LEU D 245 -31.05 -35.43 16.55
C LEU D 245 -32.11 -36.44 16.12
N ILE D 246 -33.25 -35.96 15.62
CA ILE D 246 -34.41 -36.82 15.22
C ILE D 246 -33.98 -37.72 14.06
N TYR D 247 -33.20 -37.18 13.11
CA TYR D 247 -32.70 -37.92 11.92
C TYR D 247 -31.73 -39.03 12.34
N GLN D 248 -30.76 -38.72 13.22
CA GLN D 248 -29.74 -39.69 13.71
C GLN D 248 -30.42 -40.77 14.55
N ALA D 249 -31.40 -40.40 15.38
CA ALA D 249 -32.19 -41.32 16.22
C ALA D 249 -33.03 -42.27 15.34
N SER D 250 -33.67 -41.73 14.29
CA SER D 250 -34.53 -42.50 13.35
C SER D 250 -33.69 -43.59 12.66
N ILE D 251 -32.60 -43.19 11.99
CA ILE D 251 -31.68 -44.11 11.23
C ILE D 251 -30.97 -45.07 12.19
N GLU D 252 -30.83 -44.71 13.47
CA GLU D 252 -30.31 -45.62 14.53
C GLU D 252 -31.35 -46.72 14.80
N ALA D 253 -32.62 -46.34 14.95
CA ALA D 253 -33.75 -47.26 15.19
C ALA D 253 -34.05 -48.11 13.94
N ILE D 254 -33.72 -47.62 12.74
CA ILE D 254 -33.88 -48.38 11.46
C ILE D 254 -32.76 -49.43 11.36
N ASP D 255 -31.53 -49.08 11.76
CA ASP D 255 -30.31 -49.94 11.62
C ASP D 255 -30.55 -51.27 12.37
N ASN D 256 -30.68 -51.21 13.69
CA ASN D 256 -31.07 -52.38 14.53
C ASN D 256 -32.60 -52.44 14.50
N GLN D 257 -33.16 -53.46 13.85
CA GLN D 257 -34.61 -53.59 13.55
C GLN D 257 -35.41 -53.39 14.84
N HIS D 258 -36.13 -52.27 14.95
CA HIS D 258 -36.86 -51.82 16.16
C HIS D 258 -38.34 -51.56 15.83
N GLU D 259 -39.13 -51.35 16.88
CA GLU D 259 -40.56 -50.98 16.83
C GLU D 259 -40.67 -49.53 16.32
N THR D 260 -39.99 -48.63 17.01
CA THR D 260 -40.11 -47.14 16.89
C THR D 260 -38.81 -46.49 17.40
N ILE D 261 -38.77 -45.16 17.43
CA ILE D 261 -37.72 -44.38 18.17
C ILE D 261 -38.05 -44.50 19.67
N THR D 262 -37.14 -45.08 20.45
CA THR D 262 -37.26 -45.32 21.91
C THR D 262 -36.12 -44.59 22.64
N GLU D 263 -36.07 -44.70 23.96
CA GLU D 263 -35.03 -44.09 24.84
C GLU D 263 -33.87 -45.10 24.98
N GLU D 264 -33.45 -45.68 23.85
CA GLU D 264 -32.35 -46.67 23.70
C GLU D 264 -31.29 -46.07 22.76
N ASP D 265 -31.74 -45.59 21.60
CA ASP D 265 -30.91 -45.02 20.50
C ASP D 265 -30.96 -43.49 20.48
N PHE D 266 -31.91 -42.88 21.21
CA PHE D 266 -32.08 -41.42 21.33
C PHE D 266 -30.89 -40.82 22.11
N VAL D 267 -30.51 -41.50 23.19
CA VAL D 267 -29.32 -41.17 24.04
C VAL D 267 -28.06 -41.21 23.17
N PHE D 268 -27.89 -42.24 22.33
CA PHE D 268 -26.74 -42.38 21.40
C PHE D 268 -26.72 -41.19 20.43
N ALA D 269 -27.88 -40.84 19.86
CA ALA D 269 -28.07 -39.71 18.92
C ALA D 269 -27.74 -38.38 19.62
N SER D 270 -28.07 -38.24 20.91
CA SER D 270 -27.78 -37.02 21.71
C SER D 270 -26.27 -36.84 21.85
N LYS D 271 -25.54 -37.91 22.22
CA LYS D 271 -24.06 -37.90 22.37
C LYS D 271 -23.38 -37.76 21.01
N LEU D 272 -24.05 -38.16 19.92
CA LEU D 272 -23.53 -38.03 18.53
C LEU D 272 -23.53 -36.55 18.10
N THR D 273 -24.67 -35.87 18.19
CA THR D 273 -24.91 -34.51 17.62
C THR D 273 -24.88 -33.43 18.70
N SER D 274 -23.93 -33.51 19.66
CA SER D 274 -23.74 -32.52 20.75
C SER D 274 -22.37 -31.86 20.65
N GLY D 275 -21.71 -31.91 19.49
CA GLY D 275 -20.38 -31.31 19.27
C GLY D 275 -20.46 -29.80 19.16
N ASP D 276 -21.45 -29.29 18.43
CA ASP D 276 -21.65 -27.84 18.13
C ASP D 276 -22.21 -27.09 19.35
N LYS D 277 -22.78 -27.79 20.33
CA LYS D 277 -23.53 -27.18 21.47
C LYS D 277 -22.55 -26.48 22.41
N PRO D 278 -22.92 -25.33 23.04
CA PRO D 278 -21.97 -24.51 23.78
C PRO D 278 -21.40 -25.17 25.04
N ASN D 279 -20.43 -24.49 25.67
CA ASN D 279 -19.58 -25.02 26.77
C ASN D 279 -20.45 -25.35 27.99
N SER D 280 -21.29 -24.41 28.43
CA SER D 280 -22.09 -24.48 29.69
C SER D 280 -23.34 -25.34 29.52
N TRP D 281 -23.76 -25.62 28.28
CA TRP D 281 -24.94 -26.46 27.94
C TRP D 281 -24.75 -27.88 28.48
N LYS D 282 -25.83 -28.50 28.98
CA LYS D 282 -25.83 -29.91 29.47
C LYS D 282 -26.72 -30.77 28.56
N ASN D 283 -26.25 -31.98 28.24
CA ASN D 283 -27.01 -32.99 27.48
C ASN D 283 -28.07 -33.61 28.39
N PRO D 284 -29.38 -33.42 28.15
CA PRO D 284 -30.42 -33.84 29.10
C PRO D 284 -30.85 -35.32 29.04
N PHE D 285 -30.05 -36.21 28.44
CA PHE D 285 -30.43 -37.61 28.11
C PHE D 285 -29.55 -38.65 28.83
N GLU D 286 -28.39 -38.26 29.38
CA GLU D 286 -27.23 -39.17 29.57
C GLU D 286 -27.54 -40.17 30.71
N GLU D 287 -27.41 -39.77 31.99
CA GLU D 287 -27.63 -40.68 33.15
C GLU D 287 -28.67 -40.09 34.12
N GLY D 288 -28.51 -38.83 34.56
CA GLY D 288 -29.33 -38.25 35.64
C GLY D 288 -29.38 -36.74 35.54
N VAL D 289 -29.74 -36.21 34.36
CA VAL D 289 -29.92 -34.75 34.12
C VAL D 289 -31.42 -34.43 34.26
N GLU D 290 -31.84 -34.24 35.52
CA GLU D 290 -33.16 -33.65 35.92
C GLU D 290 -33.32 -32.33 35.16
N VAL D 291 -34.21 -32.28 34.17
CA VAL D 291 -34.42 -31.11 33.28
C VAL D 291 -35.04 -29.97 34.10
N THR D 292 -34.38 -28.82 34.13
CA THR D 292 -34.61 -27.70 35.08
C THR D 292 -35.51 -26.64 34.43
N GLU D 293 -35.91 -25.65 35.23
CA GLU D 293 -36.67 -24.43 34.82
C GLU D 293 -35.75 -23.55 33.97
N ASP D 294 -34.47 -23.43 34.36
CA ASP D 294 -33.44 -22.54 33.75
C ASP D 294 -33.06 -23.00 32.34
N MET D 295 -33.29 -24.26 31.98
CA MET D 295 -32.98 -24.83 30.64
C MET D 295 -34.03 -24.42 29.60
N LEU D 296 -35.29 -24.21 30.01
CA LEU D 296 -36.47 -24.09 29.11
C LEU D 296 -36.90 -22.63 28.93
N ARG D 297 -35.99 -21.67 29.09
CA ARG D 297 -36.31 -20.23 28.89
C ARG D 297 -36.41 -19.99 27.39
N PRO D 298 -37.25 -19.04 26.92
CA PRO D 298 -37.34 -18.73 25.49
C PRO D 298 -36.02 -18.21 24.93
N PRO D 299 -35.76 -18.40 23.62
CA PRO D 299 -34.52 -17.92 23.01
C PRO D 299 -34.43 -16.40 23.10
N PRO D 300 -33.20 -15.82 23.20
CA PRO D 300 -33.07 -14.37 23.42
C PRO D 300 -33.50 -13.54 22.21
N LYS D 301 -33.46 -12.22 22.35
CA LYS D 301 -33.74 -11.24 21.26
C LYS D 301 -32.59 -11.26 20.24
N ASP D 302 -31.35 -11.15 20.73
CA ASP D 302 -30.10 -11.11 19.90
C ASP D 302 -29.60 -12.55 19.74
N ILE D 303 -30.41 -13.41 19.13
CA ILE D 303 -30.12 -14.87 18.95
C ILE D 303 -29.16 -15.06 17.78
N GLY D 304 -29.36 -14.31 16.68
CA GLY D 304 -28.55 -14.41 15.46
C GLY D 304 -27.54 -13.28 15.33
N TRP D 305 -27.33 -12.47 16.38
CA TRP D 305 -26.52 -11.22 16.35
C TRP D 305 -25.08 -11.49 16.80
N GLU D 306 -24.81 -12.63 17.43
CA GLU D 306 -23.66 -12.84 18.37
C GLU D 306 -22.33 -12.66 17.63
N ASP D 307 -22.25 -13.11 16.37
CA ASP D 307 -21.06 -12.95 15.50
C ASP D 307 -20.75 -11.47 15.26
N TYR D 308 -21.77 -10.62 15.14
CA TYR D 308 -21.63 -9.14 15.04
C TYR D 308 -21.19 -8.55 16.39
N LEU D 309 -21.67 -9.13 17.51
CA LEU D 309 -21.34 -8.68 18.89
C LEU D 309 -19.99 -9.23 19.36
N ARG D 310 -19.38 -10.16 18.61
CA ARG D 310 -18.11 -10.84 18.99
C ARG D 310 -16.90 -9.91 18.78
N HIS D 311 -16.99 -8.93 17.88
CA HIS D 311 -15.90 -7.99 17.50
C HIS D 311 -16.05 -6.67 18.26
N THR E 1 -60.15 -9.81 -8.24
CA THR E 1 -59.00 -8.88 -8.00
C THR E 1 -59.17 -7.60 -8.83
N ARG E 2 -59.32 -7.74 -10.15
CA ARG E 2 -59.35 -6.64 -11.17
C ARG E 2 -58.05 -5.84 -11.06
N GLU E 3 -56.96 -6.41 -11.60
CA GLU E 3 -55.61 -5.79 -11.66
C GLU E 3 -55.64 -4.39 -12.32
N ALA E 4 -56.66 -4.07 -13.13
CA ALA E 4 -56.96 -2.71 -13.62
C ALA E 4 -57.19 -1.75 -12.45
N ARG E 5 -58.05 -2.14 -11.51
CA ARG E 5 -58.35 -1.40 -10.25
C ARG E 5 -57.09 -1.32 -9.37
N ILE E 6 -56.29 -2.40 -9.33
CA ILE E 6 -55.04 -2.50 -8.51
C ILE E 6 -54.03 -1.51 -9.08
N SER E 7 -53.84 -1.49 -10.40
CA SER E 7 -52.93 -0.56 -11.11
C SER E 7 -53.42 0.88 -10.94
N ARG E 8 -54.74 1.10 -10.87
CA ARG E 8 -55.37 2.43 -10.63
C ARG E 8 -55.04 2.91 -9.21
N ALA E 9 -55.04 2.02 -8.22
CA ALA E 9 -54.66 2.31 -6.82
C ALA E 9 -53.15 2.59 -6.72
N LYS E 10 -52.33 1.89 -7.50
CA LYS E 10 -50.85 2.00 -7.47
C LYS E 10 -50.38 3.26 -8.21
N ARG E 11 -50.96 3.54 -9.38
CA ARG E 11 -50.61 4.72 -10.24
C ARG E 11 -51.60 5.86 -9.95
N ALA E 12 -51.45 6.51 -8.79
CA ALA E 12 -52.24 7.67 -8.34
C ALA E 12 -51.30 8.86 -8.13
N PHE E 13 -51.31 9.83 -9.05
CA PHE E 13 -50.53 11.08 -8.95
C PHE E 13 -51.45 12.21 -8.50
N VAL E 14 -51.09 12.89 -7.42
CA VAL E 14 -51.73 14.15 -6.91
C VAL E 14 -50.67 15.26 -6.90
N SER E 15 -50.90 16.35 -7.64
CA SER E 15 -49.93 17.47 -7.79
C SER E 15 -50.03 18.40 -6.56
N THR E 16 -48.98 18.46 -5.75
CA THR E 16 -48.79 19.46 -4.66
C THR E 16 -48.25 20.76 -5.26
N PRO E 17 -48.39 21.92 -4.58
CA PRO E 17 -47.76 23.17 -5.03
C PRO E 17 -46.23 23.14 -5.16
N SER E 18 -45.54 22.33 -4.35
CA SER E 18 -44.06 22.12 -4.43
C SER E 18 -43.70 21.40 -5.73
N VAL E 19 -44.50 20.41 -6.15
CA VAL E 19 -44.31 19.64 -7.42
C VAL E 19 -44.57 20.57 -8.62
N ARG E 20 -45.65 21.35 -8.57
CA ARG E 20 -46.01 22.34 -9.64
C ARG E 20 -44.94 23.43 -9.73
N LYS E 21 -44.34 23.83 -8.60
CA LYS E 21 -43.19 24.76 -8.56
C LYS E 21 -42.01 24.14 -9.32
N ILE E 22 -41.67 22.88 -9.02
CA ILE E 22 -40.55 22.14 -9.67
C ILE E 22 -40.83 22.03 -11.17
N LEU E 23 -42.06 21.66 -11.56
CA LEU E 23 -42.43 21.44 -12.99
C LEU E 23 -42.38 22.76 -13.77
N SER E 24 -42.87 23.86 -13.19
CA SER E 24 -42.85 25.21 -13.82
C SER E 24 -41.40 25.68 -14.01
N TYR E 25 -40.52 25.46 -13.01
CA TYR E 25 -39.07 25.77 -13.07
C TYR E 25 -38.37 24.87 -14.09
N MET E 26 -38.75 23.59 -14.19
CA MET E 26 -38.19 22.64 -15.20
C MET E 26 -38.52 23.14 -16.62
N ASP E 27 -39.79 23.49 -16.86
CA ASP E 27 -40.28 24.02 -18.17
C ASP E 27 -39.53 25.33 -18.48
N ARG E 28 -39.30 26.17 -17.47
CA ARG E 28 -38.56 27.45 -17.57
C ARG E 28 -37.10 27.16 -17.97
N CYS E 29 -36.42 26.30 -17.21
CA CYS E 29 -35.00 25.87 -17.44
C CYS E 29 -34.82 25.43 -18.90
N ARG E 30 -35.75 24.64 -19.45
CA ARG E 30 -35.69 24.12 -20.84
C ARG E 30 -35.89 25.27 -21.84
N ASP E 31 -36.96 26.04 -21.69
CA ASP E 31 -37.41 27.04 -22.71
C ASP E 31 -36.54 28.31 -22.70
N LEU E 32 -35.60 28.45 -21.75
CA LEU E 32 -34.70 29.64 -21.66
C LEU E 32 -33.42 29.40 -22.47
N SER E 33 -32.87 28.19 -22.44
CA SER E 33 -31.61 27.84 -23.15
C SER E 33 -31.84 27.86 -24.67
N ASP E 34 -31.09 28.72 -25.37
CA ASP E 34 -31.08 28.85 -26.86
C ASP E 34 -30.01 27.91 -27.44
N LEU E 35 -29.24 27.23 -26.59
CA LEU E 35 -28.17 26.24 -26.94
C LEU E 35 -27.01 26.92 -27.67
N GLU E 36 -26.83 28.23 -27.50
CA GLU E 36 -25.61 29.00 -27.87
C GLU E 36 -24.96 29.51 -26.59
N SER E 37 -25.72 30.25 -25.77
CA SER E 37 -25.29 30.87 -24.48
C SER E 37 -25.35 29.83 -23.35
N GLU E 38 -24.81 30.19 -22.18
CA GLU E 38 -24.71 29.29 -21.00
C GLU E 38 -26.12 29.00 -20.48
N PRO E 39 -26.52 27.72 -20.32
CA PRO E 39 -27.85 27.38 -19.83
C PRO E 39 -28.06 27.65 -18.33
N THR E 40 -29.26 27.39 -17.84
CA THR E 40 -29.78 27.89 -16.53
C THR E 40 -29.35 26.94 -15.40
N CYS E 41 -29.51 25.63 -15.59
CA CYS E 41 -28.98 24.56 -14.69
C CYS E 41 -29.59 24.69 -13.30
N MET E 42 -30.73 24.03 -13.06
CA MET E 42 -31.36 23.94 -11.72
C MET E 42 -30.80 22.73 -10.97
N MET E 43 -30.72 22.81 -9.64
CA MET E 43 -30.45 21.66 -8.74
C MET E 43 -31.70 21.45 -7.88
N VAL E 44 -32.22 20.23 -7.83
CA VAL E 44 -33.41 19.89 -6.99
C VAL E 44 -32.97 18.86 -5.94
N TYR E 45 -32.92 19.27 -4.67
CA TYR E 45 -32.68 18.38 -3.51
C TYR E 45 -33.98 17.64 -3.20
N GLY E 46 -33.97 16.78 -2.17
CA GLY E 46 -35.17 16.05 -1.72
C GLY E 46 -34.80 14.74 -1.05
N ALA E 47 -35.45 14.44 0.08
CA ALA E 47 -35.08 13.36 1.02
C ALA E 47 -35.41 12.00 0.42
N SER E 48 -35.25 10.94 1.21
CA SER E 48 -35.51 9.53 0.80
C SER E 48 -37.02 9.27 0.74
N GLY E 49 -37.62 9.45 -0.45
CA GLY E 49 -39.01 9.07 -0.75
C GLY E 49 -39.99 10.23 -0.68
N VAL E 50 -39.61 11.39 -1.23
CA VAL E 50 -40.47 12.62 -1.30
C VAL E 50 -41.29 12.63 -2.59
N GLY E 51 -40.82 11.93 -3.64
CA GLY E 51 -41.49 11.83 -4.96
C GLY E 51 -40.71 12.53 -6.06
N LYS E 52 -39.37 12.43 -6.05
CA LYS E 52 -38.46 13.03 -7.06
C LYS E 52 -38.60 12.26 -8.39
N THR E 53 -38.48 10.93 -8.36
CA THR E 53 -38.57 10.04 -9.55
C THR E 53 -39.96 10.16 -10.19
N THR E 54 -41.01 10.35 -9.40
CA THR E 54 -42.40 10.57 -9.89
C THR E 54 -42.51 11.92 -10.61
N VAL E 55 -41.79 12.94 -10.12
CA VAL E 55 -41.69 14.30 -10.73
C VAL E 55 -40.99 14.19 -12.10
N ILE E 56 -39.87 13.46 -12.17
CA ILE E 56 -39.09 13.29 -13.43
C ILE E 56 -39.96 12.48 -14.41
N LYS E 57 -40.65 11.44 -13.94
CA LYS E 57 -41.51 10.56 -14.79
C LYS E 57 -42.73 11.34 -15.30
N LYS E 58 -43.33 12.17 -14.44
CA LYS E 58 -44.48 13.04 -14.82
C LYS E 58 -44.01 14.06 -15.87
N TYR E 59 -42.83 14.65 -15.69
CA TYR E 59 -42.23 15.65 -16.61
C TYR E 59 -41.87 14.98 -17.94
N LEU E 60 -41.23 13.81 -17.90
CA LEU E 60 -40.84 12.99 -19.09
C LEU E 60 -42.06 12.74 -19.98
N ASN E 61 -43.14 12.20 -19.40
CA ASN E 61 -44.41 11.91 -20.10
C ASN E 61 -44.96 13.20 -20.72
N GLN E 62 -45.18 14.23 -19.90
CA GLN E 62 -45.88 15.48 -20.33
C GLN E 62 -45.03 16.24 -21.36
N ALA E 63 -43.70 16.05 -21.38
CA ALA E 63 -42.77 16.73 -22.32
C ALA E 63 -42.58 15.90 -23.59
N ALA E 64 -42.09 14.66 -23.48
CA ALA E 64 -41.42 13.92 -24.58
C ALA E 64 -42.25 12.76 -25.16
N ALA E 65 -43.52 12.58 -24.75
CA ALA E 65 -44.37 11.43 -25.16
C ALA E 65 -44.63 11.49 -26.68
N ALA E 66 -45.23 12.58 -27.17
CA ALA E 66 -45.63 12.77 -28.58
C ALA E 66 -44.40 12.93 -29.49
N ALA E 67 -43.32 13.56 -29.00
CA ALA E 67 -42.06 13.78 -29.74
C ALA E 67 -41.29 12.47 -29.93
N ALA E 68 -41.29 11.58 -28.92
CA ALA E 68 -40.71 10.22 -29.00
C ALA E 68 -41.59 9.32 -29.89
N ALA E 69 -42.91 9.55 -29.90
CA ALA E 69 -43.88 8.85 -30.78
C ALA E 69 -43.70 9.30 -32.23
N GLY E 70 -43.30 10.56 -32.46
CA GLY E 70 -43.03 11.13 -33.80
C GLY E 70 -41.86 10.45 -34.49
N GLY E 71 -40.73 10.30 -33.80
CA GLY E 71 -39.51 9.62 -34.30
C GLY E 71 -38.39 9.62 -33.28
N ASP E 72 -37.20 9.16 -33.69
CA ASP E 72 -35.96 9.17 -32.87
C ASP E 72 -35.49 10.62 -32.73
N ILE E 73 -36.02 11.33 -31.73
CA ILE E 73 -35.69 12.76 -31.42
C ILE E 73 -35.14 12.85 -29.98
N ILE E 74 -35.81 12.23 -29.00
CA ILE E 74 -35.45 12.20 -27.55
C ILE E 74 -34.99 13.59 -27.11
N PRO E 75 -35.94 14.54 -26.87
CA PRO E 75 -35.60 15.92 -26.51
C PRO E 75 -35.03 16.04 -25.09
N VAL E 76 -35.69 15.43 -24.10
CA VAL E 76 -35.24 15.39 -22.68
C VAL E 76 -34.77 13.97 -22.35
N LEU E 77 -33.82 13.86 -21.41
CA LEU E 77 -33.20 12.59 -20.98
C LEU E 77 -33.58 12.29 -19.52
N HIS E 78 -33.25 11.07 -19.07
CA HIS E 78 -33.32 10.64 -17.65
C HIS E 78 -32.12 9.74 -17.36
N ILE E 79 -31.19 10.23 -16.53
CA ILE E 79 -29.91 9.55 -16.19
C ILE E 79 -29.90 9.27 -14.69
N GLU E 80 -29.55 8.03 -14.33
CA GLU E 80 -29.34 7.58 -12.93
C GLU E 80 -27.87 7.14 -12.84
N LEU E 81 -27.01 7.95 -12.22
CA LEU E 81 -25.55 7.66 -12.06
C LEU E 81 -25.39 6.31 -11.36
N PRO E 82 -24.33 5.54 -11.67
CA PRO E 82 -23.94 4.39 -10.85
C PRO E 82 -23.19 4.83 -9.58
N ASP E 83 -23.10 3.95 -8.59
CA ASP E 83 -22.47 4.24 -7.27
C ASP E 83 -20.95 4.34 -7.45
N ASN E 84 -20.32 5.31 -6.78
CA ASN E 84 -18.88 5.63 -6.88
C ASN E 84 -18.53 5.77 -8.37
N ALA E 85 -19.24 6.64 -9.07
CA ALA E 85 -19.15 6.83 -10.54
C ALA E 85 -17.79 7.44 -10.90
N LYS E 86 -17.14 6.90 -11.92
CA LYS E 86 -16.03 7.58 -12.66
C LYS E 86 -16.66 8.39 -13.79
N PRO E 87 -15.98 9.42 -14.32
CA PRO E 87 -16.51 10.19 -15.45
C PRO E 87 -16.84 9.29 -16.64
N VAL E 88 -15.95 8.34 -16.98
CA VAL E 88 -16.12 7.40 -18.13
C VAL E 88 -17.40 6.57 -17.93
N ASP E 89 -17.70 6.14 -16.70
CA ASP E 89 -18.87 5.28 -16.36
C ASP E 89 -20.18 6.05 -16.58
N ALA E 90 -20.30 7.22 -15.97
CA ALA E 90 -21.48 8.12 -16.10
C ALA E 90 -21.59 8.66 -17.54
N ALA E 91 -20.45 8.87 -18.21
CA ALA E 91 -20.36 9.34 -19.62
C ALA E 91 -20.93 8.29 -20.56
N ARG E 92 -20.54 7.01 -20.41
CA ARG E 92 -21.00 5.92 -21.30
C ARG E 92 -22.45 5.55 -20.96
N GLU E 93 -22.88 5.74 -19.70
CA GLU E 93 -24.29 5.50 -19.28
C GLU E 93 -25.20 6.55 -19.92
N LEU E 94 -24.78 7.81 -19.91
CA LEU E 94 -25.40 8.95 -20.64
C LEU E 94 -25.48 8.62 -22.14
N LEU E 95 -24.40 8.03 -22.69
CA LEU E 95 -24.28 7.67 -24.13
C LEU E 95 -25.26 6.53 -24.48
N VAL E 96 -25.22 5.40 -23.77
CA VAL E 96 -26.02 4.19 -24.13
C VAL E 96 -27.51 4.42 -23.83
N GLU E 97 -27.84 5.36 -22.94
CA GLU E 97 -29.25 5.76 -22.66
C GLU E 97 -29.74 6.65 -23.81
N MET E 98 -28.92 7.61 -24.25
CA MET E 98 -29.26 8.60 -25.31
C MET E 98 -29.11 7.93 -26.68
N GLY E 99 -30.23 7.75 -27.40
CA GLY E 99 -30.25 7.13 -28.74
C GLY E 99 -29.73 5.70 -28.70
N ASP E 100 -29.05 5.26 -29.77
CA ASP E 100 -28.51 3.88 -29.90
C ASP E 100 -27.12 3.92 -30.54
N PRO E 101 -26.05 4.30 -29.80
CA PRO E 101 -24.69 3.90 -30.14
C PRO E 101 -24.40 2.48 -29.62
N LEU E 102 -23.16 2.00 -29.77
CA LEU E 102 -22.62 0.86 -28.99
C LEU E 102 -22.02 1.41 -27.70
N ALA E 103 -20.92 2.19 -27.79
CA ALA E 103 -20.47 3.22 -26.81
C ALA E 103 -19.93 2.62 -25.50
N LEU E 104 -20.19 1.35 -25.17
CA LEU E 104 -19.85 0.76 -23.84
C LEU E 104 -18.84 -0.39 -23.98
N TYR E 105 -18.19 -0.52 -25.15
CA TYR E 105 -17.05 -1.44 -25.38
C TYR E 105 -15.76 -0.64 -25.32
N GLU E 106 -15.65 0.41 -26.15
CA GLU E 106 -14.46 1.29 -26.25
C GLU E 106 -14.59 2.35 -25.15
N THR E 107 -13.89 2.13 -24.03
CA THR E 107 -13.82 3.05 -22.85
C THR E 107 -12.45 3.72 -22.88
N ASP E 108 -12.37 4.95 -23.40
CA ASP E 108 -11.14 5.79 -23.39
C ASP E 108 -11.46 7.22 -22.92
N LEU E 109 -12.72 7.54 -22.59
CA LEU E 109 -13.17 8.77 -21.87
C LEU E 109 -13.09 10.02 -22.78
N ALA E 110 -12.15 10.09 -23.72
CA ALA E 110 -11.89 11.27 -24.59
C ALA E 110 -12.67 11.16 -25.89
N ARG E 111 -12.60 10.01 -26.57
CA ARG E 111 -13.28 9.77 -27.87
C ARG E 111 -14.79 9.58 -27.67
N LEU E 112 -15.22 9.07 -26.51
CA LEU E 112 -16.67 8.95 -26.17
C LEU E 112 -17.22 10.29 -25.67
N THR E 113 -16.37 11.17 -25.09
CA THR E 113 -16.71 12.60 -24.86
C THR E 113 -16.91 13.28 -26.22
N LYS E 114 -16.02 13.02 -27.18
CA LYS E 114 -16.15 13.54 -28.57
C LYS E 114 -17.42 12.97 -29.21
N ARG E 115 -17.71 11.69 -28.99
CA ARG E 115 -18.90 11.00 -29.55
C ARG E 115 -20.19 11.70 -29.09
N LEU E 116 -20.35 11.93 -27.78
CA LEU E 116 -21.64 12.45 -27.22
C LEU E 116 -21.76 13.96 -27.49
N THR E 117 -20.65 14.69 -27.65
CA THR E 117 -20.65 16.10 -28.15
C THR E 117 -20.93 16.15 -29.65
N GLU E 118 -20.54 15.12 -30.41
CA GLU E 118 -21.00 14.93 -31.82
C GLU E 118 -22.51 14.66 -31.83
N LEU E 119 -23.02 13.85 -30.89
CA LEU E 119 -24.38 13.23 -30.95
C LEU E 119 -25.44 14.08 -30.26
N ILE E 120 -25.10 14.95 -29.29
CA ILE E 120 -26.12 15.70 -28.48
C ILE E 120 -26.89 16.68 -29.36
N PRO E 121 -26.23 17.55 -30.18
CA PRO E 121 -26.97 18.37 -31.16
C PRO E 121 -27.50 17.59 -32.37
N ALA E 122 -27.00 16.37 -32.63
CA ALA E 122 -27.41 15.50 -33.75
C ALA E 122 -28.86 15.04 -33.58
N VAL E 123 -29.18 14.44 -32.43
CA VAL E 123 -30.54 13.91 -32.11
C VAL E 123 -31.47 15.06 -31.69
N GLY E 124 -30.91 16.11 -31.06
CA GLY E 124 -31.65 17.31 -30.63
C GLY E 124 -32.01 17.24 -29.16
N VAL E 125 -31.00 17.07 -28.29
CA VAL E 125 -31.15 17.07 -26.81
C VAL E 125 -31.43 18.51 -26.36
N LYS E 126 -32.52 18.69 -25.60
CA LYS E 126 -32.99 20.00 -25.06
C LYS E 126 -32.70 20.12 -23.57
N LEU E 127 -32.66 18.99 -22.84
CA LEU E 127 -32.46 18.94 -21.37
C LEU E 127 -31.82 17.61 -20.98
N ILE E 128 -30.96 17.61 -19.96
CA ILE E 128 -30.40 16.40 -19.30
C ILE E 128 -30.85 16.40 -17.84
N ILE E 129 -31.55 15.34 -17.41
CA ILE E 129 -32.02 15.19 -16.01
C ILE E 129 -31.20 14.05 -15.38
N ILE E 130 -30.35 14.38 -14.42
CA ILE E 130 -29.53 13.40 -13.64
C ILE E 130 -30.25 13.19 -12.30
N ASP E 131 -30.46 11.92 -11.89
CA ASP E 131 -31.34 11.57 -10.75
C ASP E 131 -30.53 11.42 -9.46
N GLU E 132 -29.38 10.72 -9.52
CA GLU E 132 -28.55 10.39 -8.34
C GLU E 132 -27.27 11.23 -8.36
N PHE E 133 -27.17 12.22 -7.47
CA PHE E 133 -25.95 13.07 -7.29
C PHE E 133 -25.28 12.80 -5.95
N GLN E 134 -25.85 11.93 -5.10
CA GLN E 134 -25.28 11.57 -3.77
C GLN E 134 -24.31 10.39 -3.90
N HIS E 135 -24.21 9.78 -5.09
CA HIS E 135 -23.26 8.66 -5.39
C HIS E 135 -21.81 9.15 -5.48
N LEU E 136 -21.62 10.46 -5.66
CA LEU E 136 -20.28 11.09 -5.78
C LEU E 136 -19.68 11.30 -4.37
N VAL E 137 -20.47 11.05 -3.32
CA VAL E 137 -19.96 10.95 -1.92
C VAL E 137 -19.44 9.53 -1.73
N GLU E 138 -18.18 9.36 -1.31
CA GLU E 138 -17.57 8.04 -0.99
C GLU E 138 -18.26 7.51 0.27
N GLU E 139 -18.35 6.18 0.40
CA GLU E 139 -19.30 5.49 1.32
C GLU E 139 -18.90 5.74 2.78
N ARG E 140 -17.68 5.34 3.15
CA ARG E 140 -17.23 5.19 4.56
C ARG E 140 -16.40 6.41 4.97
N SER E 141 -15.50 6.89 4.11
CA SER E 141 -14.82 8.21 4.24
C SER E 141 -15.79 9.30 3.76
N ASN E 142 -15.44 10.58 3.97
CA ASN E 142 -16.32 11.73 3.66
C ASN E 142 -15.72 12.59 2.54
N ARG E 143 -14.72 12.10 1.80
CA ARG E 143 -14.24 12.78 0.56
C ARG E 143 -15.34 12.64 -0.49
N VAL E 144 -15.53 13.69 -1.30
CA VAL E 144 -16.50 13.73 -2.42
C VAL E 144 -15.69 13.85 -3.72
N LEU E 145 -15.62 12.76 -4.48
CA LEU E 145 -14.72 12.63 -5.67
C LEU E 145 -15.27 13.50 -6.81
N THR E 146 -14.46 14.47 -7.24
CA THR E 146 -14.86 15.66 -8.04
C THR E 146 -14.55 15.46 -9.54
N GLN E 147 -14.32 14.22 -9.98
CA GLN E 147 -13.98 13.92 -11.39
C GLN E 147 -15.24 14.02 -12.25
N VAL E 148 -16.37 13.53 -11.75
CA VAL E 148 -17.68 13.52 -12.47
C VAL E 148 -18.24 14.95 -12.48
N GLY E 149 -18.10 15.68 -11.36
CA GLY E 149 -18.50 17.09 -11.24
C GLY E 149 -17.76 17.99 -12.22
N ASN E 150 -16.45 17.80 -12.37
CA ASN E 150 -15.58 18.55 -13.31
C ASN E 150 -15.90 18.14 -14.75
N TRP E 151 -16.19 16.86 -14.99
CA TRP E 151 -16.63 16.36 -16.32
C TRP E 151 -18.00 16.95 -16.68
N LEU E 152 -18.90 17.11 -15.70
CA LEU E 152 -20.25 17.74 -15.91
C LEU E 152 -20.09 19.22 -16.27
N LYS E 153 -19.16 19.92 -15.62
CA LYS E 153 -18.79 21.33 -15.97
C LYS E 153 -18.25 21.35 -17.41
N MET E 154 -17.36 20.40 -17.74
CA MET E 154 -16.75 20.25 -19.08
C MET E 154 -17.83 20.08 -20.14
N ILE E 155 -18.72 19.08 -19.97
CA ILE E 155 -19.81 18.78 -20.96
C ILE E 155 -20.83 19.93 -20.98
N LEU E 156 -20.99 20.67 -19.88
CA LEU E 156 -21.90 21.86 -19.83
C LEU E 156 -21.34 22.99 -20.68
N ASN E 157 -20.04 23.27 -20.57
CA ASN E 157 -19.37 24.38 -21.31
C ASN E 157 -19.19 24.00 -22.78
N LYS E 158 -18.87 22.73 -23.07
CA LYS E 158 -18.57 22.25 -24.45
C LYS E 158 -19.85 22.34 -25.31
N THR E 159 -20.90 21.60 -24.94
CA THR E 159 -22.26 21.68 -25.57
C THR E 159 -23.20 22.32 -24.55
N LYS E 160 -23.62 23.57 -24.81
CA LYS E 160 -24.47 24.37 -23.90
C LYS E 160 -25.88 23.75 -23.89
N CYS E 161 -26.13 22.84 -22.94
CA CYS E 161 -27.42 22.14 -22.75
C CYS E 161 -27.76 22.12 -21.25
N PRO E 162 -28.98 22.57 -20.85
CA PRO E 162 -29.32 22.68 -19.43
C PRO E 162 -29.41 21.32 -18.74
N ILE E 163 -28.76 21.19 -17.58
CA ILE E 163 -28.72 19.94 -16.76
C ILE E 163 -29.48 20.20 -15.46
N VAL E 164 -30.47 19.37 -15.14
CA VAL E 164 -31.21 19.43 -13.84
C VAL E 164 -30.79 18.21 -13.01
N ILE E 165 -29.73 18.37 -12.21
CA ILE E 165 -29.20 17.29 -11.32
C ILE E 165 -30.11 17.19 -10.09
N PHE E 166 -30.80 16.06 -9.95
CA PHE E 166 -31.54 15.68 -8.72
C PHE E 166 -30.60 14.95 -7.77
N GLY E 167 -30.99 14.83 -6.49
CA GLY E 167 -30.21 14.09 -5.48
C GLY E 167 -30.74 14.32 -4.08
N MET E 168 -30.16 13.63 -3.10
CA MET E 168 -30.51 13.75 -1.66
C MET E 168 -29.83 14.99 -1.11
N PRO E 169 -30.34 15.59 0.01
CA PRO E 169 -29.82 16.87 0.49
C PRO E 169 -28.32 16.90 0.83
N TYR E 170 -27.75 15.79 1.28
CA TYR E 170 -26.32 15.67 1.67
C TYR E 170 -25.43 15.57 0.42
N SER E 171 -26.01 15.63 -0.78
CA SER E 171 -25.27 15.77 -2.07
C SER E 171 -24.89 17.24 -2.30
N LYS E 172 -25.41 18.17 -1.50
CA LYS E 172 -25.08 19.62 -1.56
C LYS E 172 -23.56 19.81 -1.45
N VAL E 173 -22.90 19.05 -0.57
CA VAL E 173 -21.43 19.16 -0.29
C VAL E 173 -20.63 18.80 -1.55
N VAL E 174 -21.21 17.99 -2.44
CA VAL E 174 -20.59 17.67 -3.77
C VAL E 174 -20.61 18.94 -4.64
N LEU E 175 -21.68 19.74 -4.54
CA LEU E 175 -21.78 21.04 -5.24
C LEU E 175 -20.89 22.06 -4.52
N GLN E 176 -20.73 21.95 -3.19
CA GLN E 176 -19.78 22.80 -2.40
C GLN E 176 -18.33 22.42 -2.70
N ALA E 177 -18.06 21.19 -3.16
CA ALA E 177 -16.69 20.70 -3.48
C ALA E 177 -16.08 21.54 -4.62
N ASN E 178 -16.84 21.77 -5.69
CA ASN E 178 -16.38 22.51 -6.91
C ASN E 178 -17.08 23.88 -6.93
N SER E 179 -16.31 24.96 -6.74
CA SER E 179 -16.78 26.37 -6.67
C SER E 179 -17.35 26.81 -8.03
N GLN E 180 -16.73 26.37 -9.13
CA GLN E 180 -17.19 26.65 -10.52
C GLN E 180 -18.54 25.96 -10.76
N LEU E 181 -18.65 24.69 -10.38
CA LEU E 181 -19.91 23.91 -10.50
C LEU E 181 -20.96 24.47 -9.53
N HIS E 182 -20.54 25.02 -8.39
CA HIS E 182 -21.46 25.67 -7.40
C HIS E 182 -22.11 26.90 -8.04
N GLY E 183 -21.28 27.81 -8.56
CA GLY E 183 -21.72 29.01 -9.30
C GLY E 183 -22.74 28.67 -10.38
N ARG E 184 -22.39 27.70 -11.24
CA ARG E 184 -23.18 27.32 -12.43
C ARG E 184 -24.62 26.97 -12.04
N PHE E 185 -24.80 26.20 -10.95
CA PHE E 185 -26.12 25.73 -10.44
C PHE E 185 -26.68 26.74 -9.42
N SER E 186 -27.21 27.85 -9.95
CA SER E 186 -27.72 29.01 -9.17
C SER E 186 -29.07 28.63 -8.55
N ILE E 187 -30.01 28.17 -9.37
CA ILE E 187 -31.40 27.83 -8.95
C ILE E 187 -31.35 26.51 -8.18
N GLN E 188 -31.57 26.55 -6.87
CA GLN E 188 -31.64 25.37 -5.98
C GLN E 188 -32.99 25.37 -5.28
N VAL E 189 -33.77 24.29 -5.43
CA VAL E 189 -35.09 24.12 -4.78
C VAL E 189 -35.03 22.86 -3.90
N GLU E 190 -35.72 22.89 -2.76
CA GLU E 190 -35.75 21.81 -1.75
C GLU E 190 -37.15 21.19 -1.78
N LEU E 191 -37.28 20.01 -2.39
CA LEU E 191 -38.53 19.21 -2.40
C LEU E 191 -38.61 18.43 -1.08
N ARG E 192 -39.05 19.10 0.00
CA ARG E 192 -39.05 18.54 1.37
C ARG E 192 -40.45 18.00 1.71
N PRO E 193 -40.55 17.02 2.63
CA PRO E 193 -41.84 16.40 2.96
C PRO E 193 -42.91 17.33 3.56
N PHE E 194 -44.10 16.78 3.75
CA PHE E 194 -45.29 17.44 4.36
C PHE E 194 -44.93 17.88 5.78
N SER E 195 -45.56 18.98 6.24
CA SER E 195 -45.09 19.82 7.37
C SER E 195 -45.90 19.56 8.63
N TYR E 196 -47.20 19.86 8.65
CA TYR E 196 -48.01 19.89 9.90
C TYR E 196 -49.34 19.14 9.76
N GLN E 197 -49.96 18.83 10.90
CA GLN E 197 -51.26 18.13 10.90
C GLN E 197 -52.42 19.08 11.31
N GLY E 198 -52.11 20.15 12.08
CA GLY E 198 -53.10 21.14 12.57
C GLY E 198 -54.34 21.31 11.70
N GLY E 199 -54.29 20.92 10.42
CA GLY E 199 -55.47 20.86 9.53
C GLY E 199 -55.59 22.12 8.69
N ARG E 200 -56.24 22.00 7.54
CA ARG E 200 -56.45 23.07 6.53
C ARG E 200 -55.08 23.49 5.96
N GLY E 201 -54.11 22.58 5.98
CA GLY E 201 -52.78 22.74 5.36
C GLY E 201 -52.75 22.05 4.02
N VAL E 202 -51.55 21.89 3.44
CA VAL E 202 -51.36 21.22 2.11
C VAL E 202 -51.61 19.72 2.26
N PHE E 203 -51.35 19.14 3.44
CA PHE E 203 -51.53 17.69 3.73
C PHE E 203 -53.00 17.30 3.63
N LYS E 204 -53.91 18.14 4.13
CA LYS E 204 -55.37 17.85 4.14
C LYS E 204 -55.90 17.77 2.71
N THR E 205 -55.64 18.79 1.90
CA THR E 205 -56.14 18.91 0.50
C THR E 205 -55.48 17.83 -0.36
N PHE E 206 -54.22 17.50 -0.07
CA PHE E 206 -53.46 16.40 -0.74
C PHE E 206 -54.21 15.08 -0.52
N LEU E 207 -54.52 14.76 0.74
CA LEU E 207 -55.30 13.53 1.10
C LEU E 207 -56.71 13.64 0.55
N GLU E 208 -57.25 14.86 0.40
CA GLU E 208 -58.60 15.12 -0.20
C GLU E 208 -58.61 14.69 -1.67
N TYR E 209 -57.58 15.08 -2.45
CA TYR E 209 -57.47 14.77 -3.90
C TYR E 209 -57.03 13.32 -4.12
N LEU E 210 -56.22 12.77 -3.22
CA LEU E 210 -55.82 11.33 -3.24
C LEU E 210 -57.05 10.48 -2.88
N ASP E 211 -57.87 10.92 -1.92
CA ASP E 211 -59.18 10.29 -1.58
C ASP E 211 -60.05 10.23 -2.86
N LYS E 212 -60.06 11.32 -3.64
CA LYS E 212 -60.79 11.40 -4.93
C LYS E 212 -60.22 10.38 -5.93
N ALA E 213 -58.89 10.28 -6.03
CA ALA E 213 -58.17 9.51 -7.07
C ALA E 213 -58.18 8.00 -6.78
N LEU E 214 -58.51 7.57 -5.55
CA LEU E 214 -58.54 6.13 -5.17
C LEU E 214 -59.68 5.45 -5.91
N PRO E 215 -59.52 4.16 -6.30
CA PRO E 215 -60.48 3.50 -7.20
C PRO E 215 -61.82 3.10 -6.55
N PHE E 216 -61.99 3.32 -5.24
CA PHE E 216 -63.28 3.12 -4.52
C PHE E 216 -64.25 4.22 -4.96
N GLU E 217 -65.55 3.90 -4.89
CA GLU E 217 -66.62 4.58 -5.66
C GLU E 217 -67.32 5.65 -4.82
N LYS E 218 -67.25 5.56 -3.48
CA LYS E 218 -68.21 6.26 -2.57
C LYS E 218 -67.45 7.22 -1.64
N GLN E 219 -66.40 6.75 -0.97
CA GLN E 219 -65.52 7.54 -0.07
C GLN E 219 -64.35 6.62 0.31
N ALA E 220 -63.23 7.16 0.80
CA ALA E 220 -62.13 6.38 1.43
C ALA E 220 -61.86 6.86 2.86
N GLY E 221 -62.45 7.99 3.28
CA GLY E 221 -62.53 8.43 4.69
C GLY E 221 -61.31 9.25 5.09
N LEU E 222 -60.42 9.54 4.15
CA LEU E 222 -59.15 10.28 4.38
C LEU E 222 -59.46 11.76 4.63
N ALA E 223 -58.51 12.48 5.25
CA ALA E 223 -58.52 13.95 5.46
C ALA E 223 -59.67 14.37 6.38
N ASN E 224 -60.03 13.53 7.36
CA ASN E 224 -60.93 13.91 8.49
C ASN E 224 -60.09 14.02 9.76
N GLU E 225 -60.69 14.61 10.80
CA GLU E 225 -60.09 14.91 12.14
C GLU E 225 -59.27 13.70 12.61
N SER E 226 -59.91 12.54 12.76
CA SER E 226 -59.35 11.30 13.37
C SER E 226 -58.26 10.72 12.47
N LEU E 227 -58.61 10.35 11.23
CA LEU E 227 -57.78 9.49 10.35
C LEU E 227 -56.53 10.25 9.87
N GLN E 228 -56.63 11.55 9.59
CA GLN E 228 -55.48 12.40 9.16
C GLN E 228 -54.42 12.42 10.25
N LYS E 229 -54.83 12.50 11.52
CA LYS E 229 -53.92 12.54 12.70
C LYS E 229 -53.17 11.21 12.80
N LYS E 230 -53.89 10.09 12.64
CA LYS E 230 -53.35 8.70 12.65
C LYS E 230 -52.41 8.53 11.45
N LEU E 231 -52.78 9.07 10.27
CA LEU E 231 -52.01 8.95 9.00
C LEU E 231 -50.66 9.65 9.12
N TYR E 232 -50.64 10.88 9.62
CA TYR E 232 -49.40 11.67 9.84
C TYR E 232 -48.58 11.01 10.95
N ALA E 233 -49.25 10.44 11.96
CA ALA E 233 -48.58 9.76 13.09
C ALA E 233 -47.83 8.51 12.59
N PHE E 234 -48.34 7.84 11.56
CA PHE E 234 -47.71 6.64 10.93
C PHE E 234 -46.53 7.05 10.05
N SER E 235 -46.80 7.90 9.06
CA SER E 235 -45.82 8.45 8.09
C SER E 235 -45.68 9.95 8.31
N GLN E 236 -44.53 10.38 8.85
CA GLN E 236 -44.32 11.79 9.27
C GLN E 236 -44.61 12.69 8.06
N GLY E 237 -43.70 12.74 7.09
CA GLY E 237 -43.92 13.37 5.78
C GLY E 237 -43.61 12.45 4.61
N ASN E 238 -42.90 11.34 4.86
CA ASN E 238 -42.36 10.43 3.81
C ASN E 238 -43.54 9.99 2.93
N MET E 239 -43.61 10.52 1.71
CA MET E 239 -44.65 10.26 0.69
C MET E 239 -44.74 8.74 0.41
N ARG E 240 -43.59 8.06 0.28
CA ARG E 240 -43.51 6.63 -0.11
C ARG E 240 -44.18 5.76 0.95
N SER E 241 -43.88 5.99 2.24
CA SER E 241 -44.40 5.18 3.37
C SER E 241 -45.90 5.41 3.53
N LEU E 242 -46.36 6.64 3.30
CA LEU E 242 -47.80 7.02 3.27
C LEU E 242 -48.49 6.29 2.12
N ARG E 243 -47.97 6.42 0.89
CA ARG E 243 -48.55 5.80 -0.33
C ARG E 243 -48.54 4.28 -0.21
N ASN E 244 -47.48 3.70 0.36
CA ASN E 244 -47.37 2.23 0.60
C ASN E 244 -48.54 1.79 1.50
N LEU E 245 -48.71 2.44 2.66
CA LEU E 245 -49.78 2.13 3.64
C LEU E 245 -51.15 2.21 2.96
N ILE E 246 -51.40 3.29 2.21
CA ILE E 246 -52.69 3.52 1.46
C ILE E 246 -52.86 2.42 0.40
N TYR E 247 -51.79 2.07 -0.31
CA TYR E 247 -51.78 1.04 -1.39
C TYR E 247 -52.10 -0.34 -0.78
N GLN E 248 -51.44 -0.72 0.31
CA GLN E 248 -51.62 -2.03 0.98
C GLN E 248 -53.03 -2.11 1.59
N ALA E 249 -53.52 -1.01 2.17
CA ALA E 249 -54.89 -0.90 2.73
C ALA E 249 -55.92 -1.05 1.61
N SER E 250 -55.72 -0.34 0.48
CA SER E 250 -56.64 -0.36 -0.69
C SER E 250 -56.80 -1.80 -1.18
N ILE E 251 -55.70 -2.45 -1.54
CA ILE E 251 -55.68 -3.84 -2.11
C ILE E 251 -56.15 -4.85 -1.05
N GLU E 252 -56.09 -4.51 0.24
CA GLU E 252 -56.69 -5.32 1.32
C GLU E 252 -58.21 -5.20 1.26
N ALA E 253 -58.73 -3.98 1.09
CA ALA E 253 -60.18 -3.68 0.99
C ALA E 253 -60.73 -4.21 -0.34
N ILE E 254 -59.91 -4.33 -1.39
CA ILE E 254 -60.32 -4.93 -2.70
C ILE E 254 -60.42 -6.45 -2.55
N ASP E 255 -59.48 -7.08 -1.82
CA ASP E 255 -59.36 -8.56 -1.69
C ASP E 255 -60.67 -9.12 -1.11
N ASN E 256 -61.00 -8.75 0.13
CA ASN E 256 -62.29 -9.10 0.78
C ASN E 256 -63.30 -8.01 0.38
N GLN E 257 -64.27 -8.36 -0.46
CA GLN E 257 -65.20 -7.40 -1.13
C GLN E 257 -65.81 -6.47 -0.07
N HIS E 258 -65.42 -5.20 -0.10
CA HIS E 258 -65.77 -4.17 0.93
C HIS E 258 -66.40 -2.94 0.27
N GLU E 259 -66.92 -2.04 1.11
CA GLU E 259 -67.53 -0.74 0.73
C GLU E 259 -66.41 0.22 0.29
N THR E 260 -65.43 0.39 1.17
CA THR E 260 -64.35 1.41 1.10
C THR E 260 -63.15 0.95 1.94
N ILE E 261 -62.12 1.79 2.05
CA ILE E 261 -61.03 1.64 3.05
C ILE E 261 -61.61 2.04 4.42
N THR E 262 -61.65 1.09 5.37
CA THR E 262 -62.20 1.26 6.73
C THR E 262 -61.08 1.02 7.75
N GLU E 263 -61.40 1.08 9.04
CA GLU E 263 -60.46 0.84 10.17
C GLU E 263 -60.52 -0.66 10.56
N GLU E 264 -60.54 -1.53 9.54
CA GLU E 264 -60.59 -3.01 9.62
C GLU E 264 -59.29 -3.57 9.01
N ASP E 265 -58.96 -3.12 7.80
CA ASP E 265 -57.79 -3.54 6.98
C ASP E 265 -56.66 -2.52 7.06
N PHE E 266 -56.92 -1.31 7.56
CA PHE E 266 -55.92 -0.21 7.69
C PHE E 266 -54.92 -0.58 8.78
N VAL E 267 -55.41 -1.15 9.89
CA VAL E 267 -54.60 -1.69 11.02
C VAL E 267 -53.67 -2.79 10.50
N PHE E 268 -54.16 -3.70 9.66
CA PHE E 268 -53.36 -4.81 9.05
C PHE E 268 -52.26 -4.23 8.15
N ALA E 269 -52.61 -3.23 7.33
CA ALA E 269 -51.68 -2.49 6.44
C ALA E 269 -50.60 -1.81 7.27
N SER E 270 -50.97 -1.25 8.43
CA SER E 270 -50.03 -0.53 9.34
C SER E 270 -48.97 -1.50 9.88
N LYS E 271 -49.40 -2.68 10.36
CA LYS E 271 -48.51 -3.76 10.89
C LYS E 271 -47.68 -4.38 9.75
N LEU E 272 -48.17 -4.31 8.49
CA LEU E 272 -47.49 -4.85 7.29
C LEU E 272 -46.27 -3.98 6.93
N THR E 273 -46.46 -2.67 6.78
CA THR E 273 -45.46 -1.71 6.24
C THR E 273 -44.81 -0.87 7.36
N SER E 274 -44.54 -1.46 8.52
CA SER E 274 -43.89 -0.80 9.69
C SER E 274 -42.51 -1.40 9.98
N GLY E 275 -41.93 -2.12 9.02
CA GLY E 275 -40.62 -2.77 9.17
C GLY E 275 -39.48 -1.77 9.11
N ASP E 276 -39.57 -0.81 8.19
CA ASP E 276 -38.51 0.20 7.94
C ASP E 276 -38.49 1.27 9.04
N LYS E 277 -39.60 1.46 9.76
CA LYS E 277 -39.81 2.60 10.70
C LYS E 277 -38.86 2.45 11.89
N PRO E 278 -38.35 3.56 12.47
CA PRO E 278 -37.28 3.48 13.47
C PRO E 278 -37.71 2.84 14.80
N ASN E 279 -36.74 2.69 15.72
CA ASN E 279 -36.83 1.87 16.96
C ASN E 279 -37.81 2.51 17.95
N SER E 280 -37.74 3.83 18.14
CA SER E 280 -38.55 4.60 19.14
C SER E 280 -39.93 4.97 18.59
N TRP E 281 -40.16 4.79 17.28
CA TRP E 281 -41.45 5.11 16.60
C TRP E 281 -42.55 4.16 17.08
N LYS E 282 -43.77 4.66 17.29
CA LYS E 282 -44.95 3.85 17.69
C LYS E 282 -45.97 3.84 16.54
N ASN E 283 -46.51 2.65 16.24
CA ASN E 283 -47.62 2.43 15.29
C ASN E 283 -48.90 2.98 15.93
N PRO E 284 -49.53 4.04 15.36
CA PRO E 284 -50.69 4.67 16.00
C PRO E 284 -52.05 3.99 15.78
N PHE E 285 -52.09 2.73 15.33
CA PHE E 285 -53.32 2.04 14.84
C PHE E 285 -53.70 0.81 15.67
N GLU E 286 -52.82 0.31 16.55
CA GLU E 286 -52.86 -1.11 16.99
C GLU E 286 -54.03 -1.34 17.95
N GLU E 287 -53.92 -0.97 19.23
CA GLU E 287 -55.00 -1.19 20.24
C GLU E 287 -55.39 0.12 20.94
N GLY E 288 -54.44 0.88 21.48
CA GLY E 288 -54.71 2.05 22.35
C GLY E 288 -53.59 3.06 22.33
N VAL E 289 -53.16 3.48 21.13
CA VAL E 289 -52.11 4.52 20.93
C VAL E 289 -52.81 5.86 20.73
N GLU E 290 -53.17 6.50 21.84
CA GLU E 290 -53.60 7.93 21.95
C GLU E 290 -52.51 8.76 21.24
N VAL E 291 -52.82 9.28 20.04
CA VAL E 291 -51.88 10.07 19.18
C VAL E 291 -51.57 11.38 19.89
N THR E 292 -50.28 11.64 20.13
CA THR E 292 -49.77 12.70 21.05
C THR E 292 -49.36 13.94 20.26
N GLU E 293 -49.06 15.02 20.99
CA GLU E 293 -48.50 16.30 20.48
C GLU E 293 -47.09 16.06 19.94
N ASP E 294 -46.30 15.24 20.64
CA ASP E 294 -44.86 14.96 20.37
C ASP E 294 -44.67 14.16 19.07
N MET E 295 -45.71 13.44 18.61
CA MET E 295 -45.66 12.64 17.34
C MET E 295 -45.75 13.57 16.12
N LEU E 296 -46.52 14.66 16.22
CA LEU E 296 -46.98 15.46 15.04
C LEU E 296 -46.10 16.69 14.81
N ARG E 297 -44.84 16.68 15.26
CA ARG E 297 -43.91 17.81 15.06
C ARG E 297 -43.48 17.80 13.59
N PRO E 298 -43.19 18.97 12.98
CA PRO E 298 -42.73 19.00 11.59
C PRO E 298 -41.41 18.26 11.42
N PRO E 299 -41.11 17.72 10.20
CA PRO E 299 -39.86 17.01 9.95
C PRO E 299 -38.65 17.94 10.15
N PRO E 300 -37.48 17.41 10.57
CA PRO E 300 -36.33 18.27 10.88
C PRO E 300 -35.73 18.96 9.66
N LYS E 301 -34.72 19.81 9.89
CA LYS E 301 -33.95 20.48 8.82
C LYS E 301 -33.07 19.44 8.11
N ASP E 302 -32.31 18.65 8.87
CA ASP E 302 -31.32 17.65 8.36
C ASP E 302 -32.03 16.29 8.22
N ILE E 303 -33.12 16.26 7.45
CA ILE E 303 -34.01 15.07 7.29
C ILE E 303 -33.32 14.03 6.39
N GLY E 304 -32.66 14.50 5.32
CA GLY E 304 -31.97 13.63 4.33
C GLY E 304 -30.46 13.67 4.48
N TRP E 305 -29.93 14.11 5.63
CA TRP E 305 -28.48 14.31 5.88
C TRP E 305 -27.88 13.13 6.67
N GLU E 306 -28.73 12.31 7.29
CA GLU E 306 -28.38 11.45 8.47
C GLU E 306 -27.26 10.47 8.09
N ASP E 307 -27.29 9.92 6.87
CA ASP E 307 -26.27 8.98 6.32
C ASP E 307 -24.90 9.65 6.22
N TYR E 308 -24.85 10.96 5.95
CA TYR E 308 -23.60 11.77 5.96
C TYR E 308 -23.15 12.02 7.40
N LEU E 309 -24.11 12.21 8.33
CA LEU E 309 -23.86 12.48 9.77
C LEU E 309 -23.51 11.20 10.53
N ARG E 310 -23.74 10.02 9.93
CA ARG E 310 -23.55 8.70 10.58
C ARG E 310 -22.07 8.36 10.72
N HIS E 311 -21.20 8.91 9.86
CA HIS E 311 -19.73 8.64 9.83
C HIS E 311 -18.99 9.76 10.58
N THR F 1 -43.08 36.34 -26.32
CA THR F 1 -41.72 36.10 -25.72
C THR F 1 -40.69 36.96 -26.47
N ARG F 2 -40.56 36.75 -27.78
CA ARG F 2 -39.50 37.33 -28.68
C ARG F 2 -38.12 36.89 -28.17
N GLU F 3 -37.75 35.64 -28.47
CA GLU F 3 -36.45 34.99 -28.12
C GLU F 3 -35.26 35.82 -28.64
N ALA F 4 -35.46 36.66 -29.67
CA ALA F 4 -34.49 37.69 -30.12
C ALA F 4 -34.17 38.65 -28.97
N ARG F 5 -35.21 39.19 -28.32
CA ARG F 5 -35.11 40.09 -27.13
C ARG F 5 -34.47 39.34 -25.95
N ILE F 6 -34.82 38.05 -25.78
CA ILE F 6 -34.32 37.17 -24.67
C ILE F 6 -32.81 36.94 -24.86
N SER F 7 -32.40 36.62 -26.09
CA SER F 7 -30.97 36.43 -26.47
C SER F 7 -30.23 37.77 -26.34
N ARG F 8 -30.90 38.88 -26.60
CA ARG F 8 -30.34 40.26 -26.42
C ARG F 8 -30.08 40.53 -24.94
N ALA F 9 -31.00 40.11 -24.06
CA ALA F 9 -30.85 40.23 -22.58
C ALA F 9 -29.72 39.32 -22.09
N LYS F 10 -29.62 38.10 -22.64
CA LYS F 10 -28.61 37.08 -22.21
C LYS F 10 -27.22 37.54 -22.69
N ARG F 11 -27.07 37.75 -24.00
CA ARG F 11 -25.81 38.27 -24.62
C ARG F 11 -25.78 39.78 -24.45
N ALA F 12 -25.20 40.24 -23.33
CA ALA F 12 -24.93 41.66 -23.01
C ALA F 12 -23.49 41.77 -22.49
N PHE F 13 -22.57 42.25 -23.30
CA PHE F 13 -21.16 42.51 -22.89
C PHE F 13 -21.00 44.01 -22.59
N VAL F 14 -20.46 44.32 -21.41
CA VAL F 14 -20.02 45.68 -20.99
C VAL F 14 -18.54 45.61 -20.60
N SER F 15 -17.68 46.32 -21.32
CA SER F 15 -16.21 46.32 -21.10
C SER F 15 -15.88 47.17 -19.86
N THR F 16 -15.29 46.54 -18.83
CA THR F 16 -14.67 47.22 -17.66
C THR F 16 -13.22 47.57 -18.01
N PRO F 17 -12.60 48.54 -17.31
CA PRO F 17 -11.17 48.85 -17.49
C PRO F 17 -10.22 47.66 -17.24
N SER F 18 -10.59 46.75 -16.33
CA SER F 18 -9.84 45.49 -16.03
C SER F 18 -9.84 44.56 -17.26
N VAL F 19 -11.00 44.41 -17.91
CA VAL F 19 -11.17 43.56 -19.13
C VAL F 19 -10.36 44.18 -20.29
N ARG F 20 -10.45 45.50 -20.48
CA ARG F 20 -9.68 46.26 -21.50
C ARG F 20 -8.17 46.17 -21.23
N LYS F 21 -7.77 46.14 -19.96
CA LYS F 21 -6.37 45.88 -19.53
C LYS F 21 -5.95 44.48 -20.00
N ILE F 22 -6.78 43.46 -19.76
CA ILE F 22 -6.50 42.04 -20.14
C ILE F 22 -6.44 41.93 -21.66
N LEU F 23 -7.38 42.56 -22.38
CA LEU F 23 -7.43 42.50 -23.87
C LEU F 23 -6.22 43.20 -24.50
N SER F 24 -5.82 44.37 -23.97
CA SER F 24 -4.63 45.14 -24.45
C SER F 24 -3.35 44.31 -24.23
N TYR F 25 -3.21 43.68 -23.05
CA TYR F 25 -2.09 42.78 -22.71
C TYR F 25 -2.10 41.52 -23.58
N MET F 26 -3.29 40.97 -23.90
CA MET F 26 -3.43 39.78 -24.79
C MET F 26 -2.96 40.12 -26.21
N ASP F 27 -3.41 41.25 -26.76
CA ASP F 27 -2.99 41.78 -28.10
C ASP F 27 -1.47 42.00 -28.10
N ARG F 28 -0.93 42.53 -26.99
CA ARG F 28 0.52 42.80 -26.77
C ARG F 28 1.30 41.47 -26.77
N CYS F 29 0.86 40.49 -25.97
CA CYS F 29 1.44 39.13 -25.85
C CYS F 29 1.53 38.45 -27.23
N ARG F 30 0.51 38.61 -28.08
CA ARG F 30 0.46 38.00 -29.44
C ARG F 30 1.44 38.72 -30.37
N ASP F 31 1.34 40.06 -30.46
CA ASP F 31 2.07 40.87 -31.48
C ASP F 31 3.57 41.01 -31.14
N LEU F 32 4.01 40.63 -29.94
CA LEU F 32 5.45 40.73 -29.52
C LEU F 32 6.25 39.51 -29.98
N SER F 33 5.67 38.31 -29.92
CA SER F 33 6.33 37.03 -30.31
C SER F 33 6.57 37.02 -31.83
N ASP F 34 7.83 36.87 -32.24
CA ASP F 34 8.27 36.72 -33.66
C ASP F 34 8.34 35.23 -34.02
N LEU F 35 8.08 34.33 -33.06
CA LEU F 35 8.07 32.84 -33.18
C LEU F 35 9.46 32.30 -33.54
N GLU F 36 10.53 33.05 -33.22
CA GLU F 36 11.94 32.58 -33.21
C GLU F 36 12.47 32.62 -31.76
N SER F 37 12.36 33.79 -31.11
CA SER F 37 12.80 34.05 -29.71
C SER F 37 11.72 33.60 -28.72
N GLU F 38 12.05 33.61 -27.42
CA GLU F 38 11.15 33.12 -26.32
C GLU F 38 9.96 34.07 -26.20
N PRO F 39 8.70 33.56 -26.26
CA PRO F 39 7.51 34.41 -26.15
C PRO F 39 7.28 34.97 -24.74
N THR F 40 6.22 35.78 -24.59
CA THR F 40 5.99 36.67 -23.42
C THR F 40 5.32 35.89 -22.28
N CYS F 41 4.26 35.12 -22.59
CA CYS F 41 3.58 34.16 -21.69
C CYS F 41 2.97 34.90 -20.48
N MET F 42 1.75 35.41 -20.64
CA MET F 42 0.96 36.03 -19.54
C MET F 42 0.21 34.94 -18.77
N MET F 43 0.05 35.12 -17.46
CA MET F 43 -0.87 34.34 -16.60
C MET F 43 -1.98 35.30 -16.14
N VAL F 44 -3.25 34.91 -16.33
CA VAL F 44 -4.44 35.68 -15.85
C VAL F 44 -5.17 34.82 -14.81
N TYR F 45 -5.14 35.24 -13.55
CA TYR F 45 -5.92 34.64 -12.43
C TYR F 45 -7.36 35.15 -12.53
N GLY F 46 -8.22 34.76 -11.58
CA GLY F 46 -9.61 35.25 -11.49
C GLY F 46 -10.52 34.23 -10.83
N ALA F 47 -11.40 34.71 -9.94
CA ALA F 47 -12.24 33.89 -9.04
C ALA F 47 -13.32 33.14 -9.83
N SER F 48 -14.27 32.52 -9.12
CA SER F 48 -15.40 31.73 -9.70
C SER F 48 -16.51 32.67 -10.19
N GLY F 49 -16.48 33.01 -11.49
CA GLY F 49 -17.55 33.76 -12.18
C GLY F 49 -17.26 35.25 -12.27
N VAL F 50 -16.02 35.63 -12.59
CA VAL F 50 -15.57 37.04 -12.78
C VAL F 50 -15.80 37.49 -14.23
N GLY F 51 -15.80 36.54 -15.17
CA GLY F 51 -15.97 36.79 -16.63
C GLY F 51 -14.71 36.50 -17.40
N LYS F 52 -13.98 35.42 -17.07
CA LYS F 52 -12.75 34.96 -17.78
C LYS F 52 -13.16 34.39 -19.15
N THR F 53 -14.09 33.43 -19.16
CA THR F 53 -14.57 32.74 -20.39
C THR F 53 -15.18 33.75 -21.38
N THR F 54 -15.83 34.81 -20.89
CA THR F 54 -16.39 35.92 -21.71
C THR F 54 -15.24 36.73 -22.32
N VAL F 55 -14.16 36.96 -21.56
CA VAL F 55 -12.93 37.68 -22.03
C VAL F 55 -12.30 36.88 -23.18
N ILE F 56 -12.15 35.56 -23.02
CA ILE F 56 -11.51 34.66 -24.04
C ILE F 56 -12.42 34.63 -25.27
N LYS F 57 -13.75 34.55 -25.08
CA LYS F 57 -14.74 34.50 -26.19
C LYS F 57 -14.76 35.85 -26.93
N LYS F 58 -14.71 36.97 -26.20
CA LYS F 58 -14.66 38.34 -26.79
C LYS F 58 -13.38 38.46 -27.63
N TYR F 59 -12.24 38.04 -27.07
CA TYR F 59 -10.91 38.08 -27.74
C TYR F 59 -10.92 37.20 -28.99
N LEU F 60 -11.41 35.95 -28.85
CA LEU F 60 -11.54 34.95 -29.95
C LEU F 60 -12.26 35.58 -31.14
N ASN F 61 -13.44 36.14 -30.89
CA ASN F 61 -14.29 36.79 -31.93
C ASN F 61 -13.53 37.95 -32.57
N GLN F 62 -13.04 38.90 -31.75
CA GLN F 62 -12.42 40.15 -32.25
C GLN F 62 -11.08 39.86 -32.95
N ALA F 63 -10.41 38.74 -32.64
CA ALA F 63 -9.13 38.34 -33.26
C ALA F 63 -9.37 37.47 -34.51
N ALA F 64 -10.03 36.32 -34.37
CA ALA F 64 -9.92 35.16 -35.32
C ALA F 64 -11.18 34.96 -36.18
N ALA F 65 -12.18 35.85 -36.13
CA ALA F 65 -13.47 35.68 -36.85
C ALA F 65 -13.25 35.68 -38.37
N ALA F 66 -12.65 36.75 -38.92
CA ALA F 66 -12.43 36.96 -40.36
C ALA F 66 -11.37 35.99 -40.90
N ALA F 67 -10.34 35.67 -40.10
CA ALA F 67 -9.22 34.76 -40.47
C ALA F 67 -9.72 33.30 -40.54
N ALA F 68 -10.63 32.89 -39.65
CA ALA F 68 -11.30 31.57 -39.68
C ALA F 68 -12.32 31.51 -40.82
N ALA F 69 -12.94 32.65 -41.17
CA ALA F 69 -13.85 32.80 -42.32
C ALA F 69 -13.07 32.74 -43.64
N GLY F 70 -11.82 33.23 -43.66
CA GLY F 70 -10.92 33.17 -44.82
C GLY F 70 -10.58 31.75 -45.25
N GLY F 71 -10.15 30.91 -44.28
CA GLY F 71 -9.81 29.49 -44.52
C GLY F 71 -9.33 28.81 -43.24
N ASP F 72 -8.88 27.55 -43.35
CA ASP F 72 -8.30 26.75 -42.23
C ASP F 72 -6.94 27.36 -41.88
N ILE F 73 -6.94 28.37 -40.99
CA ILE F 73 -5.73 29.09 -40.49
C ILE F 73 -5.64 28.96 -38.96
N ILE F 74 -6.76 29.18 -38.24
CA ILE F 74 -6.89 29.11 -36.75
C ILE F 74 -5.68 29.76 -36.08
N PRO F 75 -5.60 31.11 -36.04
CA PRO F 75 -4.42 31.80 -35.50
C PRO F 75 -4.30 31.65 -33.98
N VAL F 76 -5.40 31.89 -33.26
CA VAL F 76 -5.48 31.75 -31.77
C VAL F 76 -6.34 30.53 -31.44
N LEU F 77 -6.06 29.89 -30.30
CA LEU F 77 -6.74 28.67 -29.81
C LEU F 77 -7.49 28.98 -28.51
N HIS F 78 -8.34 28.03 -28.09
CA HIS F 78 -9.04 28.01 -26.78
C HIS F 78 -9.06 26.58 -26.25
N ILE F 79 -8.29 26.32 -25.19
CA ILE F 79 -8.09 24.98 -24.58
C ILE F 79 -8.63 25.00 -23.16
N GLU F 80 -9.44 24.00 -22.82
CA GLU F 80 -9.99 23.76 -21.47
C GLU F 80 -9.48 22.39 -21.01
N LEU F 81 -8.45 22.36 -20.15
CA LEU F 81 -7.83 21.11 -19.63
C LEU F 81 -8.91 20.22 -19.04
N PRO F 82 -8.76 18.88 -19.09
CA PRO F 82 -9.58 17.97 -18.29
C PRO F 82 -9.09 17.94 -16.82
N ASP F 83 -9.90 17.38 -15.93
CA ASP F 83 -9.62 17.31 -14.47
C ASP F 83 -8.59 16.20 -14.21
N ASN F 84 -7.59 16.49 -13.36
CA ASN F 84 -6.44 15.60 -13.04
C ASN F 84 -5.77 15.21 -14.37
N ALA F 85 -5.42 16.20 -15.18
CA ALA F 85 -4.90 16.03 -16.56
C ALA F 85 -3.51 15.38 -16.51
N LYS F 86 -3.28 14.39 -17.38
CA LYS F 86 -1.94 13.88 -17.74
C LYS F 86 -1.44 14.69 -18.94
N PRO F 87 -0.10 14.74 -19.18
CA PRO F 87 0.43 15.46 -20.35
C PRO F 87 -0.15 14.93 -21.67
N VAL F 88 -0.30 13.61 -21.82
CA VAL F 88 -0.87 12.96 -23.04
C VAL F 88 -2.32 13.40 -23.25
N ASP F 89 -3.11 13.54 -22.17
CA ASP F 89 -4.55 13.91 -22.21
C ASP F 89 -4.69 15.35 -22.71
N ALA F 90 -4.03 16.31 -22.06
CA ALA F 90 -4.03 17.76 -22.42
C ALA F 90 -3.34 17.95 -23.78
N ALA F 91 -2.32 17.14 -24.11
CA ALA F 91 -1.61 17.16 -25.41
C ALA F 91 -2.57 16.79 -26.54
N ARG F 92 -3.32 15.68 -26.40
CA ARG F 92 -4.23 15.18 -27.46
C ARG F 92 -5.47 16.09 -27.55
N GLU F 93 -5.91 16.69 -26.44
CA GLU F 93 -7.04 17.66 -26.40
C GLU F 93 -6.63 18.91 -27.20
N LEU F 94 -5.41 19.42 -26.97
CA LEU F 94 -4.77 20.52 -27.74
C LEU F 94 -4.73 20.15 -29.23
N LEU F 95 -4.39 18.89 -29.53
CA LEU F 95 -4.29 18.35 -30.92
C LEU F 95 -5.68 18.32 -31.59
N VAL F 96 -6.66 17.65 -30.99
CA VAL F 96 -7.99 17.40 -31.64
C VAL F 96 -8.78 18.72 -31.72
N GLU F 97 -8.50 19.69 -30.85
CA GLU F 97 -9.10 21.06 -30.92
C GLU F 97 -8.47 21.83 -32.08
N MET F 98 -7.14 21.77 -32.22
CA MET F 98 -6.35 22.49 -33.26
C MET F 98 -6.47 21.75 -34.60
N GLY F 99 -7.13 22.35 -35.59
CA GLY F 99 -7.31 21.79 -36.94
C GLY F 99 -8.11 20.50 -36.91
N ASP F 100 -7.77 19.52 -37.76
CA ASP F 100 -8.44 18.20 -37.85
C ASP F 100 -7.43 17.09 -38.10
N PRO F 101 -6.64 16.67 -37.09
CA PRO F 101 -6.03 15.34 -37.06
C PRO F 101 -7.01 14.31 -36.50
N LEU F 102 -6.64 13.02 -36.49
CA LEU F 102 -7.35 11.99 -35.68
C LEU F 102 -6.84 12.10 -34.23
N ALA F 103 -5.56 11.80 -33.98
CA ALA F 103 -4.74 12.26 -32.83
C ALA F 103 -5.16 11.67 -31.47
N LEU F 104 -6.36 11.09 -31.34
CA LEU F 104 -6.91 10.63 -30.03
C LEU F 104 -7.13 9.10 -30.03
N TYR F 105 -6.53 8.37 -30.98
CA TYR F 105 -6.49 6.88 -31.01
C TYR F 105 -5.11 6.40 -30.57
N GLU F 106 -4.06 6.94 -31.19
CA GLU F 106 -2.63 6.57 -30.91
C GLU F 106 -2.11 7.50 -29.81
N THR F 107 -2.20 7.03 -28.55
CA THR F 107 -1.72 7.73 -27.32
C THR F 107 -0.36 7.13 -26.94
N ASP F 108 0.73 7.78 -27.36
CA ASP F 108 2.12 7.42 -26.97
C ASP F 108 2.92 8.65 -26.50
N LEU F 109 2.31 9.84 -26.45
CA LEU F 109 2.81 11.08 -25.78
C LEU F 109 4.00 11.69 -26.53
N ALA F 110 4.84 10.89 -27.20
CA ALA F 110 6.10 11.32 -27.86
C ALA F 110 5.84 11.65 -29.34
N ARG F 111 5.18 10.73 -30.06
CA ARG F 111 4.87 10.90 -31.51
C ARG F 111 3.76 11.95 -31.71
N LEU F 112 2.85 12.10 -30.75
CA LEU F 112 1.80 13.16 -30.80
C LEU F 112 2.39 14.52 -30.37
N THR F 113 3.41 14.54 -29.50
CA THR F 113 4.24 15.75 -29.25
C THR F 113 4.92 16.14 -30.56
N LYS F 114 5.50 15.18 -31.28
CA LYS F 114 6.12 15.41 -32.61
C LYS F 114 5.05 15.89 -33.59
N ARG F 115 3.85 15.30 -33.56
CA ARG F 115 2.73 15.66 -34.47
C ARG F 115 2.35 17.14 -34.30
N LEU F 116 2.12 17.60 -33.06
CA LEU F 116 1.60 18.97 -32.82
C LEU F 116 2.73 20.00 -33.02
N THR F 117 4.00 19.62 -32.81
CA THR F 117 5.18 20.47 -33.17
C THR F 117 5.33 20.52 -34.70
N GLU F 118 5.01 19.42 -35.40
CA GLU F 118 4.93 19.42 -36.89
C GLU F 118 3.81 20.35 -37.35
N LEU F 119 2.69 20.39 -36.62
CA LEU F 119 1.40 20.99 -37.09
C LEU F 119 1.25 22.46 -36.64
N ILE F 120 1.90 22.89 -35.54
CA ILE F 120 1.66 24.25 -34.95
C ILE F 120 2.15 25.34 -35.93
N PRO F 121 3.39 25.29 -36.47
CA PRO F 121 3.79 26.23 -37.53
C PRO F 121 3.11 25.97 -38.88
N ALA F 122 2.59 24.75 -39.11
CA ALA F 122 1.93 24.33 -40.38
C ALA F 122 0.67 25.16 -40.60
N VAL F 123 -0.27 25.14 -39.65
CA VAL F 123 -1.57 25.88 -39.74
C VAL F 123 -1.33 27.37 -39.49
N GLY F 124 -0.34 27.72 -38.66
CA GLY F 124 0.03 29.11 -38.34
C GLY F 124 -0.58 29.55 -37.03
N VAL F 125 -0.31 28.82 -35.95
CA VAL F 125 -0.74 29.14 -34.56
C VAL F 125 0.06 30.36 -34.09
N LYS F 126 -0.65 31.40 -33.65
CA LYS F 126 -0.07 32.68 -33.15
C LYS F 126 -0.12 32.71 -31.61
N LEU F 127 -1.16 32.12 -31.00
CA LEU F 127 -1.41 32.16 -29.54
C LEU F 127 -2.12 30.88 -29.09
N ILE F 128 -1.82 30.41 -27.88
CA ILE F 128 -2.53 29.29 -27.19
C ILE F 128 -3.12 29.86 -25.89
N ILE F 129 -4.45 29.75 -25.73
CA ILE F 129 -5.18 30.21 -24.52
C ILE F 129 -5.70 28.97 -23.80
N ILE F 130 -5.13 28.67 -22.63
CA ILE F 130 -5.54 27.56 -21.72
C ILE F 130 -6.44 28.15 -20.62
N ASP F 131 -7.63 27.59 -20.42
CA ASP F 131 -8.71 28.20 -19.58
C ASP F 131 -8.61 27.67 -18.15
N GLU F 132 -8.43 26.35 -17.97
CA GLU F 132 -8.41 25.69 -16.64
C GLU F 132 -6.97 25.29 -16.30
N PHE F 133 -6.37 25.92 -15.29
CA PHE F 133 -5.03 25.58 -14.75
C PHE F 133 -5.13 25.05 -13.31
N GLN F 134 -6.30 25.16 -12.67
CA GLN F 134 -6.52 24.67 -11.27
C GLN F 134 -6.78 23.17 -11.25
N HIS F 135 -6.92 22.53 -12.42
CA HIS F 135 -7.14 21.06 -12.58
C HIS F 135 -5.87 20.27 -12.24
N LEU F 136 -4.71 20.92 -12.24
CA LEU F 136 -3.39 20.29 -11.96
C LEU F 136 -3.18 20.17 -10.44
N VAL F 137 -4.06 20.79 -9.64
CA VAL F 137 -4.16 20.57 -8.16
C VAL F 137 -4.97 19.28 -7.97
N GLU F 138 -4.43 18.30 -7.23
CA GLU F 138 -5.16 17.05 -6.87
C GLU F 138 -6.26 17.42 -5.88
N GLU F 139 -7.34 16.64 -5.85
CA GLU F 139 -8.67 17.06 -5.29
C GLU F 139 -8.58 17.14 -3.76
N ARG F 140 -8.23 16.02 -3.11
CA ARG F 140 -8.39 15.81 -1.65
C ARG F 140 -7.04 16.01 -0.94
N SER F 141 -5.93 15.54 -1.52
CA SER F 141 -4.54 15.90 -1.11
C SER F 141 -4.21 17.28 -1.69
N ASN F 142 -3.05 17.85 -1.33
CA ASN F 142 -2.61 19.20 -1.75
C ASN F 142 -1.28 19.11 -2.53
N ARG F 143 -0.96 17.95 -3.13
CA ARG F 143 0.13 17.86 -4.13
C ARG F 143 -0.40 18.43 -5.45
N VAL F 144 0.46 19.13 -6.19
CA VAL F 144 0.16 19.69 -7.54
C VAL F 144 1.05 18.95 -8.54
N LEU F 145 0.45 18.09 -9.37
CA LEU F 145 1.16 17.15 -10.27
C LEU F 145 1.76 17.94 -11.44
N THR F 146 3.10 17.92 -11.55
CA THR F 146 3.92 18.88 -12.35
C THR F 146 4.29 18.30 -13.72
N GLN F 147 3.58 17.26 -14.20
CA GLN F 147 3.87 16.59 -15.49
C GLN F 147 3.38 17.48 -16.64
N VAL F 148 2.18 18.06 -16.50
CA VAL F 148 1.54 18.94 -17.54
C VAL F 148 2.30 20.26 -17.57
N GLY F 149 2.71 20.79 -16.41
CA GLY F 149 3.51 22.03 -16.27
C GLY F 149 4.87 21.91 -16.96
N ASN F 150 5.56 20.80 -16.76
CA ASN F 150 6.88 20.51 -17.39
C ASN F 150 6.69 20.26 -18.89
N TRP F 151 5.59 19.61 -19.30
CA TRP F 151 5.27 19.43 -20.73
C TRP F 151 4.95 20.79 -21.39
N LEU F 152 4.27 21.69 -20.67
CA LEU F 152 3.96 23.06 -21.17
C LEU F 152 5.26 23.84 -21.38
N LYS F 153 6.23 23.72 -20.45
CA LYS F 153 7.59 24.28 -20.58
C LYS F 153 8.28 23.67 -21.80
N MET F 154 8.16 22.35 -21.98
CA MET F 154 8.73 21.59 -23.12
C MET F 154 8.18 22.15 -24.44
N ILE F 155 6.85 22.16 -24.61
CA ILE F 155 6.19 22.64 -25.86
C ILE F 155 6.47 24.14 -26.06
N LEU F 156 6.64 24.91 -24.98
CA LEU F 156 6.96 26.36 -25.06
C LEU F 156 8.36 26.55 -25.67
N ASN F 157 9.36 25.81 -25.18
CA ASN F 157 10.77 25.91 -25.62
C ASN F 157 10.93 25.30 -27.02
N LYS F 158 10.23 24.19 -27.30
CA LYS F 158 10.34 23.46 -28.60
C LYS F 158 9.84 24.36 -29.74
N THR F 159 8.54 24.69 -29.75
CA THR F 159 7.91 25.67 -30.68
C THR F 159 7.61 26.94 -29.89
N LYS F 160 8.33 28.02 -30.18
CA LYS F 160 8.21 29.33 -29.47
C LYS F 160 6.88 29.98 -29.87
N CYS F 161 5.82 29.71 -29.10
CA CYS F 161 4.46 30.28 -29.29
C CYS F 161 3.92 30.74 -27.93
N PRO F 162 3.40 31.99 -27.82
CA PRO F 162 2.94 32.53 -26.54
C PRO F 162 1.71 31.79 -26.01
N ILE F 163 1.74 31.41 -24.72
CA ILE F 163 0.64 30.69 -24.02
C ILE F 163 0.09 31.61 -22.94
N VAL F 164 -1.22 31.90 -22.97
CA VAL F 164 -1.93 32.68 -21.91
C VAL F 164 -2.79 31.71 -21.10
N ILE F 165 -2.21 31.16 -20.02
CA ILE F 165 -2.89 30.19 -19.11
C ILE F 165 -3.79 30.98 -18.16
N PHE F 166 -5.10 30.78 -18.26
CA PHE F 166 -6.14 31.27 -17.31
C PHE F 166 -6.35 30.23 -16.22
N GLY F 167 -6.94 30.64 -15.11
CA GLY F 167 -7.26 29.73 -13.99
C GLY F 167 -7.74 30.48 -12.77
N MET F 168 -8.10 29.73 -11.73
CA MET F 168 -8.52 30.28 -10.42
C MET F 168 -7.28 30.70 -9.63
N PRO F 169 -7.39 31.63 -8.67
CA PRO F 169 -6.23 32.15 -7.95
C PRO F 169 -5.37 31.09 -7.22
N TYR F 170 -5.98 30.01 -6.73
CA TYR F 170 -5.30 28.91 -5.99
C TYR F 170 -4.57 27.98 -6.96
N SER F 171 -4.59 28.26 -8.27
CA SER F 171 -3.74 27.62 -9.30
C SER F 171 -2.33 28.23 -9.29
N LYS F 172 -2.13 29.37 -8.58
CA LYS F 172 -0.81 30.06 -8.44
C LYS F 172 0.24 29.08 -7.93
N VAL F 173 -0.12 28.22 -6.97
CA VAL F 173 0.80 27.23 -6.33
C VAL F 173 1.31 26.22 -7.36
N VAL F 174 0.55 25.99 -8.44
CA VAL F 174 0.96 25.11 -9.59
C VAL F 174 2.09 25.82 -10.35
N LEU F 175 2.03 27.15 -10.46
CA LEU F 175 3.12 27.97 -11.05
C LEU F 175 4.27 28.09 -10.04
N GLN F 176 3.97 28.06 -8.73
CA GLN F 176 5.01 28.02 -7.65
C GLN F 176 5.69 26.65 -7.59
N ALA F 177 5.05 25.58 -8.09
CA ALA F 177 5.57 24.18 -8.06
C ALA F 177 6.82 24.05 -8.94
N ASN F 178 6.79 24.62 -10.15
CA ASN F 178 7.90 24.58 -11.14
C ASN F 178 8.53 25.98 -11.23
N SER F 179 9.78 26.13 -10.78
CA SER F 179 10.54 27.41 -10.71
C SER F 179 10.85 27.93 -12.12
N GLN F 180 11.14 27.02 -13.07
CA GLN F 180 11.38 27.36 -14.51
C GLN F 180 10.09 27.88 -15.13
N LEU F 181 8.96 27.18 -14.92
CA LEU F 181 7.63 27.61 -15.40
C LEU F 181 7.22 28.91 -14.69
N HIS F 182 7.63 29.12 -13.43
CA HIS F 182 7.39 30.38 -12.67
C HIS F 182 8.13 31.54 -13.35
N GLY F 183 9.42 31.34 -13.65
CA GLY F 183 10.29 32.33 -14.32
C GLY F 183 9.79 32.70 -15.71
N ARG F 184 9.15 31.75 -16.41
CA ARG F 184 8.66 31.95 -17.80
C ARG F 184 7.45 32.88 -17.83
N PHE F 185 6.50 32.68 -16.91
CA PHE F 185 5.22 33.45 -16.82
C PHE F 185 5.43 34.68 -15.92
N SER F 186 6.07 35.71 -16.48
CA SER F 186 6.45 36.96 -15.78
C SER F 186 5.22 37.84 -15.55
N ILE F 187 4.44 38.09 -16.60
CA ILE F 187 3.26 39.00 -16.57
C ILE F 187 2.11 38.23 -15.90
N GLN F 188 1.69 38.67 -14.71
CA GLN F 188 0.59 38.07 -13.91
C GLN F 188 -0.41 39.16 -13.54
N VAL F 189 -1.65 39.05 -14.05
CA VAL F 189 -2.76 40.01 -13.78
C VAL F 189 -3.85 39.27 -13.01
N GLU F 190 -4.53 39.97 -12.10
CA GLU F 190 -5.61 39.44 -11.24
C GLU F 190 -6.94 40.08 -11.70
N LEU F 191 -7.76 39.33 -12.42
CA LEU F 191 -9.14 39.74 -12.81
C LEU F 191 -10.07 39.49 -11.62
N ARG F 192 -10.06 40.38 -10.63
CA ARG F 192 -10.82 40.25 -9.37
C ARG F 192 -12.16 40.96 -9.51
N PRO F 193 -13.20 40.56 -8.72
CA PRO F 193 -14.52 41.19 -8.78
C PRO F 193 -14.60 42.69 -8.42
N PHE F 194 -15.81 43.24 -8.50
CA PHE F 194 -16.15 44.66 -8.18
C PHE F 194 -15.95 44.91 -6.68
N SER F 195 -15.58 46.14 -6.33
CA SER F 195 -14.90 46.50 -5.06
C SER F 195 -15.86 47.16 -4.07
N TYR F 196 -16.44 48.32 -4.38
CA TYR F 196 -17.19 49.15 -3.37
C TYR F 196 -18.52 49.67 -3.92
N GLN F 197 -19.40 50.09 -3.00
CA GLN F 197 -20.75 50.60 -3.36
C GLN F 197 -20.86 52.12 -3.20
N GLY F 198 -20.09 52.71 -2.30
CA GLY F 198 -20.06 54.17 -2.03
C GLY F 198 -20.61 55.03 -3.16
N GLY F 199 -20.40 54.64 -4.42
CA GLY F 199 -20.95 55.31 -5.60
C GLY F 199 -19.86 56.03 -6.37
N ARG F 200 -20.11 56.31 -7.65
CA ARG F 200 -19.20 56.99 -8.60
C ARG F 200 -17.92 56.16 -8.75
N GLY F 201 -18.03 54.83 -8.55
CA GLY F 201 -16.96 53.85 -8.78
C GLY F 201 -17.16 53.15 -10.12
N VAL F 202 -16.40 52.09 -10.38
CA VAL F 202 -16.48 51.32 -11.66
C VAL F 202 -17.82 50.56 -11.71
N PHE F 203 -18.37 50.18 -10.55
CA PHE F 203 -19.64 49.41 -10.43
C PHE F 203 -20.83 50.24 -10.94
N LYS F 204 -20.85 51.55 -10.65
CA LYS F 204 -21.97 52.45 -11.03
C LYS F 204 -22.01 52.62 -12.55
N THR F 205 -20.88 52.93 -13.18
CA THR F 205 -20.76 53.17 -14.65
C THR F 205 -20.98 51.85 -15.38
N PHE F 206 -20.52 50.73 -14.79
CA PHE F 206 -20.75 49.36 -15.31
C PHE F 206 -22.26 49.11 -15.40
N LEU F 207 -22.99 49.33 -14.29
CA LEU F 207 -24.47 49.16 -14.24
C LEU F 207 -25.15 50.20 -15.13
N GLU F 208 -24.54 51.38 -15.31
CA GLU F 208 -25.04 52.46 -16.22
C GLU F 208 -25.03 51.94 -17.67
N TYR F 209 -23.91 51.38 -18.13
CA TYR F 209 -23.75 50.87 -19.52
C TYR F 209 -24.55 49.58 -19.72
N LEU F 210 -24.68 48.74 -18.68
CA LEU F 210 -25.50 47.50 -18.72
C LEU F 210 -26.99 47.90 -18.74
N ASP F 211 -27.36 48.98 -18.04
CA ASP F 211 -28.73 49.59 -18.10
C ASP F 211 -29.02 50.02 -19.55
N LYS F 212 -28.04 50.61 -20.23
CA LYS F 212 -28.13 51.00 -21.67
C LYS F 212 -28.37 49.74 -22.52
N ALA F 213 -27.54 48.70 -22.31
CA ALA F 213 -27.46 47.50 -23.17
C ALA F 213 -28.71 46.62 -23.04
N LEU F 214 -29.45 46.70 -21.92
CA LEU F 214 -30.65 45.86 -21.70
C LEU F 214 -31.68 46.16 -22.78
N PRO F 215 -32.48 45.16 -23.22
CA PRO F 215 -33.36 45.32 -24.38
C PRO F 215 -34.64 46.15 -24.15
N PHE F 216 -34.89 46.60 -22.92
CA PHE F 216 -35.99 47.55 -22.58
C PHE F 216 -35.65 48.92 -23.17
N GLU F 217 -36.68 49.71 -23.44
CA GLU F 217 -36.64 50.85 -24.41
C GLU F 217 -36.48 52.19 -23.70
N LYS F 218 -36.80 52.28 -22.40
CA LYS F 218 -37.06 53.58 -21.71
C LYS F 218 -36.10 53.78 -20.52
N GLN F 219 -35.95 52.77 -19.66
CA GLN F 219 -35.03 52.75 -18.49
C GLN F 219 -35.11 51.35 -17.88
N ALA F 220 -34.12 50.92 -17.10
CA ALA F 220 -34.18 49.69 -16.25
C ALA F 220 -33.94 50.02 -14.77
N GLY F 221 -33.58 51.26 -14.44
CA GLY F 221 -33.60 51.81 -13.06
C GLY F 221 -32.31 51.52 -12.31
N LEU F 222 -31.33 50.89 -12.97
CA LEU F 222 -30.05 50.45 -12.35
C LEU F 222 -29.17 51.68 -12.06
N ALA F 223 -28.19 51.50 -11.17
CA ALA F 223 -27.12 52.47 -10.85
C ALA F 223 -27.72 53.76 -10.24
N ASN F 224 -28.79 53.65 -9.45
CA ASN F 224 -29.31 54.73 -8.58
C ASN F 224 -29.03 54.37 -7.12
N GLU F 225 -29.15 55.37 -6.24
CA GLU F 225 -28.87 55.30 -4.78
C GLU F 225 -29.39 53.98 -4.21
N SER F 226 -30.69 53.74 -4.33
CA SER F 226 -31.42 52.60 -3.69
C SER F 226 -30.99 51.28 -4.33
N LEU F 227 -31.19 51.13 -5.64
CA LEU F 227 -31.14 49.81 -6.33
C LEU F 227 -29.70 49.29 -6.40
N GLN F 228 -28.71 50.17 -6.60
CA GLN F 228 -27.27 49.78 -6.65
C GLN F 228 -26.84 49.16 -5.31
N LYS F 229 -27.33 49.71 -4.19
CA LYS F 229 -27.02 49.23 -2.81
C LYS F 229 -27.62 47.82 -2.65
N LYS F 230 -28.87 47.64 -3.08
CA LYS F 230 -29.58 46.34 -3.03
C LYS F 230 -28.89 45.33 -3.96
N LEU F 231 -28.38 45.79 -5.12
CA LEU F 231 -27.73 44.94 -6.16
C LEU F 231 -26.37 44.41 -5.66
N TYR F 232 -25.56 45.27 -5.05
CA TYR F 232 -24.25 44.87 -4.46
C TYR F 232 -24.49 43.98 -3.23
N ALA F 233 -25.54 44.27 -2.46
CA ALA F 233 -25.92 43.49 -1.25
C ALA F 233 -26.28 42.06 -1.66
N PHE F 234 -26.93 41.86 -2.81
CA PHE F 234 -27.30 40.53 -3.35
C PHE F 234 -26.06 39.79 -3.84
N SER F 235 -25.36 40.37 -4.80
CA SER F 235 -24.13 39.82 -5.44
C SER F 235 -22.95 40.71 -5.09
N GLN F 236 -22.03 40.23 -4.25
CA GLN F 236 -20.93 41.05 -3.67
C GLN F 236 -20.13 41.65 -4.82
N GLY F 237 -19.33 40.84 -5.52
CA GLY F 237 -18.69 41.22 -6.80
C GLY F 237 -18.96 40.22 -7.92
N ASN F 238 -19.50 39.04 -7.60
CA ASN F 238 -19.62 37.88 -8.51
C ASN F 238 -20.45 38.30 -9.72
N MET F 239 -19.80 38.51 -10.87
CA MET F 239 -20.40 38.98 -12.15
C MET F 239 -21.53 38.03 -12.56
N ARG F 240 -21.35 36.72 -12.38
CA ARG F 240 -22.29 35.67 -12.88
C ARG F 240 -23.62 35.74 -12.12
N SER F 241 -23.58 35.87 -10.79
CA SER F 241 -24.78 35.91 -9.91
C SER F 241 -25.54 37.23 -10.12
N LEU F 242 -24.83 38.35 -10.31
CA LEU F 242 -25.39 39.66 -10.71
C LEU F 242 -26.10 39.52 -12.05
N ARG F 243 -25.41 39.01 -13.07
CA ARG F 243 -25.93 38.87 -14.46
C ARG F 243 -27.10 37.89 -14.49
N ASN F 244 -27.04 36.82 -13.70
CA ASN F 244 -28.14 35.83 -13.54
C ASN F 244 -29.39 36.54 -13.01
N LEU F 245 -29.27 37.26 -11.89
CA LEU F 245 -30.39 38.03 -11.26
C LEU F 245 -31.00 38.99 -12.29
N ILE F 246 -30.16 39.80 -12.96
CA ILE F 246 -30.58 40.79 -13.99
C ILE F 246 -31.29 40.03 -15.13
N TYR F 247 -30.74 38.89 -15.55
CA TYR F 247 -31.27 38.07 -16.67
C TYR F 247 -32.65 37.53 -16.29
N GLN F 248 -32.79 36.95 -15.10
CA GLN F 248 -34.07 36.34 -14.60
C GLN F 248 -35.12 37.44 -14.41
N ALA F 249 -34.73 38.60 -13.89
CA ALA F 249 -35.59 39.79 -13.70
C ALA F 249 -36.05 40.32 -15.07
N SER F 250 -35.14 40.44 -16.04
CA SER F 250 -35.44 40.94 -17.41
C SER F 250 -36.52 40.06 -18.05
N ILE F 251 -36.26 38.75 -18.14
CA ILE F 251 -37.16 37.75 -18.79
C ILE F 251 -38.47 37.61 -17.98
N GLU F 252 -38.47 37.99 -16.70
CA GLU F 252 -39.71 38.05 -15.86
C GLU F 252 -40.54 39.27 -16.28
N ALA F 253 -39.90 40.42 -16.49
CA ALA F 253 -40.52 41.67 -16.97
C ALA F 253 -40.99 41.52 -18.42
N ILE F 254 -40.30 40.70 -19.22
CA ILE F 254 -40.69 40.42 -20.64
C ILE F 254 -41.94 39.51 -20.65
N ASP F 255 -42.04 38.55 -19.74
CA ASP F 255 -43.12 37.51 -19.71
C ASP F 255 -44.48 38.20 -19.54
N ASN F 256 -44.68 38.90 -18.41
CA ASN F 256 -45.89 39.72 -18.14
C ASN F 256 -45.63 41.14 -18.66
N GLN F 257 -46.25 41.50 -19.79
CA GLN F 257 -45.91 42.71 -20.60
C GLN F 257 -45.82 43.91 -19.66
N HIS F 258 -44.60 44.45 -19.49
CA HIS F 258 -44.27 45.53 -18.52
C HIS F 258 -43.61 46.71 -19.24
N GLU F 259 -43.40 47.79 -18.49
CA GLU F 259 -42.69 49.04 -18.90
C GLU F 259 -41.18 48.79 -18.93
N THR F 260 -40.66 48.25 -17.83
CA THR F 260 -39.21 48.12 -17.54
C THR F 260 -39.01 47.07 -16.44
N ILE F 261 -37.77 46.86 -16.00
CA ILE F 261 -37.42 46.09 -14.77
C ILE F 261 -37.77 46.98 -13.57
N THR F 262 -38.74 46.55 -12.76
CA THR F 262 -39.28 47.26 -11.57
C THR F 262 -38.99 46.42 -10.32
N GLU F 263 -39.47 46.86 -9.15
CA GLU F 263 -39.30 46.16 -7.85
C GLU F 263 -40.52 45.24 -7.61
N GLU F 264 -41.04 44.64 -8.68
CA GLU F 264 -42.21 43.72 -8.72
C GLU F 264 -41.69 42.30 -8.98
N ASP F 265 -40.88 42.16 -10.03
CA ASP F 265 -40.32 40.87 -10.56
C ASP F 265 -38.87 40.67 -10.08
N PHE F 266 -38.21 41.74 -9.60
CA PHE F 266 -36.80 41.72 -9.13
C PHE F 266 -36.69 40.89 -7.85
N VAL F 267 -37.65 41.08 -6.94
CA VAL F 267 -37.84 40.29 -5.70
C VAL F 267 -37.98 38.80 -6.05
N PHE F 268 -38.78 38.46 -7.07
CA PHE F 268 -39.01 37.06 -7.53
C PHE F 268 -37.70 36.48 -8.08
N ALA F 269 -36.94 37.28 -8.85
CA ALA F 269 -35.62 36.92 -9.41
C ALA F 269 -34.59 36.71 -8.30
N SER F 270 -34.69 37.47 -7.21
CA SER F 270 -33.79 37.36 -6.02
C SER F 270 -34.03 36.02 -5.31
N LYS F 271 -35.29 35.67 -5.04
CA LYS F 271 -35.68 34.38 -4.40
C LYS F 271 -35.39 33.21 -5.34
N LEU F 272 -35.36 33.45 -6.67
CA LEU F 272 -35.08 32.40 -7.69
C LEU F 272 -33.59 32.01 -7.67
N THR F 273 -32.68 32.98 -7.75
CA THR F 273 -31.22 32.76 -7.93
C THR F 273 -30.45 33.01 -6.61
N SER F 274 -30.99 32.57 -5.48
CA SER F 274 -30.36 32.70 -4.13
C SER F 274 -30.01 31.32 -3.55
N GLY F 275 -30.01 30.28 -4.38
CA GLY F 275 -29.72 28.89 -3.97
C GLY F 275 -28.26 28.69 -3.61
N ASP F 276 -27.35 29.20 -4.46
CA ASP F 276 -25.87 29.03 -4.34
C ASP F 276 -25.31 29.87 -3.19
N LYS F 277 -26.03 30.91 -2.77
CA LYS F 277 -25.52 31.95 -1.82
C LYS F 277 -25.31 31.32 -0.45
N PRO F 278 -24.27 31.73 0.33
CA PRO F 278 -23.90 31.04 1.56
C PRO F 278 -24.94 31.16 2.69
N ASN F 279 -24.69 30.46 3.81
CA ASN F 279 -25.65 30.20 4.90
C ASN F 279 -26.01 31.51 5.62
N SER F 280 -25.01 32.33 5.95
CA SER F 280 -25.15 33.57 6.77
C SER F 280 -25.56 34.78 5.92
N TRP F 281 -25.49 34.67 4.59
CA TRP F 281 -25.90 35.74 3.63
C TRP F 281 -27.40 35.99 3.73
N LYS F 282 -27.83 37.26 3.66
CA LYS F 282 -29.28 37.65 3.68
C LYS F 282 -29.67 38.22 2.31
N ASN F 283 -30.86 37.85 1.83
CA ASN F 283 -31.48 38.38 0.58
C ASN F 283 -31.97 39.80 0.88
N PRO F 284 -31.40 40.87 0.26
CA PRO F 284 -31.76 42.24 0.61
C PRO F 284 -33.06 42.78 -0.01
N PHE F 285 -33.95 41.92 -0.52
CA PHE F 285 -35.09 42.32 -1.39
C PHE F 285 -36.45 41.96 -0.78
N GLU F 286 -36.51 41.09 0.23
CA GLU F 286 -37.72 40.27 0.53
C GLU F 286 -38.82 41.17 1.14
N GLU F 287 -38.76 41.52 2.43
CA GLU F 287 -39.82 42.32 3.11
C GLU F 287 -39.22 43.58 3.78
N GLY F 288 -38.18 43.44 4.59
CA GLY F 288 -37.66 44.54 5.45
C GLY F 288 -36.20 44.40 5.78
N VAL F 289 -35.36 44.07 4.79
CA VAL F 289 -33.88 43.92 4.95
C VAL F 289 -33.23 45.28 4.68
N GLU F 290 -33.20 46.13 5.72
CA GLU F 290 -32.41 47.39 5.81
C GLU F 290 -30.95 47.04 5.47
N VAL F 291 -30.48 47.44 4.29
CA VAL F 291 -29.11 47.11 3.76
C VAL F 291 -28.08 47.83 4.63
N THR F 292 -27.16 47.06 5.22
CA THR F 292 -26.25 47.49 6.32
C THR F 292 -24.88 47.86 5.77
N GLU F 293 -24.05 48.46 6.63
CA GLU F 293 -22.62 48.79 6.39
C GLU F 293 -21.83 47.49 6.20
N ASP F 294 -22.12 46.49 7.03
CA ASP F 294 -21.40 45.19 7.12
C ASP F 294 -21.59 44.36 5.84
N MET F 295 -22.67 44.57 5.07
CA MET F 295 -22.97 43.84 3.82
C MET F 295 -22.06 44.32 2.68
N LEU F 296 -21.69 45.61 2.66
CA LEU F 296 -21.08 46.31 1.50
C LEU F 296 -19.56 46.44 1.64
N ARG F 297 -18.90 45.52 2.36
CA ARG F 297 -17.41 45.52 2.49
C ARG F 297 -16.83 44.97 1.19
N PRO F 298 -15.63 45.40 0.76
CA PRO F 298 -15.01 44.87 -0.45
C PRO F 298 -14.71 43.38 -0.35
N PRO F 299 -14.67 42.64 -1.49
CA PRO F 299 -14.39 41.20 -1.47
C PRO F 299 -13.00 40.90 -0.90
N PRO F 300 -12.80 39.77 -0.20
CA PRO F 300 -11.52 39.48 0.47
C PRO F 300 -10.35 39.25 -0.51
N LYS F 301 -9.15 39.11 0.04
CA LYS F 301 -7.90 38.80 -0.74
C LYS F 301 -7.99 37.36 -1.27
N ASP F 302 -8.31 36.41 -0.38
CA ASP F 302 -8.39 34.95 -0.68
C ASP F 302 -9.83 34.62 -1.08
N ILE F 303 -10.32 35.26 -2.15
CA ILE F 303 -11.73 35.14 -2.64
C ILE F 303 -11.88 33.83 -3.42
N GLY F 304 -10.88 33.46 -4.23
CA GLY F 304 -10.87 32.25 -5.06
C GLY F 304 -9.90 31.19 -4.55
N TRP F 305 -9.58 31.20 -3.25
CA TRP F 305 -8.59 30.28 -2.61
C TRP F 305 -9.28 29.21 -1.75
N GLU F 306 -10.58 29.40 -1.44
CA GLU F 306 -11.27 28.77 -0.28
C GLU F 306 -11.27 27.24 -0.42
N ASP F 307 -11.44 26.72 -1.64
CA ASP F 307 -11.42 25.27 -1.97
C ASP F 307 -10.06 24.65 -1.65
N TYR F 308 -8.96 25.41 -1.82
CA TYR F 308 -7.58 25.00 -1.45
C TYR F 308 -7.42 25.06 0.08
N LEU F 309 -8.06 26.03 0.74
CA LEU F 309 -8.02 26.24 2.22
C LEU F 309 -8.94 25.25 2.94
N ARG F 310 -9.87 24.61 2.21
CA ARG F 310 -10.91 23.70 2.78
C ARG F 310 -10.28 22.40 3.31
N HIS F 311 -9.19 21.94 2.69
CA HIS F 311 -8.47 20.68 3.03
C HIS F 311 -7.35 20.96 4.02
N THR G 1 2.79 55.23 -19.13
CA THR G 1 3.48 54.23 -18.23
C THR G 1 4.91 53.97 -18.73
N ARG G 2 5.05 53.55 -19.99
CA ARG G 2 6.32 53.08 -20.61
C ARG G 2 6.87 51.91 -19.78
N GLU G 3 6.25 50.73 -19.94
CA GLU G 3 6.65 49.44 -19.33
C GLU G 3 8.13 49.09 -19.63
N ALA G 4 8.72 49.65 -20.69
CA ALA G 4 10.19 49.61 -20.96
C ALA G 4 10.95 50.27 -19.80
N ARG G 5 10.51 51.46 -19.36
CA ARG G 5 11.05 52.22 -18.20
C ARG G 5 10.77 51.46 -16.90
N ILE G 6 9.61 50.79 -16.81
CA ILE G 6 9.16 50.01 -15.61
C ILE G 6 10.07 48.78 -15.46
N SER G 7 10.31 48.04 -16.56
CA SER G 7 11.21 46.86 -16.61
C SER G 7 12.66 47.29 -16.36
N ARG G 8 13.05 48.50 -16.78
CA ARG G 8 14.39 49.11 -16.51
C ARG G 8 14.54 49.39 -15.01
N ALA G 9 13.48 49.85 -14.34
CA ALA G 9 13.45 50.09 -12.87
C ALA G 9 13.47 48.75 -12.12
N LYS G 10 12.82 47.71 -12.65
CA LYS G 10 12.69 46.37 -12.00
C LYS G 10 14.00 45.57 -12.18
N ARG G 11 14.53 45.53 -13.40
CA ARG G 11 15.82 44.84 -13.75
C ARG G 11 16.96 45.85 -13.59
N ALA G 12 17.39 46.07 -12.35
CA ALA G 12 18.57 46.88 -11.97
C ALA G 12 19.52 45.98 -11.17
N PHE G 13 20.68 45.63 -11.74
CA PHE G 13 21.77 44.86 -11.07
C PHE G 13 22.96 45.77 -10.80
N VAL G 14 23.35 45.88 -9.53
CA VAL G 14 24.58 46.60 -9.04
C VAL G 14 25.50 45.58 -8.36
N SER G 15 26.72 45.38 -8.89
CA SER G 15 27.70 44.40 -8.37
C SER G 15 28.40 44.95 -7.12
N THR G 16 28.11 44.37 -5.96
CA THR G 16 28.85 44.59 -4.69
C THR G 16 30.14 43.76 -4.73
N PRO G 17 31.17 44.10 -3.92
CA PRO G 17 32.37 43.26 -3.79
C PRO G 17 32.11 41.81 -3.34
N SER G 18 31.09 41.59 -2.49
CA SER G 18 30.68 40.25 -2.00
C SER G 18 30.18 39.39 -3.17
N VAL G 19 29.39 39.97 -4.08
CA VAL G 19 28.83 39.29 -5.28
C VAL G 19 29.99 38.95 -6.24
N ARG G 20 30.90 39.90 -6.47
CA ARG G 20 32.10 39.73 -7.34
C ARG G 20 33.04 38.68 -6.74
N LYS G 21 33.10 38.59 -5.41
CA LYS G 21 33.83 37.51 -4.69
C LYS G 21 33.20 36.15 -5.01
N ILE G 22 31.86 36.04 -4.92
CA ILE G 22 31.09 34.80 -5.20
C ILE G 22 31.29 34.41 -6.68
N LEU G 23 31.17 35.38 -7.61
CA LEU G 23 31.29 35.14 -9.07
C LEU G 23 32.72 34.69 -9.43
N SER G 24 33.74 35.31 -8.83
CA SER G 24 35.17 34.94 -9.05
C SER G 24 35.42 33.50 -8.56
N TYR G 25 34.88 33.16 -7.39
CA TYR G 25 34.98 31.79 -6.80
C TYR G 25 34.19 30.78 -7.63
N MET G 26 33.03 31.16 -8.18
CA MET G 26 32.20 30.28 -9.06
C MET G 26 32.98 29.97 -10.35
N ASP G 27 33.54 30.98 -11.00
CA ASP G 27 34.39 30.85 -12.22
C ASP G 27 35.62 29.98 -11.89
N ARG G 28 36.18 30.16 -10.69
CA ARG G 28 37.33 29.37 -10.17
C ARG G 28 36.92 27.90 -10.01
N CYS G 29 35.81 27.64 -9.32
CA CYS G 29 35.24 26.29 -9.04
C CYS G 29 35.04 25.52 -10.36
N ARG G 30 34.52 26.19 -11.40
CA ARG G 30 34.26 25.58 -12.73
C ARG G 30 35.58 25.25 -13.43
N ASP G 31 36.46 26.24 -13.58
CA ASP G 31 37.70 26.15 -14.42
C ASP G 31 38.77 25.27 -13.77
N LEU G 32 38.62 24.87 -12.50
CA LEU G 32 39.62 24.01 -11.79
C LEU G 32 39.35 22.53 -12.02
N SER G 33 38.07 22.10 -12.10
CA SER G 33 37.67 20.69 -12.31
C SER G 33 38.02 20.25 -13.74
N ASP G 34 38.86 19.21 -13.86
CA ASP G 34 39.24 18.56 -15.14
C ASP G 34 38.29 17.40 -15.45
N LEU G 35 37.33 17.12 -14.54
CA LEU G 35 36.27 16.08 -14.64
C LEU G 35 36.87 14.67 -14.66
N GLU G 36 38.10 14.49 -14.16
CA GLU G 36 38.72 13.18 -13.83
C GLU G 36 38.90 13.08 -12.31
N SER G 37 39.58 14.07 -11.71
CA SER G 37 39.86 14.17 -10.25
C SER G 37 38.66 14.78 -9.51
N GLU G 38 38.71 14.79 -8.18
CA GLU G 38 37.61 15.27 -7.30
C GLU G 38 37.45 16.78 -7.45
N PRO G 39 36.24 17.29 -7.76
CA PRO G 39 36.03 18.72 -7.95
C PRO G 39 36.06 19.52 -6.62
N THR G 40 35.91 20.84 -6.73
CA THR G 40 36.24 21.82 -5.65
C THR G 40 35.05 21.97 -4.69
N CYS G 41 33.84 22.12 -5.22
CA CYS G 41 32.55 22.05 -4.47
C CYS G 41 32.48 23.18 -3.44
N MET G 42 32.02 24.37 -3.85
CA MET G 42 31.79 25.53 -2.95
C MET G 42 30.39 25.40 -2.33
N MET G 43 30.23 25.85 -1.08
CA MET G 43 28.91 26.10 -0.42
C MET G 43 28.78 27.61 -0.22
N VAL G 44 27.68 28.20 -0.70
CA VAL G 44 27.35 29.64 -0.49
C VAL G 44 26.11 29.73 0.39
N TYR G 45 26.26 30.26 1.62
CA TYR G 45 25.15 30.59 2.54
C TYR G 45 24.59 31.97 2.17
N GLY G 46 23.55 32.41 2.88
CA GLY G 46 22.93 33.73 2.68
C GLY G 46 21.48 33.75 3.16
N ALA G 47 21.07 34.84 3.83
CA ALA G 47 19.79 34.99 4.54
C ALA G 47 18.61 35.10 3.54
N SER G 48 17.42 35.42 4.04
CA SER G 48 16.17 35.57 3.24
C SER G 48 16.19 36.91 2.50
N GLY G 49 16.58 36.89 1.22
CA GLY G 49 16.49 38.05 0.31
C GLY G 49 17.77 38.87 0.26
N VAL G 50 18.93 38.22 0.17
CA VAL G 50 20.28 38.87 0.07
C VAL G 50 20.63 39.10 -1.41
N GLY G 51 20.07 38.30 -2.31
CA GLY G 51 20.33 38.34 -3.76
C GLY G 51 21.12 37.13 -4.24
N LYS G 52 20.79 35.94 -3.73
CA LYS G 52 21.42 34.65 -4.15
C LYS G 52 20.93 34.28 -5.55
N THR G 53 19.61 34.26 -5.76
CA THR G 53 18.96 33.89 -7.06
C THR G 53 19.45 34.83 -8.17
N THR G 54 19.60 36.13 -7.86
CA THR G 54 20.14 37.17 -8.78
C THR G 54 21.59 36.84 -9.15
N VAL G 55 22.40 36.37 -8.18
CA VAL G 55 23.80 35.94 -8.38
C VAL G 55 23.81 34.75 -9.36
N ILE G 56 22.96 33.75 -9.13
CA ILE G 56 22.89 32.51 -9.96
C ILE G 56 22.42 32.91 -11.37
N LYS G 57 21.44 33.82 -11.47
CA LYS G 57 20.89 34.28 -12.78
C LYS G 57 21.94 35.10 -13.53
N LYS G 58 22.67 35.99 -12.83
CA LYS G 58 23.77 36.80 -13.42
C LYS G 58 24.86 35.87 -13.94
N TYR G 59 25.24 34.86 -13.14
CA TYR G 59 26.27 33.85 -13.53
C TYR G 59 25.78 33.04 -14.74
N LEU G 60 24.54 32.54 -14.68
CA LEU G 60 23.90 31.73 -15.76
C LEU G 60 24.01 32.46 -17.10
N ASN G 61 23.56 33.73 -17.14
CA ASN G 61 23.61 34.60 -18.34
C ASN G 61 25.07 34.76 -18.80
N GLN G 62 25.96 35.19 -17.91
CA GLN G 62 27.35 35.58 -18.26
C GLN G 62 28.18 34.33 -18.63
N ALA G 63 27.76 33.13 -18.23
CA ALA G 63 28.44 31.85 -18.55
C ALA G 63 27.82 31.22 -19.82
N ALA G 64 26.52 30.89 -19.79
CA ALA G 64 25.91 29.86 -20.67
C ALA G 64 25.02 30.44 -21.78
N ALA G 65 24.96 31.76 -21.96
CA ALA G 65 24.07 32.42 -22.95
C ALA G 65 24.43 32.00 -24.38
N ALA G 66 25.67 32.29 -24.82
CA ALA G 66 26.17 32.03 -26.19
C ALA G 66 26.28 30.52 -26.47
N ALA G 67 26.66 29.73 -25.45
CA ALA G 67 26.84 28.25 -25.55
C ALA G 67 25.47 27.56 -25.71
N ALA G 68 24.44 28.03 -25.00
CA ALA G 68 23.03 27.57 -25.15
C ALA G 68 22.48 28.03 -26.51
N ALA G 69 22.89 29.21 -26.99
CA ALA G 69 22.52 29.77 -28.31
C ALA G 69 23.19 28.97 -29.44
N GLY G 70 24.40 28.43 -29.20
CA GLY G 70 25.15 27.58 -30.15
C GLY G 70 24.42 26.28 -30.45
N GLY G 71 23.96 25.57 -29.42
CA GLY G 71 23.20 24.30 -29.54
C GLY G 71 22.83 23.72 -28.18
N ASP G 72 22.33 22.48 -28.17
CA ASP G 72 22.00 21.71 -26.95
C ASP G 72 23.31 21.24 -26.31
N ILE G 73 23.90 22.09 -25.45
CA ILE G 73 25.17 21.83 -24.71
C ILE G 73 24.92 21.93 -23.20
N ILE G 74 24.22 22.99 -22.74
CA ILE G 74 23.87 23.29 -21.31
C ILE G 74 25.07 22.99 -20.40
N PRO G 75 26.09 23.89 -20.36
CA PRO G 75 27.32 23.64 -19.61
C PRO G 75 27.09 23.72 -18.09
N VAL G 76 26.42 24.78 -17.62
CA VAL G 76 26.06 24.98 -16.18
C VAL G 76 24.55 24.78 -16.02
N LEU G 77 24.13 24.33 -14.84
CA LEU G 77 22.70 24.04 -14.49
C LEU G 77 22.24 25.00 -13.39
N HIS G 78 20.92 24.98 -13.13
CA HIS G 78 20.27 25.68 -12.00
C HIS G 78 19.14 24.78 -11.47
N ILE G 79 19.33 24.25 -10.26
CA ILE G 79 18.41 23.28 -9.62
C ILE G 79 17.86 23.91 -8.34
N GLU G 80 16.53 23.85 -8.17
CA GLU G 80 15.81 24.27 -6.95
C GLU G 80 15.12 23.02 -6.38
N LEU G 81 15.67 22.46 -5.29
CA LEU G 81 15.12 21.24 -4.64
C LEU G 81 13.67 21.47 -4.27
N PRO G 82 12.82 20.42 -4.28
CA PRO G 82 11.49 20.50 -3.67
C PRO G 82 11.61 20.43 -2.13
N ASP G 83 10.52 20.73 -1.41
CA ASP G 83 10.45 20.72 0.07
C ASP G 83 10.31 19.28 0.56
N ASN G 84 11.08 18.90 1.59
CA ASN G 84 11.19 17.52 2.13
C ASN G 84 11.52 16.57 0.98
N ALA G 85 12.60 16.86 0.26
CA ALA G 85 13.03 16.14 -0.97
C ALA G 85 13.52 14.74 -0.63
N LYS G 86 13.07 13.74 -1.40
CA LYS G 86 13.68 12.38 -1.46
C LYS G 86 14.77 12.41 -2.53
N PRO G 87 15.78 11.50 -2.47
CA PRO G 87 16.80 11.43 -3.50
C PRO G 87 16.22 11.25 -4.91
N VAL G 88 15.18 10.42 -5.07
CA VAL G 88 14.49 10.13 -6.37
C VAL G 88 13.83 11.41 -6.90
N ASP G 89 13.25 12.25 -6.03
CA ASP G 89 12.53 13.51 -6.38
C ASP G 89 13.54 14.53 -6.94
N ALA G 90 14.58 14.84 -6.16
CA ALA G 90 15.67 15.78 -6.53
C ALA G 90 16.48 15.23 -7.71
N ALA G 91 16.63 13.90 -7.80
CA ALA G 91 17.32 13.20 -8.92
C ALA G 91 16.56 13.39 -10.23
N ARG G 92 15.24 13.17 -10.24
CA ARG G 92 14.41 13.29 -11.47
C ARG G 92 14.22 14.76 -11.84
N GLU G 93 14.21 15.67 -10.85
CA GLU G 93 14.12 17.15 -11.08
C GLU G 93 15.40 17.61 -11.80
N LEU G 94 16.58 17.16 -11.32
CA LEU G 94 17.92 17.34 -11.95
C LEU G 94 17.90 16.80 -13.38
N LEU G 95 17.25 15.65 -13.59
CA LEU G 95 17.14 14.96 -14.90
C LEU G 95 16.26 15.76 -15.86
N VAL G 96 15.02 16.10 -15.48
CA VAL G 96 14.02 16.75 -16.38
C VAL G 96 14.43 18.20 -16.65
N GLU G 97 15.20 18.83 -15.77
CA GLU G 97 15.77 20.19 -15.99
C GLU G 97 16.90 20.08 -17.02
N MET G 98 17.82 19.13 -16.83
CA MET G 98 19.02 18.91 -17.69
C MET G 98 18.58 18.26 -19.02
N GLY G 99 18.72 18.97 -20.14
CA GLY G 99 18.36 18.46 -21.48
C GLY G 99 16.88 18.10 -21.58
N ASP G 100 16.54 17.05 -22.33
CA ASP G 100 15.15 16.59 -22.54
C ASP G 100 15.11 15.06 -22.56
N PRO G 101 15.19 14.39 -21.39
CA PRO G 101 14.66 13.03 -21.23
C PRO G 101 13.15 13.08 -20.91
N LEU G 102 12.52 11.91 -20.72
CA LEU G 102 11.17 11.83 -20.08
C LEU G 102 11.39 11.81 -18.56
N ALA G 103 11.99 10.74 -18.01
CA ALA G 103 12.73 10.70 -16.73
C ALA G 103 11.84 10.84 -15.48
N LEU G 104 10.56 11.23 -15.60
CA LEU G 104 9.67 11.52 -14.44
C LEU G 104 8.42 10.62 -14.45
N TYR G 105 8.43 9.51 -15.22
CA TYR G 105 7.39 8.45 -15.20
C TYR G 105 7.93 7.23 -14.45
N GLU G 106 9.11 6.74 -14.88
CA GLU G 106 9.80 5.55 -14.29
C GLU G 106 10.67 6.03 -13.12
N THR G 107 10.13 5.98 -11.90
CA THR G 107 10.79 6.36 -10.62
C THR G 107 11.25 5.08 -9.91
N ASP G 108 12.51 4.69 -10.12
CA ASP G 108 13.14 3.53 -9.42
C ASP G 108 14.49 3.92 -8.81
N LEU G 109 14.91 5.20 -8.93
CA LEU G 109 16.05 5.82 -8.19
C LEU G 109 17.41 5.31 -8.69
N ALA G 110 17.52 4.04 -9.14
CA ALA G 110 18.78 3.36 -9.52
C ALA G 110 19.04 3.53 -11.03
N ARG G 111 18.03 3.25 -11.85
CA ARG G 111 18.12 3.32 -13.35
C ARG G 111 18.14 4.78 -13.81
N LEU G 112 17.49 5.69 -13.09
CA LEU G 112 17.55 7.15 -13.38
C LEU G 112 18.87 7.75 -12.84
N THR G 113 19.46 7.18 -11.79
CA THR G 113 20.87 7.49 -11.38
C THR G 113 21.80 7.07 -12.52
N LYS G 114 21.60 5.87 -13.09
CA LYS G 114 22.39 5.37 -14.25
C LYS G 114 22.15 6.27 -15.47
N ARG G 115 20.91 6.72 -15.67
CA ARG G 115 20.53 7.61 -16.80
C ARG G 115 21.31 8.92 -16.74
N LEU G 116 21.29 9.61 -15.59
CA LEU G 116 21.90 10.98 -15.48
C LEU G 116 23.44 10.87 -15.42
N THR G 117 23.99 9.74 -14.94
CA THR G 117 25.46 9.44 -15.07
C THR G 117 25.80 9.09 -16.53
N GLU G 118 24.87 8.46 -17.26
CA GLU G 118 25.01 8.25 -18.73
C GLU G 118 24.96 9.60 -19.46
N LEU G 119 24.15 10.56 -18.98
CA LEU G 119 23.77 11.80 -19.72
C LEU G 119 24.64 13.02 -19.32
N ILE G 120 25.25 13.06 -18.13
CA ILE G 120 25.98 14.27 -17.63
C ILE G 120 27.23 14.51 -18.49
N PRO G 121 28.11 13.51 -18.77
CA PRO G 121 29.20 13.70 -19.74
C PRO G 121 28.76 13.73 -21.21
N ALA G 122 27.53 13.26 -21.52
CA ALA G 122 26.97 13.20 -22.89
C ALA G 122 26.72 14.62 -23.43
N VAL G 123 25.95 15.43 -22.69
CA VAL G 123 25.60 16.84 -23.06
C VAL G 123 26.80 17.75 -22.77
N GLY G 124 27.61 17.43 -21.75
CA GLY G 124 28.81 18.19 -21.35
C GLY G 124 28.50 19.15 -20.22
N VAL G 125 28.05 18.63 -19.09
CA VAL G 125 27.79 19.40 -17.83
C VAL G 125 29.15 19.76 -17.21
N LYS G 126 29.36 21.04 -16.95
CA LYS G 126 30.61 21.61 -16.36
C LYS G 126 30.39 21.95 -14.88
N LEU G 127 29.16 22.32 -14.49
CA LEU G 127 28.82 22.78 -13.12
C LEU G 127 27.35 22.48 -12.82
N ILE G 128 27.05 22.14 -11.56
CA ILE G 128 25.66 21.98 -11.03
C ILE G 128 25.49 23.02 -9.91
N ILE G 129 24.48 23.88 -10.05
CA ILE G 129 24.13 24.92 -9.03
C ILE G 129 22.78 24.55 -8.41
N ILE G 130 22.81 24.11 -7.14
CA ILE G 130 21.61 23.78 -6.32
C ILE G 130 21.28 25.01 -5.47
N ASP G 131 20.03 25.48 -5.51
CA ASP G 131 19.61 26.79 -4.95
C ASP G 131 19.09 26.60 -3.51
N GLU G 132 18.23 25.61 -3.29
CA GLU G 132 17.60 25.33 -1.97
C GLU G 132 18.29 24.11 -1.33
N PHE G 133 18.98 24.32 -0.20
CA PHE G 133 19.58 23.25 0.63
C PHE G 133 18.99 23.23 2.05
N GLN G 134 18.08 24.15 2.39
CA GLN G 134 17.39 24.21 3.72
C GLN G 134 16.13 23.34 3.71
N HIS G 135 15.74 22.81 2.54
CA HIS G 135 14.56 21.90 2.38
C HIS G 135 14.81 20.52 3.00
N LEU G 136 16.09 20.16 3.24
CA LEU G 136 16.51 18.85 3.81
C LEU G 136 16.37 18.88 5.34
N VAL G 137 16.07 20.05 5.92
CA VAL G 137 15.63 20.21 7.33
C VAL G 137 14.13 19.92 7.38
N GLU G 138 13.70 18.98 8.23
CA GLU G 138 12.26 18.66 8.43
C GLU G 138 11.62 19.86 9.16
N GLU G 139 10.32 20.08 8.94
CA GLU G 139 9.64 21.38 9.21
C GLU G 139 9.55 21.62 10.72
N ARG G 140 8.89 20.71 11.45
CA ARG G 140 8.42 20.89 12.85
C ARG G 140 9.39 20.23 13.82
N SER G 141 9.92 19.04 13.50
CA SER G 141 11.06 18.39 14.20
C SER G 141 12.37 18.98 13.65
N ASN G 142 13.51 18.66 14.27
CA ASN G 142 14.84 19.23 13.94
C ASN G 142 15.80 18.13 13.45
N ARG G 143 15.29 16.98 12.97
CA ARG G 143 16.11 15.98 12.22
C ARG G 143 16.34 16.55 10.82
N VAL G 144 17.52 16.29 10.26
CA VAL G 144 17.92 16.69 8.87
C VAL G 144 18.15 15.40 8.07
N LEU G 145 17.19 15.06 7.20
CA LEU G 145 17.13 13.77 6.46
C LEU G 145 18.27 13.71 5.44
N THR G 146 19.20 12.76 5.62
CA THR G 146 20.55 12.71 5.00
C THR G 146 20.57 11.82 3.75
N GLN G 147 19.41 11.53 3.15
CA GLN G 147 19.29 10.63 1.97
C GLN G 147 19.74 11.39 0.71
N VAL G 148 19.35 12.66 0.59
CA VAL G 148 19.69 13.55 -0.57
C VAL G 148 21.16 13.94 -0.46
N GLY G 149 21.66 14.23 0.75
CA GLY G 149 23.07 14.56 1.03
C GLY G 149 24.01 13.42 0.66
N ASN G 150 23.67 12.19 1.03
CA ASN G 150 24.44 10.96 0.70
C ASN G 150 24.36 10.69 -0.80
N TRP G 151 23.19 10.92 -1.42
CA TRP G 151 23.00 10.78 -2.89
C TRP G 151 23.85 11.83 -3.63
N LEU G 152 23.94 13.05 -3.09
CA LEU G 152 24.80 14.14 -3.67
C LEU G 152 26.28 13.72 -3.59
N LYS G 153 26.70 13.13 -2.47
CA LYS G 153 28.06 12.54 -2.30
C LYS G 153 28.26 11.43 -3.34
N MET G 154 27.25 10.57 -3.52
CA MET G 154 27.24 9.45 -4.51
C MET G 154 27.47 10.00 -5.92
N ILE G 155 26.60 10.92 -6.37
CA ILE G 155 26.66 11.52 -7.74
C ILE G 155 27.95 12.34 -7.89
N LEU G 156 28.47 12.94 -6.81
CA LEU G 156 29.76 13.70 -6.85
C LEU G 156 30.93 12.73 -7.13
N ASN G 157 30.96 11.58 -6.44
CA ASN G 157 32.06 10.58 -6.56
C ASN G 157 31.91 9.79 -7.86
N LYS G 158 30.68 9.53 -8.31
CA LYS G 158 30.41 8.70 -9.53
C LYS G 158 30.85 9.46 -10.79
N THR G 159 30.26 10.63 -11.05
CA THR G 159 30.69 11.58 -12.12
C THR G 159 31.29 12.82 -11.45
N LYS G 160 32.60 13.04 -11.62
CA LYS G 160 33.35 14.14 -10.96
C LYS G 160 32.97 15.46 -11.63
N CYS G 161 31.95 16.14 -11.10
CA CYS G 161 31.44 17.45 -11.58
C CYS G 161 31.20 18.37 -10.40
N PRO G 162 31.72 19.62 -10.41
CA PRO G 162 31.62 20.52 -9.26
C PRO G 162 30.18 20.95 -9.00
N ILE G 163 29.75 20.89 -7.74
CA ILE G 163 28.37 21.28 -7.29
C ILE G 163 28.51 22.49 -6.36
N VAL G 164 27.82 23.59 -6.68
CA VAL G 164 27.74 24.81 -5.82
C VAL G 164 26.35 24.85 -5.19
N ILE G 165 26.20 24.24 -4.02
CA ILE G 165 24.91 24.19 -3.25
C ILE G 165 24.74 25.53 -2.53
N PHE G 166 23.73 26.31 -2.92
CA PHE G 166 23.25 27.53 -2.23
C PHE G 166 22.24 27.11 -1.15
N GLY G 167 21.97 28.00 -0.20
CA GLY G 167 20.96 27.79 0.83
C GLY G 167 20.99 28.84 1.91
N MET G 168 20.03 28.77 2.83
CA MET G 168 19.94 29.67 4.01
C MET G 168 20.96 29.21 5.05
N PRO G 169 21.42 30.10 5.97
CA PRO G 169 22.50 29.76 6.91
C PRO G 169 22.23 28.58 7.84
N TYR G 170 20.97 28.32 8.21
CA TYR G 170 20.55 27.19 9.09
C TYR G 170 20.53 25.86 8.33
N SER G 171 20.87 25.87 7.03
CA SER G 171 21.14 24.65 6.21
C SER G 171 22.55 24.11 6.48
N LYS G 172 23.41 24.85 7.20
CA LYS G 172 24.78 24.43 7.61
C LYS G 172 24.73 23.10 8.36
N VAL G 173 23.74 22.91 9.23
CA VAL G 173 23.57 21.69 10.09
C VAL G 173 23.33 20.46 9.21
N VAL G 174 22.78 20.64 7.99
CA VAL G 174 22.59 19.54 6.99
C VAL G 174 23.98 19.10 6.50
N LEU G 175 24.90 20.06 6.30
CA LEU G 175 26.31 19.77 5.95
C LEU G 175 27.03 19.21 7.18
N GLN G 176 26.65 19.64 8.39
CA GLN G 176 27.18 19.08 9.68
C GLN G 176 26.65 17.67 9.94
N ALA G 177 25.52 17.28 9.33
CA ALA G 177 24.87 15.95 9.50
C ALA G 177 25.76 14.84 8.91
N ASN G 178 26.34 15.06 7.73
CA ASN G 178 27.19 14.08 7.00
C ASN G 178 28.65 14.57 7.01
N SER G 179 29.53 13.86 7.73
CA SER G 179 30.96 14.21 7.93
C SER G 179 31.75 14.13 6.62
N GLN G 180 31.39 13.19 5.74
CA GLN G 180 32.00 13.03 4.39
C GLN G 180 31.61 14.22 3.50
N LEU G 181 30.31 14.53 3.45
CA LEU G 181 29.77 15.70 2.68
C LEU G 181 30.30 17.00 3.29
N HIS G 182 30.58 17.04 4.60
CA HIS G 182 31.20 18.21 5.28
C HIS G 182 32.64 18.40 4.78
N GLY G 183 33.41 17.31 4.73
CA GLY G 183 34.81 17.28 4.26
C GLY G 183 34.94 17.63 2.77
N ARG G 184 33.92 17.33 1.97
CA ARG G 184 33.91 17.57 0.50
C ARG G 184 33.76 19.07 0.23
N PHE G 185 32.78 19.73 0.86
CA PHE G 185 32.49 21.18 0.72
C PHE G 185 33.40 21.97 1.67
N SER G 186 34.62 22.25 1.21
CA SER G 186 35.69 22.98 1.96
C SER G 186 35.43 24.49 1.89
N ILE G 187 35.26 25.02 0.68
CA ILE G 187 35.08 26.49 0.43
C ILE G 187 33.64 26.86 0.83
N GLN G 188 33.50 27.63 1.91
CA GLN G 188 32.21 28.13 2.45
C GLN G 188 32.26 29.67 2.56
N VAL G 189 31.42 30.37 1.80
CA VAL G 189 31.31 31.86 1.79
C VAL G 189 29.92 32.24 2.33
N GLU G 190 29.85 33.36 3.06
CA GLU G 190 28.60 33.90 3.68
C GLU G 190 28.23 35.20 2.96
N LEU G 191 27.26 35.13 2.04
CA LEU G 191 26.65 36.31 1.36
C LEU G 191 25.67 36.96 2.33
N ARG G 192 26.17 37.76 3.27
CA ARG G 192 25.36 38.39 4.36
C ARG G 192 24.97 39.81 3.94
N PRO G 193 23.85 40.37 4.47
CA PRO G 193 23.40 41.71 4.11
C PRO G 193 24.34 42.88 4.45
N PHE G 194 23.92 44.10 4.08
CA PHE G 194 24.65 45.37 4.30
C PHE G 194 24.77 45.65 5.80
N SER G 195 25.88 46.30 6.21
CA SER G 195 26.43 46.26 7.58
C SER G 195 26.12 47.57 8.36
N TYR G 196 26.57 48.74 7.89
CA TYR G 196 26.51 50.00 8.68
C TYR G 196 26.02 51.19 7.86
N GLN G 197 25.68 52.26 8.58
CA GLN G 197 25.01 53.51 8.12
C GLN G 197 26.00 54.69 8.11
N GLY G 198 26.98 54.69 9.02
CA GLY G 198 27.98 55.76 9.28
C GLY G 198 28.47 56.50 8.05
N GLY G 199 28.36 55.92 6.85
CA GLY G 199 28.65 56.59 5.57
C GLY G 199 30.04 56.24 5.06
N ARG G 200 30.23 56.33 3.74
CA ARG G 200 31.48 56.02 3.01
C ARG G 200 31.77 54.51 3.14
N GLY G 201 30.72 53.71 3.34
CA GLY G 201 30.77 52.23 3.37
C GLY G 201 30.33 51.67 2.04
N VAL G 202 30.13 50.36 1.96
CA VAL G 202 29.71 49.65 0.72
C VAL G 202 28.25 50.03 0.38
N PHE G 203 27.44 50.36 1.39
CA PHE G 203 25.99 50.73 1.25
C PHE G 203 25.86 52.03 0.46
N LYS G 204 26.71 53.03 0.74
CA LYS G 204 26.67 54.38 0.11
C LYS G 204 26.95 54.25 -1.40
N THR G 205 28.05 53.59 -1.76
CA THR G 205 28.52 53.43 -3.18
C THR G 205 27.56 52.50 -3.93
N PHE G 206 26.95 51.54 -3.22
CA PHE G 206 25.90 50.64 -3.76
C PHE G 206 24.68 51.50 -4.17
N LEU G 207 24.17 52.33 -3.25
CA LEU G 207 23.04 53.26 -3.51
C LEU G 207 23.46 54.31 -4.55
N GLU G 208 24.75 54.66 -4.62
CA GLU G 208 25.30 55.61 -5.63
C GLU G 208 25.17 55.01 -7.03
N TYR G 209 25.54 53.74 -7.22
CA TYR G 209 25.49 53.03 -8.53
C TYR G 209 24.05 52.63 -8.88
N LEU G 210 23.21 52.36 -7.87
CA LEU G 210 21.77 52.08 -8.06
C LEU G 210 21.05 53.38 -8.44
N ASP G 211 21.42 54.50 -7.83
CA ASP G 211 20.97 55.88 -8.20
C ASP G 211 21.30 56.13 -9.68
N LYS G 212 22.50 55.74 -10.12
CA LYS G 212 22.93 55.82 -11.54
C LYS G 212 22.05 54.93 -12.43
N ALA G 213 21.75 53.71 -11.98
CA ALA G 213 21.07 52.65 -12.77
C ALA G 213 19.56 52.89 -12.88
N LEU G 214 18.97 53.77 -12.04
CA LEU G 214 17.51 54.05 -12.07
C LEU G 214 17.16 54.80 -13.35
N PRO G 215 15.97 54.56 -13.94
CA PRO G 215 15.64 55.10 -15.26
C PRO G 215 15.33 56.60 -15.33
N PHE G 216 15.32 57.30 -14.19
CA PHE G 216 15.19 58.78 -14.10
C PHE G 216 16.49 59.41 -14.62
N GLU G 217 16.38 60.64 -15.14
CA GLU G 217 17.35 61.24 -16.10
C GLU G 217 18.35 62.16 -15.38
N LYS G 218 18.00 62.70 -14.20
CA LYS G 218 18.66 63.89 -13.61
C LYS G 218 19.31 63.54 -12.25
N GLN G 219 18.56 62.90 -11.35
CA GLN G 219 19.00 62.42 -10.01
C GLN G 219 17.85 61.59 -9.43
N ALA G 220 18.12 60.73 -8.42
CA ALA G 220 17.07 60.07 -7.61
C ALA G 220 17.21 60.41 -6.12
N GLY G 221 18.34 61.01 -5.70
CA GLY G 221 18.52 61.64 -4.38
C GLY G 221 19.09 60.67 -3.35
N LEU G 222 19.41 59.44 -3.76
CA LEU G 222 19.91 58.35 -2.87
C LEU G 222 21.35 58.65 -2.45
N ALA G 223 21.78 58.00 -1.35
CA ALA G 223 23.17 57.99 -0.84
C ALA G 223 23.61 59.40 -0.39
N ASN G 224 22.68 60.19 0.14
CA ASN G 224 22.97 61.47 0.87
C ASN G 224 22.72 61.24 2.37
N GLU G 225 23.15 62.21 3.19
CA GLU G 225 23.10 62.22 4.67
C GLU G 225 21.71 61.76 5.16
N SER G 226 20.66 62.47 4.76
CA SER G 226 19.26 62.29 5.24
C SER G 226 18.69 60.96 4.73
N LEU G 227 18.63 60.77 3.42
CA LEU G 227 17.83 59.69 2.76
C LEU G 227 18.45 58.31 3.00
N GLN G 228 19.79 58.19 3.03
CA GLN G 228 20.51 56.92 3.30
C GLN G 228 20.16 56.42 4.71
N LYS G 229 20.08 57.33 5.69
CA LYS G 229 19.74 57.02 7.12
C LYS G 229 18.30 56.48 7.19
N LYS G 230 17.37 57.13 6.48
CA LYS G 230 15.94 56.73 6.39
C LYS G 230 15.82 55.40 5.64
N LEU G 231 16.67 55.18 4.62
CA LEU G 231 16.67 53.95 3.76
C LEU G 231 17.13 52.74 4.57
N TYR G 232 18.24 52.87 5.32
CA TYR G 232 18.78 51.80 6.20
C TYR G 232 17.81 51.55 7.37
N ALA G 233 17.17 52.61 7.89
CA ALA G 233 16.18 52.54 8.98
C ALA G 233 14.94 51.73 8.53
N PHE G 234 14.54 51.85 7.26
CA PHE G 234 13.41 51.07 6.67
C PHE G 234 13.83 49.61 6.48
N SER G 235 14.86 49.40 5.65
CA SER G 235 15.43 48.06 5.30
C SER G 235 16.83 47.95 5.90
N GLN G 236 17.00 47.12 6.95
CA GLN G 236 18.26 46.99 7.74
C GLN G 236 19.40 46.63 6.78
N GLY G 237 19.43 45.40 6.27
CA GLY G 237 20.31 44.97 5.17
C GLY G 237 19.55 44.29 4.02
N ASN G 238 18.31 43.85 4.26
CA ASN G 238 17.51 42.97 3.35
C ASN G 238 17.42 43.66 1.98
N MET G 239 18.19 43.14 1.00
CA MET G 239 18.29 43.65 -0.39
C MET G 239 16.90 43.73 -1.04
N ARG G 240 16.06 42.71 -0.82
CA ARG G 240 14.73 42.55 -1.48
C ARG G 240 13.76 43.65 -1.03
N SER G 241 13.67 43.92 0.28
CA SER G 241 12.76 44.94 0.88
C SER G 241 13.22 46.35 0.48
N LEU G 242 14.54 46.59 0.43
CA LEU G 242 15.15 47.84 -0.09
C LEU G 242 14.77 48.01 -1.57
N ARG G 243 15.02 46.98 -2.40
CA ARG G 243 14.73 47.04 -3.86
C ARG G 243 13.22 47.17 -4.13
N ASN G 244 12.37 46.54 -3.30
CA ASN G 244 10.88 46.63 -3.39
C ASN G 244 10.44 48.07 -3.14
N LEU G 245 10.90 48.69 -2.04
CA LEU G 245 10.62 50.12 -1.69
C LEU G 245 11.04 51.05 -2.83
N ILE G 246 12.29 50.89 -3.32
CA ILE G 246 12.87 51.70 -4.45
C ILE G 246 12.03 51.47 -5.71
N TYR G 247 11.63 50.22 -5.99
CA TYR G 247 10.81 49.84 -7.17
C TYR G 247 9.43 50.48 -7.09
N GLN G 248 8.75 50.39 -5.93
CA GLN G 248 7.39 50.94 -5.71
C GLN G 248 7.44 52.48 -5.77
N ALA G 249 8.46 53.10 -5.20
CA ALA G 249 8.69 54.57 -5.21
C ALA G 249 8.99 55.04 -6.65
N SER G 250 9.79 54.29 -7.41
CA SER G 250 10.15 54.61 -8.83
C SER G 250 8.89 54.63 -9.69
N ILE G 251 8.12 53.54 -9.69
CA ILE G 251 6.86 53.38 -10.49
C ILE G 251 5.78 54.34 -10.00
N GLU G 252 5.84 54.80 -8.75
CA GLU G 252 4.92 55.84 -8.20
C GLU G 252 5.30 57.20 -8.82
N ALA G 253 6.59 57.52 -8.89
CA ALA G 253 7.13 58.77 -9.51
C ALA G 253 6.96 58.74 -11.04
N ILE G 254 6.85 57.56 -11.66
CA ILE G 254 6.58 57.40 -13.12
C ILE G 254 5.08 57.62 -13.40
N ASP G 255 4.19 57.19 -12.49
CA ASP G 255 2.71 57.21 -12.66
C ASP G 255 2.23 58.67 -12.80
N ASN G 256 2.44 59.48 -11.76
CA ASN G 256 2.19 60.95 -11.78
C ASN G 256 3.47 61.62 -12.29
N GLN G 257 3.44 62.20 -13.49
CA GLN G 257 4.63 62.69 -14.25
C GLN G 257 5.45 63.63 -13.36
N HIS G 258 6.61 63.17 -12.89
CA HIS G 258 7.48 63.85 -11.88
C HIS G 258 8.89 64.08 -12.46
N GLU G 259 9.71 64.81 -11.70
CA GLU G 259 11.14 65.12 -11.99
C GLU G 259 11.97 63.86 -11.70
N THR G 260 11.82 63.31 -10.50
CA THR G 260 12.67 62.26 -9.90
C THR G 260 11.89 61.56 -8.78
N ILE G 261 12.53 60.62 -8.08
CA ILE G 261 12.03 60.06 -6.78
C ILE G 261 12.26 61.12 -5.70
N THR G 262 11.18 61.66 -5.12
CA THR G 262 11.18 62.73 -4.09
C THR G 262 10.60 62.17 -2.79
N GLU G 263 10.46 63.01 -1.76
CA GLU G 263 9.85 62.66 -0.44
C GLU G 263 8.36 62.99 -0.48
N GLU G 264 7.69 62.55 -1.57
CA GLU G 264 6.24 62.72 -1.88
C GLU G 264 5.61 61.32 -2.03
N ASP G 265 6.22 60.48 -2.87
CA ASP G 265 5.76 59.10 -3.22
C ASP G 265 6.58 58.04 -2.48
N PHE G 266 7.69 58.41 -1.82
CA PHE G 266 8.57 57.50 -1.06
C PHE G 266 7.86 57.05 0.24
N VAL G 267 7.23 58.03 0.92
CA VAL G 267 6.36 57.83 2.12
C VAL G 267 5.24 56.83 1.77
N PHE G 268 4.58 56.98 0.61
CA PHE G 268 3.50 56.07 0.13
C PHE G 268 4.08 54.67 -0.09
N ALA G 269 5.26 54.58 -0.73
CA ALA G 269 5.99 53.32 -1.00
C ALA G 269 6.40 52.64 0.31
N SER G 270 6.74 53.43 1.35
CA SER G 270 7.11 52.93 2.71
C SER G 270 5.89 52.27 3.38
N LYS G 271 4.72 52.94 3.35
CA LYS G 271 3.44 52.44 3.91
C LYS G 271 2.92 51.26 3.07
N LEU G 272 3.31 51.17 1.79
CA LEU G 272 2.89 50.07 0.87
C LEU G 272 3.64 48.77 1.24
N THR G 273 4.97 48.81 1.30
CA THR G 273 5.86 47.61 1.49
C THR G 273 6.38 47.54 2.94
N SER G 274 5.49 47.72 3.93
CA SER G 274 5.78 47.57 5.38
C SER G 274 4.86 46.53 6.03
N GLY G 275 4.34 45.56 5.24
CA GLY G 275 3.47 44.48 5.71
C GLY G 275 4.26 43.34 6.34
N ASP G 276 5.42 43.00 5.76
CA ASP G 276 6.29 41.87 6.17
C ASP G 276 7.16 42.26 7.39
N LYS G 277 7.35 43.55 7.65
CA LYS G 277 8.31 44.07 8.67
C LYS G 277 7.81 43.71 10.07
N PRO G 278 8.71 43.44 11.04
CA PRO G 278 8.29 42.91 12.36
C PRO G 278 7.47 43.89 13.22
N ASN G 279 7.02 43.40 14.39
CA ASN G 279 6.00 44.05 15.27
C ASN G 279 6.59 45.34 15.89
N SER G 280 7.81 45.28 16.43
CA SER G 280 8.47 46.39 17.16
C SER G 280 9.16 47.37 16.20
N TRP G 281 9.25 47.04 14.90
CA TRP G 281 9.88 47.89 13.85
C TRP G 281 9.01 49.13 13.59
N LYS G 282 9.64 50.30 13.43
CA LYS G 282 8.97 51.60 13.12
C LYS G 282 9.32 52.01 11.68
N ASN G 283 8.31 52.51 10.95
CA ASN G 283 8.46 53.13 9.61
C ASN G 283 9.10 54.51 9.79
N PRO G 284 10.34 54.75 9.29
CA PRO G 284 11.03 56.03 9.55
C PRO G 284 10.60 57.24 8.70
N PHE G 285 9.49 57.15 7.95
CA PHE G 285 9.11 58.07 6.85
C PHE G 285 7.82 58.87 7.14
N GLU G 286 7.03 58.48 8.15
CA GLU G 286 5.57 58.78 8.19
C GLU G 286 5.35 60.26 8.54
N GLU G 287 5.46 60.68 9.81
CA GLU G 287 5.23 62.09 10.23
C GLU G 287 6.43 62.65 10.99
N GLY G 288 6.93 61.96 12.03
CA GLY G 288 7.95 62.51 12.95
C GLY G 288 8.77 61.41 13.61
N VAL G 289 9.33 60.49 12.81
CA VAL G 289 10.21 59.38 13.28
C VAL G 289 11.67 59.82 13.13
N GLU G 290 12.14 60.59 14.12
CA GLU G 290 13.57 60.94 14.37
C GLU G 290 14.37 59.63 14.37
N VAL G 291 15.14 59.37 13.30
CA VAL G 291 15.90 58.11 13.09
C VAL G 291 17.01 58.04 14.14
N THR G 292 17.01 56.96 14.94
CA THR G 292 17.78 56.82 16.20
C THR G 292 19.08 56.04 15.97
N GLU G 293 19.93 55.99 17.00
CA GLU G 293 21.19 55.19 17.05
C GLU G 293 20.82 53.70 17.08
N ASP G 294 19.77 53.33 17.84
CA ASP G 294 19.30 51.94 18.09
C ASP G 294 18.73 51.29 16.82
N MET G 295 18.30 52.07 15.83
CA MET G 295 17.75 51.56 14.55
C MET G 295 18.88 51.09 13.61
N LEU G 296 20.06 51.72 13.68
CA LEU G 296 21.16 51.59 12.68
C LEU G 296 22.28 50.68 13.18
N ARG G 297 21.97 49.65 13.98
CA ARG G 297 22.95 48.63 14.42
C ARG G 297 23.14 47.64 13.29
N PRO G 298 24.34 47.02 13.12
CA PRO G 298 24.53 46.01 12.08
C PRO G 298 23.65 44.77 12.26
N PRO G 299 23.31 44.04 11.18
CA PRO G 299 22.48 42.84 11.28
C PRO G 299 23.13 41.76 12.15
N PRO G 300 22.35 40.94 12.90
CA PRO G 300 22.93 39.97 13.84
C PRO G 300 23.67 38.82 13.14
N LYS G 301 24.36 37.98 13.93
CA LYS G 301 25.08 36.76 13.46
C LYS G 301 24.06 35.73 12.96
N ASP G 302 23.04 35.45 13.78
CA ASP G 302 21.96 34.45 13.50
C ASP G 302 20.81 35.17 12.80
N ILE G 303 21.08 35.76 11.63
CA ILE G 303 20.11 36.57 10.83
C ILE G 303 19.18 35.62 10.05
N GLY G 304 19.72 34.55 9.49
CA GLY G 304 18.97 33.55 8.69
C GLY G 304 18.81 32.22 9.41
N TRP G 305 18.85 32.21 10.76
CA TRP G 305 18.78 30.99 11.61
C TRP G 305 17.43 30.88 12.32
N GLU G 306 16.64 31.95 12.36
CA GLU G 306 15.56 32.19 13.35
C GLU G 306 14.47 31.11 13.24
N ASP G 307 14.16 30.67 12.00
CA ASP G 307 13.20 29.57 11.69
C ASP G 307 13.65 28.26 12.35
N TYR G 308 14.97 28.00 12.39
CA TYR G 308 15.57 26.81 13.07
C TYR G 308 15.52 26.99 14.59
N LEU G 309 15.65 28.24 15.08
CA LEU G 309 15.62 28.60 16.52
C LEU G 309 14.17 28.69 17.04
N ARG G 310 13.18 28.72 16.14
CA ARG G 310 11.74 28.91 16.49
C ARG G 310 11.16 27.65 17.16
N HIS G 311 11.68 26.46 16.83
CA HIS G 311 11.20 25.14 17.31
C HIS G 311 12.00 24.70 18.55
N THR H 1 48.40 29.40 -16.69
CA THR H 1 47.85 28.38 -15.73
C THR H 1 48.61 27.06 -15.86
N ARG H 2 48.66 26.50 -17.08
CA ARG H 2 49.21 25.15 -17.38
C ARG H 2 48.48 24.11 -16.55
N GLU H 3 47.24 23.77 -16.96
CA GLU H 3 46.36 22.74 -16.33
C GLU H 3 47.07 21.37 -16.23
N ALA H 4 48.10 21.10 -17.04
CA ALA H 4 49.03 19.95 -16.89
C ALA H 4 49.72 20.01 -15.52
N ARG H 5 50.27 21.17 -15.14
CA ARG H 5 50.92 21.45 -13.83
C ARG H 5 49.89 21.39 -12.69
N ILE H 6 48.66 21.84 -12.96
CA ILE H 6 47.53 21.86 -11.97
C ILE H 6 47.10 20.42 -11.70
N SER H 7 46.94 19.60 -12.74
CA SER H 7 46.58 18.16 -12.63
C SER H 7 47.73 17.38 -11.97
N ARG H 8 48.99 17.78 -12.20
CA ARG H 8 50.17 17.20 -11.53
C ARG H 8 50.11 17.48 -10.01
N ALA H 9 49.75 18.70 -9.61
CA ALA H 9 49.58 19.11 -8.20
C ALA H 9 48.40 18.34 -7.57
N LYS H 10 47.32 18.14 -8.32
CA LYS H 10 46.09 17.46 -7.83
C LYS H 10 46.32 15.95 -7.71
N ARG H 11 46.88 15.34 -8.75
CA ARG H 11 47.19 13.88 -8.79
C ARG H 11 48.63 13.67 -8.28
N ALA H 12 48.79 13.68 -6.96
CA ALA H 12 50.04 13.36 -6.24
C ALA H 12 49.74 12.19 -5.30
N PHE H 13 50.29 11.01 -5.58
CA PHE H 13 50.21 9.82 -4.70
C PHE H 13 51.56 9.56 -4.05
N VAL H 14 51.63 9.76 -2.73
CA VAL H 14 52.69 9.25 -1.83
C VAL H 14 52.14 8.03 -1.09
N SER H 15 52.98 6.98 -1.03
CA SER H 15 52.72 5.64 -0.44
C SER H 15 53.32 5.56 0.96
N THR H 16 52.46 5.57 1.99
CA THR H 16 52.85 5.36 3.41
C THR H 16 53.03 3.86 3.65
N PRO H 17 53.76 3.45 4.72
CA PRO H 17 53.85 2.04 5.10
C PRO H 17 52.49 1.37 5.40
N SER H 18 51.51 2.14 5.90
CA SER H 18 50.13 1.66 6.15
C SER H 18 49.44 1.28 4.83
N VAL H 19 49.60 2.11 3.80
CA VAL H 19 49.01 1.90 2.43
C VAL H 19 49.68 0.67 1.79
N ARG H 20 51.01 0.56 1.89
CA ARG H 20 51.80 -0.58 1.36
C ARG H 20 51.41 -1.87 2.09
N LYS H 21 51.09 -1.79 3.38
CA LYS H 21 50.55 -2.91 4.19
C LYS H 21 49.21 -3.36 3.62
N ILE H 22 48.29 -2.42 3.37
CA ILE H 22 46.94 -2.68 2.79
C ILE H 22 47.11 -3.31 1.39
N LEU H 23 47.97 -2.74 0.54
CA LEU H 23 48.18 -3.22 -0.85
C LEU H 23 48.78 -4.63 -0.85
N SER H 24 49.73 -4.92 0.04
CA SER H 24 50.37 -6.26 0.17
C SER H 24 49.34 -7.31 0.64
N TYR H 25 48.48 -6.95 1.58
CA TYR H 25 47.37 -7.81 2.09
C TYR H 25 46.29 -8.00 1.01
N MET H 26 46.01 -6.96 0.22
CA MET H 26 45.04 -7.05 -0.92
C MET H 26 45.57 -8.04 -1.96
N ASP H 27 46.84 -7.90 -2.38
CA ASP H 27 47.52 -8.81 -3.33
C ASP H 27 47.51 -10.24 -2.78
N ARG H 28 47.72 -10.38 -1.46
CA ARG H 28 47.72 -11.68 -0.72
C ARG H 28 46.31 -12.31 -0.78
N CYS H 29 45.29 -11.54 -0.37
CA CYS H 29 43.86 -11.95 -0.37
C CYS H 29 43.45 -12.51 -1.74
N ARG H 30 43.83 -11.82 -2.83
CA ARG H 30 43.51 -12.22 -4.23
C ARG H 30 44.22 -13.52 -4.57
N ASP H 31 45.55 -13.57 -4.38
CA ASP H 31 46.43 -14.67 -4.89
C ASP H 31 46.28 -15.94 -4.03
N LEU H 32 45.54 -15.90 -2.91
CA LEU H 32 45.34 -17.08 -2.01
C LEU H 32 44.08 -17.88 -2.38
N SER H 33 43.01 -17.21 -2.82
CA SER H 33 41.74 -17.86 -3.23
C SER H 33 41.95 -18.61 -4.55
N ASP H 34 41.71 -19.93 -4.54
CA ASP H 34 41.74 -20.83 -5.72
C ASP H 34 40.35 -20.91 -6.36
N LEU H 35 39.35 -20.22 -5.76
CA LEU H 35 37.93 -20.13 -6.21
C LEU H 35 37.24 -21.50 -6.18
N GLU H 36 37.75 -22.45 -5.38
CA GLU H 36 37.05 -23.70 -4.99
C GLU H 36 36.73 -23.64 -3.49
N SER H 37 37.77 -23.43 -2.66
CA SER H 37 37.68 -23.36 -1.18
C SER H 37 37.25 -21.96 -0.74
N GLU H 38 36.98 -21.78 0.55
CA GLU H 38 36.47 -20.51 1.14
C GLU H 38 37.57 -19.45 1.06
N PRO H 39 37.29 -18.25 0.48
CA PRO H 39 38.31 -17.20 0.36
C PRO H 39 38.64 -16.51 1.69
N THR H 40 39.54 -15.53 1.64
CA THR H 40 40.28 -14.98 2.81
C THR H 40 39.48 -13.81 3.42
N CYS H 41 38.96 -12.90 2.59
CA CYS H 41 37.99 -11.85 2.98
C CYS H 41 38.58 -10.92 4.05
N MET H 42 39.28 -9.87 3.61
CA MET H 42 39.81 -8.81 4.52
C MET H 42 38.71 -7.78 4.75
N MET H 43 38.71 -7.12 5.91
CA MET H 43 37.93 -5.88 6.19
C MET H 43 38.91 -4.75 6.48
N VAL H 44 38.81 -3.64 5.77
CA VAL H 44 39.68 -2.43 5.98
C VAL H 44 38.81 -1.29 6.51
N TYR H 45 39.03 -0.88 7.76
CA TYR H 45 38.39 0.31 8.39
C TYR H 45 39.16 1.56 7.97
N GLY H 46 38.70 2.73 8.41
CA GLY H 46 39.38 4.02 8.13
C GLY H 46 38.42 5.19 8.19
N ALA H 47 38.87 6.29 8.80
CA ALA H 47 38.05 7.48 9.15
C ALA H 47 37.71 8.29 7.89
N SER H 48 37.04 9.42 8.07
CA SER H 48 36.58 10.31 6.97
C SER H 48 37.78 11.04 6.37
N GLY H 49 38.31 10.53 5.25
CA GLY H 49 39.33 11.20 4.42
C GLY H 49 40.76 10.78 4.76
N VAL H 50 40.98 9.50 5.00
CA VAL H 50 42.32 8.91 5.30
C VAL H 50 43.03 8.57 3.97
N GLY H 51 42.26 8.30 2.91
CA GLY H 51 42.76 7.88 1.59
C GLY H 51 42.46 6.42 1.31
N LYS H 52 41.22 5.99 1.56
CA LYS H 52 40.72 4.62 1.24
C LYS H 52 40.46 4.53 -0.26
N THR H 53 39.69 5.47 -0.82
CA THR H 53 39.30 5.50 -2.27
C THR H 53 40.57 5.59 -3.13
N THR H 54 41.59 6.33 -2.68
CA THR H 54 42.90 6.45 -3.37
C THR H 54 43.60 5.09 -3.37
N VAL H 55 43.52 4.34 -2.27
CA VAL H 55 44.09 2.97 -2.13
C VAL H 55 43.42 2.04 -3.15
N ILE H 56 42.08 2.07 -3.22
CA ILE H 56 41.30 1.19 -4.14
C ILE H 56 41.63 1.59 -5.58
N LYS H 57 41.74 2.89 -5.87
CA LYS H 57 42.06 3.40 -7.24
C LYS H 57 43.49 3.04 -7.62
N LYS H 58 44.43 3.13 -6.68
CA LYS H 58 45.86 2.76 -6.89
C LYS H 58 45.93 1.25 -7.17
N TYR H 59 45.21 0.44 -6.40
CA TYR H 59 45.16 -1.04 -6.56
C TYR H 59 44.51 -1.40 -7.90
N LEU H 60 43.36 -0.80 -8.22
CA LEU H 60 42.59 -1.00 -9.49
C LEU H 60 43.52 -0.81 -10.69
N ASN H 61 44.21 0.33 -10.76
CA ASN H 61 45.18 0.68 -11.84
C ASN H 61 46.29 -0.37 -11.91
N GLN H 62 46.99 -0.60 -10.79
CA GLN H 62 48.21 -1.47 -10.75
C GLN H 62 47.83 -2.94 -10.98
N ALA H 63 46.56 -3.34 -10.74
CA ALA H 63 46.07 -4.71 -10.98
C ALA H 63 45.51 -4.85 -12.40
N ALA H 64 44.44 -4.11 -12.73
CA ALA H 64 43.48 -4.46 -13.80
C ALA H 64 43.62 -3.58 -15.07
N ALA H 65 44.65 -2.74 -15.19
CA ALA H 65 44.84 -1.79 -16.32
C ALA H 65 45.06 -2.56 -17.62
N ALA H 66 46.11 -3.39 -17.68
CA ALA H 66 46.54 -4.15 -18.88
C ALA H 66 45.52 -5.25 -19.22
N ALA H 67 44.91 -5.88 -18.21
CA ALA H 67 43.90 -6.96 -18.36
C ALA H 67 42.59 -6.40 -18.93
N ALA H 68 42.18 -5.19 -18.51
CA ALA H 68 41.00 -4.47 -19.05
C ALA H 68 41.31 -3.94 -20.47
N ALA H 69 42.57 -3.60 -20.74
CA ALA H 69 43.07 -3.19 -22.07
C ALA H 69 43.10 -4.40 -23.03
N GLY H 70 43.39 -5.60 -22.51
CA GLY H 70 43.40 -6.87 -23.27
C GLY H 70 42.03 -7.21 -23.85
N GLY H 71 40.98 -7.16 -23.02
CA GLY H 71 39.58 -7.43 -23.43
C GLY H 71 38.61 -7.31 -22.28
N ASP H 72 37.35 -7.70 -22.48
CA ASP H 72 36.28 -7.75 -21.45
C ASP H 72 36.58 -8.93 -20.50
N ILE H 73 37.42 -8.69 -19.49
CA ILE H 73 37.83 -9.69 -18.46
C ILE H 73 37.42 -9.18 -17.07
N ILE H 74 37.71 -7.91 -16.75
CA ILE H 74 37.41 -7.23 -15.45
C ILE H 74 37.70 -8.17 -14.28
N PRO H 75 38.99 -8.36 -13.90
CA PRO H 75 39.37 -9.32 -12.86
C PRO H 75 38.95 -8.86 -11.46
N VAL H 76 39.24 -7.61 -11.10
CA VAL H 76 38.84 -6.99 -9.80
C VAL H 76 37.73 -5.97 -10.07
N LEU H 77 36.87 -5.75 -9.07
CA LEU H 77 35.71 -4.81 -9.14
C LEU H 77 35.91 -3.66 -8.16
N HIS H 78 35.02 -2.66 -8.25
CA HIS H 78 34.89 -1.53 -7.29
C HIS H 78 33.42 -1.18 -7.15
N ILE H 79 32.86 -1.46 -5.97
CA ILE H 79 31.42 -1.30 -5.64
C ILE H 79 31.30 -0.26 -4.52
N GLU H 80 30.38 0.68 -4.69
CA GLU H 80 30.01 1.71 -3.69
C GLU H 80 28.52 1.52 -3.39
N LEU H 81 28.19 0.89 -2.26
CA LEU H 81 26.79 0.62 -1.84
C LEU H 81 25.99 1.92 -1.86
N PRO H 82 24.68 1.89 -2.19
CA PRO H 82 23.81 3.03 -1.94
C PRO H 82 23.48 3.14 -0.43
N ASP H 83 22.87 4.26 -0.02
CA ASP H 83 22.49 4.55 1.39
C ASP H 83 21.21 3.76 1.72
N ASN H 84 21.17 3.13 2.90
CA ASN H 84 20.07 2.25 3.38
C ASN H 84 19.81 1.19 2.30
N ALA H 85 20.85 0.46 1.91
CA ALA H 85 20.83 -0.51 0.79
C ALA H 85 19.96 -1.72 1.16
N LYS H 86 19.11 -2.16 0.21
CA LYS H 86 18.46 -3.49 0.23
C LYS H 86 19.37 -4.46 -0.50
N PRO H 87 19.25 -5.79 -0.26
CA PRO H 87 20.07 -6.77 -0.99
C PRO H 87 19.89 -6.66 -2.51
N VAL H 88 18.66 -6.44 -2.99
CA VAL H 88 18.32 -6.32 -4.44
C VAL H 88 19.03 -5.10 -5.04
N ASP H 89 19.10 -3.98 -4.30
CA ASP H 89 19.72 -2.70 -4.75
C ASP H 89 21.23 -2.87 -4.92
N ALA H 90 21.93 -3.35 -3.89
CA ALA H 90 23.39 -3.62 -3.89
C ALA H 90 23.72 -4.77 -4.85
N ALA H 91 22.80 -5.74 -5.01
CA ALA H 91 22.93 -6.89 -5.94
C ALA H 91 22.93 -6.40 -7.39
N ARG H 92 21.96 -5.55 -7.76
CA ARG H 92 21.82 -5.05 -9.16
C ARG H 92 22.92 -4.00 -9.45
N GLU H 93 23.39 -3.26 -8.44
CA GLU H 93 24.51 -2.29 -8.58
C GLU H 93 25.82 -3.05 -8.86
N LEU H 94 26.04 -4.17 -8.15
CA LEU H 94 27.13 -5.16 -8.40
C LEU H 94 27.02 -5.71 -9.83
N LEU H 95 25.79 -5.99 -10.29
CA LEU H 95 25.49 -6.58 -11.63
C LEU H 95 25.74 -5.57 -12.74
N VAL H 96 25.21 -4.35 -12.66
CA VAL H 96 25.31 -3.33 -13.75
C VAL H 96 26.72 -2.73 -13.79
N GLU H 97 27.47 -2.74 -12.68
CA GLU H 97 28.90 -2.34 -12.66
C GLU H 97 29.75 -3.42 -13.34
N MET H 98 29.50 -4.69 -13.02
CA MET H 98 30.26 -5.86 -13.54
C MET H 98 29.79 -6.17 -14.96
N GLY H 99 30.68 -6.00 -15.96
CA GLY H 99 30.37 -6.28 -17.38
C GLY H 99 29.23 -5.42 -17.89
N ASP H 100 28.39 -5.97 -18.76
CA ASP H 100 27.23 -5.25 -19.38
C ASP H 100 26.04 -6.19 -19.53
N PRO H 101 25.31 -6.51 -18.42
CA PRO H 101 23.93 -6.97 -18.52
C PRO H 101 22.98 -5.76 -18.65
N LEU H 102 21.67 -5.99 -18.68
CA LEU H 102 20.66 -4.93 -18.42
C LEU H 102 20.44 -4.87 -16.89
N ALA H 103 19.90 -5.92 -16.28
CA ALA H 103 20.03 -6.29 -14.85
C ALA H 103 19.33 -5.32 -13.88
N LEU H 104 18.85 -4.14 -14.33
CA LEU H 104 18.26 -3.12 -13.43
C LEU H 104 16.83 -2.76 -13.87
N TYR H 105 16.16 -3.62 -14.64
CA TYR H 105 14.71 -3.53 -14.96
C TYR H 105 13.95 -4.61 -14.18
N GLU H 106 14.39 -5.87 -14.29
CA GLU H 106 13.76 -7.06 -13.64
C GLU H 106 14.38 -7.23 -12.24
N THR H 107 13.74 -6.61 -11.23
CA THR H 107 14.15 -6.67 -9.79
C THR H 107 13.28 -7.73 -9.10
N ASP H 108 13.81 -8.96 -8.97
CA ASP H 108 13.16 -10.06 -8.21
C ASP H 108 14.13 -10.74 -7.23
N LEU H 109 15.39 -10.27 -7.15
CA LEU H 109 16.39 -10.60 -6.09
C LEU H 109 16.93 -12.04 -6.22
N ALA H 110 16.14 -12.99 -6.74
CA ALA H 110 16.47 -14.44 -6.82
C ALA H 110 17.08 -14.78 -8.19
N ARG H 111 16.45 -14.31 -9.27
CA ARG H 111 16.89 -14.57 -10.67
C ARG H 111 18.10 -13.69 -11.02
N LEU H 112 18.25 -12.51 -10.43
CA LEU H 112 19.46 -11.65 -10.59
C LEU H 112 20.60 -12.18 -9.70
N THR H 113 20.31 -12.82 -8.55
CA THR H 113 21.32 -13.59 -7.78
C THR H 113 21.81 -14.75 -8.66
N LYS H 114 20.89 -15.45 -9.34
CA LYS H 114 21.23 -16.56 -10.27
C LYS H 114 22.01 -16.01 -11.47
N ARG H 115 21.68 -14.79 -11.93
CA ARG H 115 22.39 -14.13 -13.06
C ARG H 115 23.85 -13.86 -12.70
N LEU H 116 24.11 -13.23 -11.55
CA LEU H 116 25.49 -12.78 -11.20
C LEU H 116 26.34 -13.98 -10.74
N THR H 117 25.73 -15.05 -10.20
CA THR H 117 26.43 -16.34 -9.95
C THR H 117 26.74 -17.02 -11.30
N GLU H 118 25.85 -16.91 -12.28
CA GLU H 118 26.10 -17.39 -13.67
C GLU H 118 27.26 -16.59 -14.28
N LEU H 119 27.35 -15.29 -13.99
CA LEU H 119 28.22 -14.33 -14.71
C LEU H 119 29.58 -14.13 -14.01
N ILE H 120 29.72 -14.38 -12.70
CA ILE H 120 30.97 -14.07 -11.94
C ILE H 120 32.11 -14.98 -12.42
N PRO H 121 31.96 -16.32 -12.52
CA PRO H 121 32.99 -17.15 -13.15
C PRO H 121 33.10 -16.97 -14.68
N ALA H 122 32.04 -16.47 -15.33
CA ALA H 122 31.95 -16.30 -16.80
C ALA H 122 32.99 -15.27 -17.27
N VAL H 123 32.98 -14.07 -16.69
CA VAL H 123 33.92 -12.96 -17.06
C VAL H 123 35.29 -13.20 -16.39
N GLY H 124 35.32 -13.90 -15.25
CA GLY H 124 36.56 -14.23 -14.51
C GLY H 124 36.85 -13.20 -13.43
N VAL H 125 35.91 -13.01 -12.51
CA VAL H 125 36.05 -12.12 -11.31
C VAL H 125 37.01 -12.82 -10.34
N LYS H 126 38.05 -12.10 -9.91
CA LYS H 126 39.10 -12.57 -8.98
C LYS H 126 38.92 -11.95 -7.59
N LEU H 127 38.35 -10.75 -7.51
CA LEU H 127 38.17 -9.98 -6.24
C LEU H 127 36.98 -9.04 -6.37
N ILE H 128 36.25 -8.82 -5.27
CA ILE H 128 35.17 -7.80 -5.15
C ILE H 128 35.58 -6.82 -4.04
N ILE H 129 35.65 -5.52 -4.36
CA ILE H 129 36.02 -4.44 -3.40
C ILE H 129 34.79 -3.57 -3.17
N ILE H 130 34.20 -3.66 -1.99
CA ILE H 130 33.01 -2.86 -1.56
C ILE H 130 33.53 -1.68 -0.72
N ASP H 131 33.15 -0.45 -1.09
CA ASP H 131 33.77 0.80 -0.56
C ASP H 131 33.00 1.27 0.69
N GLU H 132 31.68 1.33 0.61
CA GLU H 132 30.80 1.86 1.69
C GLU H 132 30.11 0.70 2.42
N PHE H 133 30.50 0.44 3.68
CA PHE H 133 29.84 -0.57 4.55
C PHE H 133 29.13 0.10 5.74
N GLN H 134 29.22 1.43 5.88
CA GLN H 134 28.57 2.19 6.99
C GLN H 134 27.15 2.60 6.59
N HIS H 135 26.74 2.36 5.33
CA HIS H 135 25.37 2.63 4.82
C HIS H 135 24.35 1.64 5.40
N LEU H 136 24.81 0.49 5.90
CA LEU H 136 23.94 -0.58 6.47
C LEU H 136 23.53 -0.23 7.90
N VAL H 137 24.11 0.84 8.47
CA VAL H 137 23.64 1.47 9.74
C VAL H 137 22.48 2.42 9.36
N GLU H 138 21.33 2.28 10.00
CA GLU H 138 20.17 3.19 9.79
C GLU H 138 20.52 4.56 10.41
N GLU H 139 19.95 5.64 9.87
CA GLU H 139 20.46 7.03 10.02
C GLU H 139 20.26 7.50 11.48
N ARG H 140 19.00 7.54 11.92
CA ARG H 140 18.55 8.24 13.16
C ARG H 140 18.43 7.23 14.32
N SER H 141 17.90 6.03 14.06
CA SER H 141 17.96 4.87 14.99
C SER H 141 19.35 4.21 14.86
N ASN H 142 19.64 3.21 15.69
CA ASN H 142 20.97 2.53 15.73
C ASN H 142 20.84 1.04 15.41
N ARG H 143 19.72 0.60 14.80
CA ARG H 143 19.61 -0.78 14.25
C ARG H 143 20.48 -0.83 12.99
N VAL H 144 21.14 -1.97 12.76
CA VAL H 144 21.98 -2.23 11.57
C VAL H 144 21.32 -3.36 10.78
N LEU H 145 20.71 -3.01 9.65
CA LEU H 145 19.84 -3.91 8.84
C LEU H 145 20.73 -4.96 8.15
N THR H 146 20.50 -6.23 8.48
CA THR H 146 21.43 -7.38 8.25
C THR H 146 21.03 -8.16 6.99
N GLN H 147 20.24 -7.56 6.08
CA GLN H 147 19.75 -8.24 4.85
C GLN H 147 20.88 -8.29 3.81
N VAL H 148 21.66 -7.21 3.70
CA VAL H 148 22.79 -7.08 2.74
C VAL H 148 23.98 -7.90 3.27
N GLY H 149 24.21 -7.89 4.60
CA GLY H 149 25.24 -8.70 5.28
C GLY H 149 25.02 -10.19 5.06
N ASN H 150 23.77 -10.66 5.22
CA ASN H 150 23.39 -12.08 5.03
C ASN H 150 23.44 -12.43 3.54
N TRP H 151 23.09 -11.49 2.65
CA TRP H 151 23.20 -11.66 1.18
C TRP H 151 24.69 -11.75 0.76
N LEU H 152 25.57 -10.99 1.42
CA LEU H 152 27.04 -11.03 1.15
C LEU H 152 27.60 -12.38 1.60
N LYS H 153 27.15 -12.90 2.74
CA LYS H 153 27.52 -14.27 3.20
C LYS H 153 27.05 -15.29 2.17
N MET H 154 25.81 -15.13 1.67
CA MET H 154 25.15 -16.02 0.67
C MET H 154 25.97 -16.05 -0.63
N ILE H 155 26.30 -14.88 -1.20
CA ILE H 155 27.10 -14.76 -2.46
C ILE H 155 28.56 -15.19 -2.22
N LEU H 156 29.06 -15.09 -0.99
CA LEU H 156 30.44 -15.55 -0.64
C LEU H 156 30.50 -17.08 -0.66
N ASN H 157 29.50 -17.74 -0.07
CA ASN H 157 29.45 -19.22 0.04
C ASN H 157 29.06 -19.84 -1.32
N LYS H 158 28.18 -19.18 -2.08
CA LYS H 158 27.65 -19.69 -3.38
C LYS H 158 28.77 -19.71 -4.42
N THR H 159 29.36 -18.55 -4.74
CA THR H 159 30.56 -18.41 -5.62
C THR H 159 31.74 -17.94 -4.75
N LYS H 160 32.69 -18.84 -4.48
CA LYS H 160 33.84 -18.60 -3.58
C LYS H 160 34.75 -17.56 -4.24
N CYS H 161 34.54 -16.28 -3.93
CA CYS H 161 35.33 -15.13 -4.47
C CYS H 161 35.62 -14.16 -3.33
N PRO H 162 36.90 -13.79 -3.10
CA PRO H 162 37.26 -12.96 -1.95
C PRO H 162 36.67 -11.56 -2.06
N ILE H 163 36.11 -11.04 -0.97
CA ILE H 163 35.48 -9.70 -0.88
C ILE H 163 36.28 -8.87 0.12
N VAL H 164 36.74 -7.68 -0.28
CA VAL H 164 37.43 -6.72 0.62
C VAL H 164 36.48 -5.54 0.88
N ILE H 165 35.69 -5.62 1.95
CA ILE H 165 34.68 -4.59 2.33
C ILE H 165 35.40 -3.47 3.08
N PHE H 166 35.48 -2.29 2.47
CA PHE H 166 35.97 -1.03 3.08
C PHE H 166 34.81 -0.38 3.82
N GLY H 167 35.09 0.58 4.70
CA GLY H 167 34.06 1.35 5.41
C GLY H 167 34.64 2.14 6.57
N MET H 168 33.80 2.98 7.19
CA MET H 168 34.19 3.82 8.34
C MET H 168 34.23 2.93 9.60
N PRO H 169 34.97 3.31 10.66
CA PRO H 169 35.17 2.44 11.81
C PRO H 169 33.89 2.00 12.55
N TYR H 170 32.86 2.85 12.54
CA TYR H 170 31.55 2.58 13.20
C TYR H 170 30.71 1.61 12.37
N SER H 171 31.21 1.14 11.22
CA SER H 171 30.62 0.03 10.42
C SER H 171 31.01 -1.34 11.02
N LYS H 172 31.93 -1.37 11.98
CA LYS H 172 32.35 -2.59 12.72
C LYS H 172 31.13 -3.30 13.33
N VAL H 173 30.20 -2.51 13.88
CA VAL H 173 28.97 -3.04 14.57
C VAL H 173 28.09 -3.79 13.58
N VAL H 174 28.17 -3.46 12.28
CA VAL H 174 27.45 -4.20 11.20
C VAL H 174 28.08 -5.59 11.06
N LEU H 175 29.40 -5.70 11.21
CA LEU H 175 30.13 -7.00 11.23
C LEU H 175 29.88 -7.71 12.57
N GLN H 176 29.68 -6.97 13.66
CA GLN H 176 29.29 -7.52 14.99
C GLN H 176 27.83 -8.01 14.98
N ALA H 177 26.98 -7.47 14.10
CA ALA H 177 25.55 -7.82 13.99
C ALA H 177 25.39 -9.30 13.57
N ASN H 178 26.18 -9.77 12.59
CA ASN H 178 26.12 -11.15 12.05
C ASN H 178 27.38 -11.90 12.48
N SER H 179 27.23 -12.92 13.35
CA SER H 179 28.32 -13.73 13.95
C SER H 179 29.01 -14.58 12.88
N GLN H 180 28.26 -15.07 11.90
CA GLN H 180 28.81 -15.85 10.74
C GLN H 180 29.63 -14.93 9.85
N LEU H 181 29.11 -13.74 9.52
CA LEU H 181 29.83 -12.73 8.70
C LEU H 181 31.02 -12.18 9.50
N HIS H 182 30.94 -12.16 10.83
CA HIS H 182 32.08 -11.74 11.71
C HIS H 182 33.21 -12.76 11.58
N GLY H 183 32.90 -14.04 11.75
CA GLY H 183 33.86 -15.16 11.64
C GLY H 183 34.54 -15.20 10.28
N ARG H 184 33.81 -14.87 9.21
CA ARG H 184 34.31 -14.95 7.81
C ARG H 184 35.42 -13.90 7.58
N PHE H 185 35.21 -12.67 8.05
CA PHE H 185 36.16 -11.52 7.86
C PHE H 185 37.15 -11.48 9.02
N SER H 186 38.14 -12.38 8.97
CA SER H 186 39.16 -12.60 10.03
C SER H 186 40.19 -11.47 10.02
N ILE H 187 40.75 -11.18 8.84
CA ILE H 187 41.80 -10.13 8.66
C ILE H 187 41.10 -8.76 8.70
N GLN H 188 41.36 -7.98 9.75
CA GLN H 188 40.86 -6.61 9.94
C GLN H 188 42.04 -5.67 10.13
N VAL H 189 42.19 -4.66 9.28
CA VAL H 189 43.26 -3.63 9.35
C VAL H 189 42.60 -2.26 9.53
N GLU H 190 43.23 -1.38 10.30
CA GLU H 190 42.76 -0.01 10.59
C GLU H 190 43.69 0.95 9.84
N LEU H 191 43.19 1.57 8.77
CA LEU H 191 43.89 2.67 8.03
C LEU H 191 43.58 3.99 8.75
N ARG H 192 44.30 4.28 9.84
CA ARG H 192 44.05 5.45 10.72
C ARG H 192 45.01 6.59 10.34
N PRO H 193 44.62 7.87 10.60
CA PRO H 193 45.45 9.02 10.22
C PRO H 193 46.84 9.11 10.89
N PHE H 194 47.61 10.11 10.47
CA PHE H 194 48.98 10.44 10.95
C PHE H 194 48.93 10.77 12.45
N SER H 195 50.00 10.41 13.16
CA SER H 195 50.02 10.23 14.63
C SER H 195 50.64 11.44 15.34
N TYR H 196 51.92 11.76 15.11
CA TYR H 196 52.65 12.75 15.94
C TYR H 196 53.45 13.75 15.08
N GLN H 197 53.89 14.86 15.69
CA GLN H 197 54.71 15.85 14.94
C GLN H 197 56.14 15.91 15.49
N GLY H 198 56.38 15.45 16.72
CA GLY H 198 57.73 15.39 17.34
C GLY H 198 58.89 15.30 16.36
N GLY H 199 58.67 14.80 15.15
CA GLY H 199 59.65 14.84 14.05
C GLY H 199 60.37 13.52 13.92
N ARG H 200 60.85 13.24 12.69
CA ARG H 200 61.53 11.97 12.29
C ARG H 200 60.54 10.81 12.39
N GLY H 201 59.24 11.10 12.24
CA GLY H 201 58.15 10.11 12.17
C GLY H 201 57.74 9.88 10.73
N VAL H 202 56.61 9.21 10.50
CA VAL H 202 56.09 8.86 9.15
C VAL H 202 55.57 10.15 8.47
N PHE H 203 55.09 11.13 9.25
CA PHE H 203 54.54 12.41 8.76
C PHE H 203 55.63 13.24 8.09
N LYS H 204 56.85 13.24 8.64
CA LYS H 204 57.98 14.04 8.11
C LYS H 204 58.39 13.51 6.73
N THR H 205 58.62 12.21 6.61
CA THR H 205 59.10 11.55 5.36
C THR H 205 57.98 11.55 4.32
N PHE H 206 56.72 11.49 4.77
CA PHE H 206 55.51 11.63 3.90
C PHE H 206 55.50 13.02 3.26
N LEU H 207 55.66 14.08 4.06
CA LEU H 207 55.73 15.49 3.56
C LEU H 207 57.02 15.68 2.76
N GLU H 208 58.10 14.95 3.08
CA GLU H 208 59.38 14.99 2.33
C GLU H 208 59.15 14.50 0.88
N TYR H 209 58.45 13.37 0.71
CA TYR H 209 58.18 12.75 -0.61
C TYR H 209 57.07 13.50 -1.35
N LEU H 210 56.11 14.08 -0.64
CA LEU H 210 55.06 14.95 -1.23
C LEU H 210 55.70 16.28 -1.68
N ASP H 211 56.67 16.81 -0.92
CA ASP H 211 57.50 17.98 -1.32
C ASP H 211 58.21 17.66 -2.64
N LYS H 212 58.74 16.43 -2.78
CA LYS H 212 59.40 15.94 -4.03
C LYS H 212 58.39 15.88 -5.18
N ALA H 213 57.16 15.42 -4.91
CA ALA H 213 56.12 15.11 -5.93
C ALA H 213 55.37 16.37 -6.39
N LEU H 214 55.52 17.51 -5.70
CA LEU H 214 54.86 18.79 -6.09
C LEU H 214 55.51 19.32 -7.37
N PRO H 215 54.73 19.99 -8.27
CA PRO H 215 55.23 20.37 -9.58
C PRO H 215 56.20 21.57 -9.62
N PHE H 216 56.49 22.19 -8.47
CA PHE H 216 57.53 23.24 -8.32
C PHE H 216 58.91 22.58 -8.44
N GLU H 217 59.90 23.37 -8.86
CA GLU H 217 61.16 22.88 -9.49
C GLU H 217 62.31 22.86 -8.47
N LYS H 218 62.23 23.63 -7.38
CA LYS H 218 63.41 24.02 -6.56
C LYS H 218 63.23 23.56 -5.11
N GLN H 219 62.08 23.83 -4.48
CA GLN H 219 61.71 23.42 -3.09
C GLN H 219 60.25 23.82 -2.88
N ALA H 220 59.54 23.23 -1.92
CA ALA H 220 58.20 23.69 -1.45
C ALA H 220 58.21 24.01 0.06
N GLY H 221 59.30 23.70 0.77
CA GLY H 221 59.57 24.17 2.14
C GLY H 221 58.96 23.26 3.19
N LEU H 222 58.31 22.17 2.78
CA LEU H 222 57.57 21.23 3.69
C LEU H 222 58.56 20.40 4.50
N ALA H 223 58.10 19.85 5.63
CA ALA H 223 58.82 18.90 6.51
C ALA H 223 60.06 19.56 7.13
N ASN H 224 59.96 20.84 7.48
CA ASN H 224 60.95 21.57 8.33
C ASN H 224 60.29 21.88 9.68
N GLU H 225 61.13 22.20 10.67
CA GLU H 225 60.77 22.52 12.08
C GLU H 225 59.47 23.33 12.12
N SER H 226 59.47 24.54 11.54
CA SER H 226 58.37 25.53 11.63
C SER H 226 57.13 25.01 10.90
N LEU H 227 57.24 24.75 9.59
CA LEU H 227 56.08 24.56 8.68
C LEU H 227 55.35 23.25 8.99
N GLN H 228 56.08 22.18 9.34
CA GLN H 228 55.48 20.86 9.70
C GLN H 228 54.57 21.02 10.91
N LYS H 229 55.01 21.79 11.91
CA LYS H 229 54.24 22.06 13.16
C LYS H 229 52.93 22.76 12.78
N LYS H 230 53.01 23.82 11.97
CA LYS H 230 51.86 24.62 11.48
C LYS H 230 50.94 23.72 10.64
N LEU H 231 51.51 22.81 9.85
CA LEU H 231 50.77 21.89 8.93
C LEU H 231 49.95 20.90 9.75
N TYR H 232 50.56 20.25 10.75
CA TYR H 232 49.86 19.29 11.65
C TYR H 232 48.82 20.05 12.47
N ALA H 233 49.13 21.28 12.91
CA ALA H 233 48.21 22.14 13.69
C ALA H 233 46.95 22.42 12.88
N PHE H 234 47.09 22.65 11.57
CA PHE H 234 45.95 22.90 10.64
C PHE H 234 45.12 21.63 10.47
N SER H 235 45.74 20.58 9.93
CA SER H 235 45.12 19.25 9.67
C SER H 235 45.75 18.21 10.60
N GLN H 236 44.98 17.71 11.57
CA GLN H 236 45.49 16.84 12.67
C GLN H 236 46.16 15.62 12.04
N GLY H 237 45.38 14.71 11.45
CA GLY H 237 45.86 13.64 10.56
C GLY H 237 45.15 13.63 9.20
N ASN H 238 43.97 14.23 9.11
CA ASN H 238 43.02 14.10 7.97
C ASN H 238 43.79 14.40 6.69
N MET H 239 44.09 13.36 5.91
CA MET H 239 44.86 13.41 4.63
C MET H 239 44.18 14.39 3.66
N ARG H 240 42.85 14.36 3.56
CA ARG H 240 42.07 15.16 2.57
C ARG H 240 42.23 16.66 2.84
N SER H 241 42.08 17.09 4.09
CA SER H 241 42.17 18.52 4.50
C SER H 241 43.62 19.02 4.32
N LEU H 242 44.60 18.16 4.62
CA LEU H 242 46.04 18.45 4.38
C LEU H 242 46.26 18.63 2.87
N ARG H 243 45.82 17.66 2.06
CA ARG H 243 46.03 17.66 0.58
C ARG H 243 45.26 18.83 -0.07
N ASN H 244 44.09 19.20 0.46
CA ASN H 244 43.27 20.35 -0.01
C ASN H 244 44.07 21.64 0.23
N LEU H 245 44.55 21.87 1.46
CA LEU H 245 45.38 23.05 1.84
C LEU H 245 46.60 23.14 0.93
N ILE H 246 47.33 22.03 0.75
CA ILE H 246 48.55 21.95 -0.12
C ILE H 246 48.15 22.24 -1.57
N TYR H 247 47.02 21.68 -2.04
CA TYR H 247 46.52 21.85 -3.42
C TYR H 247 46.16 23.32 -3.67
N GLN H 248 45.36 23.93 -2.79
CA GLN H 248 44.93 25.35 -2.89
C GLN H 248 46.16 26.26 -2.85
N ALA H 249 47.10 25.97 -1.95
CA ALA H 249 48.37 26.74 -1.80
C ALA H 249 49.20 26.63 -3.09
N SER H 250 49.26 25.43 -3.68
CA SER H 250 50.06 25.16 -4.91
C SER H 250 49.50 25.99 -6.08
N ILE H 251 48.20 25.89 -6.34
CA ILE H 251 47.51 26.59 -7.47
C ILE H 251 47.44 28.11 -7.20
N GLU H 252 47.56 28.55 -5.94
CA GLU H 252 47.70 29.98 -5.59
C GLU H 252 49.10 30.45 -6.03
N ALA H 253 50.13 29.67 -5.70
CA ALA H 253 51.56 29.96 -6.04
C ALA H 253 51.79 29.82 -7.55
N ILE H 254 50.94 29.07 -8.27
CA ILE H 254 51.00 28.94 -9.76
C ILE H 254 50.32 30.17 -10.41
N ASP H 255 49.23 30.68 -9.83
CA ASP H 255 48.41 31.79 -10.38
C ASP H 255 49.31 33.03 -10.52
N ASN H 256 49.76 33.61 -9.41
CA ASN H 256 50.76 34.71 -9.37
C ASN H 256 52.15 34.05 -9.50
N GLN H 257 52.84 34.28 -10.62
CA GLN H 257 54.10 33.58 -11.00
C GLN H 257 55.11 33.72 -9.85
N HIS H 258 55.36 32.62 -9.12
CA HIS H 258 56.18 32.59 -7.89
C HIS H 258 57.34 31.58 -8.04
N GLU H 259 58.25 31.61 -7.07
CA GLU H 259 59.41 30.69 -6.94
C GLU H 259 58.90 29.31 -6.55
N THR H 260 58.13 29.25 -5.47
CA THR H 260 57.69 28.01 -4.76
C THR H 260 56.40 28.31 -3.98
N ILE H 261 55.95 27.35 -3.15
CA ILE H 261 54.96 27.59 -2.07
C ILE H 261 55.69 28.29 -0.92
N THR H 262 55.25 29.50 -0.54
CA THR H 262 55.84 30.35 0.54
C THR H 262 54.76 30.62 1.59
N GLU H 263 55.07 31.44 2.59
CA GLU H 263 54.13 31.85 3.68
C GLU H 263 53.40 33.15 3.28
N GLU H 264 53.09 33.28 1.98
CA GLU H 264 52.39 34.43 1.33
C GLU H 264 50.98 33.98 0.95
N ASP H 265 50.89 32.84 0.25
CA ASP H 265 49.65 32.24 -0.31
C ASP H 265 49.14 31.09 0.57
N PHE H 266 49.98 30.57 1.47
CA PHE H 266 49.65 29.45 2.38
C PHE H 266 48.57 29.92 3.37
N VAL H 267 48.78 31.11 3.93
CA VAL H 267 47.82 31.82 4.85
C VAL H 267 46.46 31.96 4.15
N PHE H 268 46.44 32.40 2.89
CA PHE H 268 45.19 32.54 2.08
C PHE H 268 44.51 31.17 1.94
N ALA H 269 45.29 30.13 1.63
CA ALA H 269 44.83 28.72 1.48
C ALA H 269 44.27 28.21 2.81
N SER H 270 44.85 28.62 3.94
CA SER H 270 44.38 28.23 5.30
C SER H 270 42.99 28.82 5.57
N LYS H 271 42.80 30.11 5.28
CA LYS H 271 41.50 30.82 5.45
C LYS H 271 40.48 30.33 4.41
N LEU H 272 40.93 29.79 3.28
CA LEU H 272 40.05 29.25 2.20
C LEU H 272 39.42 27.92 2.65
N THR H 273 40.25 26.95 3.09
CA THR H 273 39.85 25.55 3.41
C THR H 273 39.79 25.34 4.93
N SER H 274 39.15 26.26 5.68
CA SER H 274 38.93 26.16 7.14
C SER H 274 37.43 26.17 7.48
N GLY H 275 36.56 25.96 6.48
CA GLY H 275 35.09 25.97 6.64
C GLY H 275 34.58 24.75 7.38
N ASP H 276 35.16 23.58 7.09
CA ASP H 276 34.73 22.26 7.65
C ASP H 276 35.27 22.06 9.07
N LYS H 277 36.31 22.80 9.47
CA LYS H 277 37.06 22.58 10.74
C LYS H 277 36.17 22.94 11.93
N PRO H 278 36.28 22.25 13.09
CA PRO H 278 35.33 22.41 14.19
C PRO H 278 35.40 23.78 14.89
N ASN H 279 34.48 24.00 15.82
CA ASN H 279 34.19 25.31 16.46
C ASN H 279 35.40 25.78 17.26
N SER H 280 35.95 24.94 18.14
CA SER H 280 37.03 25.27 19.09
C SER H 280 38.41 25.26 18.41
N TRP H 281 38.51 24.72 17.18
CA TRP H 281 39.77 24.64 16.40
C TRP H 281 40.25 26.04 16.02
N LYS H 282 41.55 26.30 16.13
CA LYS H 282 42.19 27.58 15.73
C LYS H 282 43.01 27.36 14.45
N ASN H 283 42.96 28.32 13.53
CA ASN H 283 43.83 28.39 12.32
C ASN H 283 45.22 28.84 12.74
N PRO H 284 46.28 28.01 12.60
CA PRO H 284 47.60 28.35 13.12
C PRO H 284 48.46 29.29 12.24
N PHE H 285 47.87 29.96 11.25
CA PHE H 285 48.59 30.68 10.16
C PHE H 285 48.36 32.19 10.16
N GLU H 286 47.34 32.69 10.87
CA GLU H 286 46.70 34.01 10.56
C GLU H 286 47.65 35.16 10.94
N GLU H 287 47.73 35.54 12.22
CA GLU H 287 48.56 36.70 12.66
C GLU H 287 49.56 36.28 13.75
N GLY H 288 49.12 35.63 14.84
CA GLY H 288 49.96 35.39 16.02
C GLY H 288 49.54 34.14 16.79
N VAL H 289 49.28 33.04 16.08
CA VAL H 289 48.87 31.74 16.70
C VAL H 289 50.15 30.94 16.97
N GLU H 290 50.79 31.22 18.11
CA GLU H 290 51.84 30.41 18.77
C GLU H 290 51.32 28.97 18.88
N VAL H 291 51.85 28.04 18.07
CA VAL H 291 51.39 26.62 17.98
C VAL H 291 51.76 25.92 19.29
N THR H 292 50.76 25.34 19.96
CA THR H 292 50.83 24.86 21.37
C THR H 292 51.08 23.35 21.42
N GLU H 293 51.36 22.85 22.63
CA GLU H 293 51.49 21.40 22.97
C GLU H 293 50.12 20.73 22.77
N ASP H 294 49.05 21.39 23.22
CA ASP H 294 47.64 20.87 23.25
C ASP H 294 47.09 20.67 21.83
N MET H 295 47.63 21.35 20.82
CA MET H 295 47.18 21.24 19.41
C MET H 295 47.69 19.93 18.78
N LEU H 296 48.89 19.46 19.17
CA LEU H 296 49.67 18.42 18.44
C LEU H 296 49.50 17.03 19.08
N ARG H 297 48.41 16.78 19.81
CA ARG H 297 48.16 15.46 20.45
C ARG H 297 47.78 14.49 19.33
N PRO H 298 48.08 13.18 19.46
CA PRO H 298 47.66 12.20 18.45
C PRO H 298 46.14 12.10 18.33
N PRO H 299 45.61 11.71 17.15
CA PRO H 299 44.16 11.59 16.96
C PRO H 299 43.57 10.56 17.93
N PRO H 300 42.29 10.71 18.36
CA PRO H 300 41.70 9.80 19.34
C PRO H 300 41.50 8.39 18.80
N LYS H 301 41.03 7.47 19.66
CA LYS H 301 40.66 6.08 19.29
C LYS H 301 39.39 6.11 18.44
N ASP H 302 38.35 6.78 18.95
CA ASP H 302 37.00 6.87 18.32
C ASP H 302 36.98 8.10 17.39
N ILE H 303 37.86 8.10 16.37
CA ILE H 303 38.05 9.23 15.42
C ILE H 303 36.93 9.20 14.37
N GLY H 304 36.55 8.01 13.89
CA GLY H 304 35.52 7.82 12.86
C GLY H 304 34.20 7.32 13.43
N TRP H 305 34.01 7.39 14.75
CA TRP H 305 32.84 6.78 15.46
C TRP H 305 31.76 7.82 15.75
N GLU H 306 32.08 9.12 15.63
CA GLU H 306 31.38 10.24 16.32
C GLU H 306 29.92 10.32 15.85
N ASP H 307 29.67 10.08 14.56
CA ASP H 307 28.30 10.05 13.94
C ASP H 307 27.45 8.95 14.58
N TYR H 308 28.05 7.82 14.97
CA TYR H 308 27.37 6.70 15.69
C TYR H 308 27.14 7.10 17.15
N LEU H 309 28.05 7.90 17.73
CA LEU H 309 27.98 8.39 19.14
C LEU H 309 27.05 9.62 19.25
N ARG H 310 26.65 10.22 18.14
CA ARG H 310 25.86 11.48 18.09
C ARG H 310 24.39 11.22 18.49
N HIS H 311 23.88 10.00 18.28
CA HIS H 311 22.47 9.60 18.51
C HIS H 311 22.33 8.92 19.87
N THR I 1 56.24 -21.04 -4.71
CA THR I 1 54.93 -21.10 -3.98
C THR I 1 54.41 -22.55 -3.97
N ARG I 2 54.26 -23.15 -5.16
CA ARG I 2 53.64 -24.49 -5.39
C ARG I 2 52.21 -24.47 -4.84
N GLU I 3 51.29 -23.84 -5.58
CA GLU I 3 49.84 -23.73 -5.27
C GLU I 3 49.21 -25.12 -5.04
N ALA I 4 49.81 -26.20 -5.56
CA ALA I 4 49.45 -27.60 -5.24
C ALA I 4 49.61 -27.84 -3.72
N ARG I 5 50.77 -27.47 -3.17
CA ARG I 5 51.10 -27.56 -1.72
C ARG I 5 50.15 -26.65 -0.92
N ILE I 6 49.84 -25.46 -1.45
CA ILE I 6 48.96 -24.42 -0.80
C ILE I 6 47.54 -24.97 -0.72
N SER I 7 47.05 -25.59 -1.79
CA SER I 7 45.71 -26.23 -1.86
C SER I 7 45.67 -27.45 -0.95
N ARG I 8 46.79 -28.16 -0.81
CA ARG I 8 46.93 -29.32 0.11
C ARG I 8 46.82 -28.85 1.58
N ALA I 9 47.39 -27.69 1.90
CA ALA I 9 47.32 -27.06 3.25
C ALA I 9 45.90 -26.55 3.52
N LYS I 10 45.23 -26.01 2.50
CA LYS I 10 43.86 -25.43 2.63
C LYS I 10 42.84 -26.57 2.73
N ARG I 11 42.87 -27.51 1.80
CA ARG I 11 41.98 -28.70 1.77
C ARG I 11 42.60 -29.80 2.64
N ALA I 12 42.40 -29.72 3.94
CA ALA I 12 42.80 -30.74 4.94
C ALA I 12 41.56 -31.12 5.75
N PHE I 13 41.06 -32.36 5.58
CA PHE I 13 39.92 -32.92 6.35
C PHE I 13 40.44 -33.99 7.32
N VAL I 14 40.18 -33.79 8.62
CA VAL I 14 40.44 -34.77 9.72
C VAL I 14 39.10 -35.13 10.37
N SER I 15 38.68 -36.38 10.26
CA SER I 15 37.39 -36.87 10.81
C SER I 15 37.50 -37.01 12.33
N THR I 16 36.69 -36.23 13.08
CA THR I 16 36.46 -36.38 14.54
C THR I 16 35.37 -37.43 14.77
N PRO I 17 35.26 -38.02 15.98
CA PRO I 17 34.14 -38.92 16.31
C PRO I 17 32.74 -38.29 16.25
N SER I 18 32.62 -36.97 16.44
CA SER I 18 31.35 -36.21 16.29
C SER I 18 30.93 -36.14 14.81
N VAL I 19 31.90 -35.94 13.90
CA VAL I 19 31.66 -35.89 12.42
C VAL I 19 31.26 -37.27 11.92
N ARG I 20 31.96 -38.32 12.37
CA ARG I 20 31.67 -39.73 12.02
C ARG I 20 30.28 -40.13 12.57
N LYS I 21 29.90 -39.61 13.74
CA LYS I 21 28.54 -39.79 14.31
C LYS I 21 27.50 -39.18 13.37
N ILE I 22 27.73 -37.94 12.90
CA ILE I 22 26.82 -37.21 11.98
C ILE I 22 26.72 -37.96 10.64
N LEU I 23 27.86 -38.40 10.08
CA LEU I 23 27.90 -39.12 8.78
C LEU I 23 27.18 -40.47 8.88
N SER I 24 27.38 -41.22 9.97
CA SER I 24 26.71 -42.54 10.21
C SER I 24 25.20 -42.34 10.32
N TYR I 25 24.75 -41.30 11.02
CA TYR I 25 23.32 -40.92 11.18
C TYR I 25 22.74 -40.44 9.84
N MET I 26 23.52 -39.70 9.04
CA MET I 26 23.09 -39.24 7.69
C MET I 26 22.86 -40.45 6.77
N ASP I 27 23.82 -41.38 6.74
CA ASP I 27 23.74 -42.65 5.95
C ASP I 27 22.53 -43.46 6.40
N ARG I 28 22.28 -43.49 7.72
CA ARG I 28 21.12 -44.17 8.36
C ARG I 28 19.81 -43.51 7.89
N CYS I 29 19.72 -42.19 8.03
CA CYS I 29 18.53 -41.36 7.63
C CYS I 29 18.16 -41.63 6.17
N ARG I 30 19.14 -41.77 5.27
CA ARG I 30 18.92 -42.01 3.81
C ARG I 30 18.45 -43.44 3.59
N ASP I 31 19.15 -44.43 4.13
CA ASP I 31 18.95 -45.88 3.83
C ASP I 31 17.72 -46.45 4.55
N LEU I 32 17.07 -45.68 5.45
CA LEU I 32 15.85 -46.14 6.18
C LEU I 32 14.58 -45.80 5.39
N SER I 33 14.52 -44.62 4.76
CA SER I 33 13.34 -44.12 4.00
C SER I 33 13.13 -44.99 2.75
N ASP I 34 11.97 -45.64 2.64
CA ASP I 34 11.55 -46.46 1.48
C ASP I 34 10.77 -45.58 0.48
N LEU I 35 10.55 -44.30 0.83
CA LEU I 35 9.84 -43.26 0.02
C LEU I 35 8.37 -43.63 -0.20
N GLU I 36 7.79 -44.45 0.68
CA GLU I 36 6.31 -44.67 0.80
C GLU I 36 5.86 -44.14 2.17
N SER I 37 6.47 -44.63 3.25
CA SER I 37 6.17 -44.28 4.66
C SER I 37 6.90 -42.99 5.04
N GLU I 38 6.58 -42.43 6.22
CA GLU I 38 7.13 -41.15 6.71
C GLU I 38 8.63 -41.32 6.96
N PRO I 39 9.49 -40.43 6.40
CA PRO I 39 10.94 -40.54 6.60
C PRO I 39 11.40 -40.15 8.02
N THR I 40 12.72 -40.16 8.24
CA THR I 40 13.36 -40.14 9.59
C THR I 40 13.65 -38.70 10.03
N CYS I 41 14.17 -37.86 9.13
CA CYS I 41 14.28 -36.38 9.31
C CYS I 41 15.13 -36.04 10.54
N MET I 42 16.45 -35.99 10.38
CA MET I 42 17.39 -35.53 11.43
C MET I 42 17.46 -34.01 11.40
N MET I 43 17.73 -33.38 12.55
CA MET I 43 18.14 -31.95 12.66
C MET I 43 19.55 -31.93 13.26
N VAL I 44 20.49 -31.23 12.63
CA VAL I 44 21.89 -31.08 13.15
C VAL I 44 22.13 -29.61 13.46
N TYR I 45 22.30 -29.28 14.74
CA TYR I 45 22.66 -27.92 15.22
C TYR I 45 24.16 -27.74 15.02
N GLY I 46 24.70 -26.61 15.49
CA GLY I 46 26.15 -26.33 15.45
C GLY I 46 26.41 -24.84 15.35
N ALA I 47 27.41 -24.36 16.09
CA ALA I 47 27.73 -22.93 16.28
C ALA I 47 28.34 -22.35 14.99
N SER I 48 28.84 -21.12 15.06
CA SER I 48 29.47 -20.40 13.93
C SER I 48 30.91 -20.92 13.74
N GLY I 49 31.11 -21.82 12.78
CA GLY I 49 32.44 -22.28 12.32
C GLY I 49 32.90 -23.56 13.00
N VAL I 50 32.00 -24.53 13.17
CA VAL I 50 32.29 -25.87 13.77
C VAL I 50 32.74 -26.86 12.69
N GLY I 51 32.28 -26.65 11.44
CA GLY I 51 32.55 -27.55 10.30
C GLY I 51 31.29 -28.30 9.86
N LYS I 52 30.16 -27.60 9.76
CA LYS I 52 28.88 -28.15 9.23
C LYS I 52 28.98 -28.26 7.71
N THR I 53 29.35 -27.16 7.03
CA THR I 53 29.44 -27.08 5.54
C THR I 53 30.46 -28.13 5.04
N THR I 54 31.55 -28.35 5.78
CA THR I 54 32.58 -29.38 5.46
C THR I 54 31.95 -30.78 5.56
N VAL I 55 31.10 -31.01 6.57
CA VAL I 55 30.39 -32.30 6.79
C VAL I 55 29.45 -32.57 5.62
N ILE I 56 28.71 -31.55 5.15
CA ILE I 56 27.74 -31.69 4.02
C ILE I 56 28.54 -31.94 2.74
N LYS I 57 29.66 -31.21 2.54
CA LYS I 57 30.53 -31.35 1.34
C LYS I 57 31.18 -32.74 1.33
N LYS I 58 31.66 -33.23 2.48
CA LYS I 58 32.29 -34.57 2.63
C LYS I 58 31.24 -35.64 2.31
N TYR I 59 30.02 -35.50 2.83
CA TYR I 59 28.88 -36.43 2.61
C TYR I 59 28.45 -36.41 1.13
N LEU I 60 28.31 -35.22 0.54
CA LEU I 60 27.97 -35.00 -0.89
C LEU I 60 28.93 -35.79 -1.79
N ASN I 61 30.24 -35.58 -1.61
CA ASN I 61 31.31 -36.26 -2.40
C ASN I 61 31.19 -37.77 -2.21
N GLN I 62 31.18 -38.25 -0.96
CA GLN I 62 31.27 -39.71 -0.65
C GLN I 62 29.96 -40.42 -1.06
N ALA I 63 28.84 -39.71 -1.18
CA ALA I 63 27.53 -40.26 -1.60
C ALA I 63 27.36 -40.17 -3.12
N ALA I 64 27.40 -38.96 -3.69
CA ALA I 64 26.78 -38.62 -5.00
C ALA I 64 27.80 -38.35 -6.12
N ALA I 65 29.10 -38.60 -5.92
CA ALA I 65 30.17 -38.32 -6.91
C ALA I 65 30.00 -39.21 -8.16
N ALA I 66 30.00 -40.53 -7.97
CA ALA I 66 29.93 -41.55 -9.06
C ALA I 66 28.54 -41.57 -9.71
N ALA I 67 27.48 -41.34 -8.92
CA ALA I 67 26.06 -41.32 -9.39
C ALA I 67 25.80 -40.08 -10.25
N ALA I 68 26.37 -38.93 -9.89
CA ALA I 68 26.33 -37.67 -10.70
C ALA I 68 27.22 -37.81 -11.94
N ALA I 69 28.30 -38.58 -11.86
CA ALA I 69 29.20 -38.91 -12.99
C ALA I 69 28.51 -39.87 -13.97
N GLY I 70 27.66 -40.78 -13.46
CA GLY I 70 26.86 -41.73 -14.26
C GLY I 70 25.90 -41.02 -15.21
N GLY I 71 25.11 -40.07 -14.68
CA GLY I 71 24.14 -39.26 -15.46
C GLY I 71 23.40 -38.25 -14.59
N ASP I 72 22.35 -37.63 -15.15
CA ASP I 72 21.45 -36.68 -14.43
C ASP I 72 20.53 -37.51 -13.51
N ILE I 73 21.01 -37.79 -12.29
CA ILE I 73 20.29 -38.56 -11.24
C ILE I 73 20.12 -37.69 -9.98
N ILE I 74 21.20 -37.03 -9.53
CA ILE I 74 21.28 -36.14 -8.32
C ILE I 74 20.50 -36.78 -7.16
N PRO I 75 21.08 -37.79 -6.47
CA PRO I 75 20.37 -38.51 -5.42
C PRO I 75 20.17 -37.66 -4.16
N VAL I 76 21.24 -37.00 -3.69
CA VAL I 76 21.21 -36.08 -2.51
C VAL I 76 21.36 -34.65 -3.02
N LEU I 77 20.79 -33.69 -2.27
CA LEU I 77 20.79 -32.24 -2.60
C LEU I 77 21.59 -31.47 -1.54
N HIS I 78 21.83 -30.19 -1.80
CA HIS I 78 22.40 -29.22 -0.84
C HIS I 78 21.71 -27.87 -1.07
N ILE I 79 20.94 -27.42 -0.09
CA ILE I 79 20.11 -26.19 -0.15
C ILE I 79 20.58 -25.24 0.95
N GLU I 80 20.81 -23.98 0.58
CA GLU I 80 21.14 -22.87 1.51
C GLU I 80 20.01 -21.85 1.37
N LEU I 81 19.11 -21.78 2.36
CA LEU I 81 17.95 -20.84 2.35
C LEU I 81 18.45 -19.41 2.19
N PRO I 82 17.67 -18.51 1.53
CA PRO I 82 17.94 -17.08 1.59
C PRO I 82 17.45 -16.47 2.91
N ASP I 83 17.96 -15.29 3.27
CA ASP I 83 17.64 -14.59 4.55
C ASP I 83 16.19 -14.07 4.47
N ASN I 84 15.45 -14.21 5.57
CA ASN I 84 14.00 -13.87 5.67
C ASN I 84 13.28 -14.54 4.49
N ALA I 85 13.42 -15.85 4.38
CA ALA I 85 12.89 -16.66 3.25
C ALA I 85 11.36 -16.72 3.33
N LYS I 86 10.70 -16.52 2.19
CA LYS I 86 9.28 -16.90 1.97
C LYS I 86 9.25 -18.34 1.44
N PRO I 87 8.12 -19.06 1.56
CA PRO I 87 8.02 -20.42 1.04
C PRO I 87 8.31 -20.48 -0.47
N VAL I 88 7.82 -19.50 -1.24
CA VAL I 88 8.03 -19.42 -2.72
C VAL I 88 9.52 -19.26 -3.05
N ASP I 89 10.26 -18.47 -2.26
CA ASP I 89 11.71 -18.18 -2.47
C ASP I 89 12.53 -19.46 -2.25
N ALA I 90 12.36 -20.12 -1.10
CA ALA I 90 13.04 -21.38 -0.72
C ALA I 90 12.56 -22.52 -1.62
N ALA I 91 11.30 -22.49 -2.06
CA ALA I 91 10.70 -23.49 -2.99
C ALA I 91 11.38 -23.42 -4.37
N ARG I 92 11.52 -22.22 -4.94
CA ARG I 92 12.12 -22.04 -6.29
C ARG I 92 13.64 -22.22 -6.22
N GLU I 93 14.27 -21.93 -5.07
CA GLU I 93 15.73 -22.16 -4.87
C GLU I 93 16.00 -23.68 -4.85
N LEU I 94 15.15 -24.43 -4.14
CA LEU I 94 15.13 -25.92 -4.13
C LEU I 94 14.94 -26.44 -5.56
N LEU I 95 14.08 -25.79 -6.35
CA LEU I 95 13.74 -26.16 -7.75
C LEU I 95 14.94 -25.90 -8.69
N VAL I 96 15.49 -24.68 -8.71
CA VAL I 96 16.55 -24.28 -9.67
C VAL I 96 17.88 -24.96 -9.32
N GLU I 97 18.07 -25.38 -8.06
CA GLU I 97 19.25 -26.18 -7.64
C GLU I 97 19.07 -27.63 -8.14
N MET I 98 17.89 -28.21 -7.93
CA MET I 98 17.57 -29.61 -8.29
C MET I 98 17.34 -29.71 -9.81
N GLY I 99 18.25 -30.38 -10.53
CA GLY I 99 18.15 -30.58 -11.99
C GLY I 99 18.19 -29.27 -12.74
N ASP I 100 17.45 -29.17 -13.85
CA ASP I 100 17.40 -27.96 -14.72
C ASP I 100 15.98 -27.69 -15.20
N PRO I 101 15.08 -27.17 -14.34
CA PRO I 101 13.91 -26.41 -14.80
C PRO I 101 14.28 -24.93 -15.03
N LEU I 102 13.34 -24.12 -15.53
CA LEU I 102 13.44 -22.64 -15.50
C LEU I 102 13.02 -22.18 -14.10
N ALA I 103 11.75 -22.34 -13.73
CA ALA I 103 11.24 -22.44 -12.34
C ALA I 103 11.30 -21.12 -11.56
N LEU I 104 12.06 -20.10 -12.01
CA LEU I 104 12.30 -18.85 -11.24
C LEU I 104 11.82 -17.62 -12.01
N TYR I 105 10.93 -17.79 -12.99
CA TYR I 105 10.17 -16.71 -13.66
C TYR I 105 8.72 -16.71 -13.16
N GLU I 106 8.05 -17.87 -13.24
CA GLU I 106 6.64 -18.07 -12.83
C GLU I 106 6.64 -18.38 -11.33
N THR I 107 6.42 -17.35 -10.49
CA THR I 107 6.32 -17.43 -9.01
C THR I 107 4.83 -17.36 -8.64
N ASP I 108 4.20 -18.51 -8.39
CA ASP I 108 2.79 -18.61 -7.90
C ASP I 108 2.68 -19.62 -6.75
N LEU I 109 3.78 -20.24 -6.30
CA LEU I 109 3.91 -21.01 -5.03
C LEU I 109 3.13 -22.35 -5.08
N ALA I 110 2.06 -22.47 -5.87
CA ALA I 110 1.18 -23.65 -5.92
C ALA I 110 1.59 -24.56 -7.09
N ARG I 111 1.77 -23.99 -8.29
CA ARG I 111 2.14 -24.73 -9.53
C ARG I 111 3.61 -25.15 -9.49
N LEU I 112 4.48 -24.38 -8.79
CA LEU I 112 5.91 -24.78 -8.59
C LEU I 112 6.04 -25.77 -7.42
N THR I 113 5.11 -25.78 -6.47
CA THR I 113 4.95 -26.91 -5.51
C THR I 113 4.54 -28.17 -6.28
N LYS I 114 3.62 -28.05 -7.23
CA LYS I 114 3.18 -29.18 -8.10
C LYS I 114 4.36 -29.61 -8.98
N ARG I 115 5.16 -28.66 -9.48
CA ARG I 115 6.34 -28.94 -10.34
C ARG I 115 7.36 -29.80 -9.58
N LEU I 116 7.75 -29.40 -8.37
CA LEU I 116 8.86 -30.08 -7.65
C LEU I 116 8.37 -31.42 -7.06
N THR I 117 7.07 -31.56 -6.74
CA THR I 117 6.45 -32.87 -6.40
C THR I 117 6.38 -33.76 -7.65
N GLU I 118 6.17 -33.17 -8.84
CA GLU I 118 6.26 -33.91 -10.13
C GLU I 118 7.70 -34.37 -10.38
N LEU I 119 8.70 -33.58 -9.97
CA LEU I 119 10.13 -33.71 -10.39
C LEU I 119 10.97 -34.48 -9.35
N ILE I 120 10.59 -34.52 -8.07
CA ILE I 120 11.43 -35.15 -7.00
C ILE I 120 11.52 -36.67 -7.21
N PRO I 121 10.42 -37.43 -7.42
CA PRO I 121 10.53 -38.83 -7.80
C PRO I 121 11.01 -39.07 -9.26
N ALA I 122 10.93 -38.05 -10.12
CA ALA I 122 11.31 -38.13 -11.55
C ALA I 122 12.82 -38.32 -11.70
N VAL I 123 13.62 -37.45 -11.06
CA VAL I 123 15.12 -37.49 -11.11
C VAL I 123 15.64 -38.56 -10.14
N GLY I 124 14.91 -38.83 -9.04
CA GLY I 124 15.27 -39.81 -8.01
C GLY I 124 16.03 -39.17 -6.87
N VAL I 125 15.39 -38.20 -6.20
CA VAL I 125 15.89 -37.55 -4.96
C VAL I 125 15.73 -38.56 -3.81
N LYS I 126 16.82 -38.81 -3.08
CA LYS I 126 16.89 -39.75 -1.93
C LYS I 126 17.00 -38.98 -0.60
N LEU I 127 17.55 -37.76 -0.63
CA LEU I 127 17.78 -36.91 0.58
C LEU I 127 17.81 -35.43 0.18
N ILE I 128 17.30 -34.57 1.07
CA ILE I 128 17.35 -33.07 0.95
C ILE I 128 18.12 -32.55 2.17
N ILE I 129 19.23 -31.85 1.93
CA ILE I 129 20.08 -31.26 3.01
C ILE I 129 19.93 -29.74 2.93
N ILE I 130 19.26 -29.15 3.92
CA ILE I 130 19.07 -27.67 4.08
C ILE I 130 20.13 -27.19 5.07
N ASP I 131 20.88 -26.15 4.72
CA ASP I 131 22.09 -25.72 5.47
C ASP I 131 21.74 -24.62 6.47
N GLU I 132 20.98 -23.60 6.05
CA GLU I 132 20.62 -22.42 6.88
C GLU I 132 19.17 -22.53 7.32
N PHE I 133 18.92 -22.77 8.62
CA PHE I 133 17.57 -22.77 9.22
C PHE I 133 17.37 -21.56 10.15
N GLN I 134 18.44 -20.84 10.50
CA GLN I 134 18.39 -19.67 11.42
C GLN I 134 17.89 -18.42 10.67
N HIS I 135 17.73 -18.48 9.35
CA HIS I 135 17.22 -17.38 8.49
C HIS I 135 15.72 -17.14 8.70
N LEU I 136 15.01 -18.11 9.28
CA LEU I 136 13.55 -18.04 9.54
C LEU I 136 13.28 -17.23 10.81
N VAL I 137 14.33 -16.92 11.59
CA VAL I 137 14.28 -15.94 12.73
C VAL I 137 14.39 -14.54 12.10
N GLU I 138 13.44 -13.65 12.40
CA GLU I 138 13.47 -12.24 11.94
C GLU I 138 14.59 -11.53 12.69
N GLU I 139 15.17 -10.48 12.08
CA GLU I 139 16.52 -9.96 12.44
C GLU I 139 16.45 -9.26 13.81
N ARG I 140 15.58 -8.25 13.92
CA ARG I 140 15.58 -7.25 15.03
C ARG I 140 14.50 -7.61 16.05
N SER I 141 13.30 -7.99 15.60
CA SER I 141 12.25 -8.64 16.43
C SER I 141 12.59 -10.12 16.59
N ASN I 142 11.90 -10.83 17.49
CA ASN I 142 12.21 -12.25 17.84
C ASN I 142 11.08 -13.18 17.40
N ARG I 143 10.16 -12.73 16.54
CA ARG I 143 9.16 -13.63 15.91
C ARG I 143 9.90 -14.53 14.92
N VAL I 144 9.48 -15.79 14.81
CA VAL I 144 10.05 -16.80 13.86
C VAL I 144 8.94 -17.16 12.88
N LEU I 145 9.06 -16.65 11.64
CA LEU I 145 8.01 -16.73 10.59
C LEU I 145 7.90 -18.18 10.09
N THR I 146 6.72 -18.78 10.28
CA THR I 146 6.45 -20.24 10.27
C THR I 146 5.84 -20.69 8.93
N GLN I 147 6.00 -19.90 7.86
CA GLN I 147 5.44 -20.20 6.51
C GLN I 147 6.32 -21.23 5.82
N VAL I 148 7.65 -21.11 5.94
CA VAL I 148 8.65 -22.01 5.30
C VAL I 148 8.63 -23.35 6.07
N GLY I 149 8.52 -23.30 7.41
CA GLY I 149 8.41 -24.48 8.29
C GLY I 149 7.17 -25.31 7.97
N ASN I 150 6.02 -24.65 7.78
CA ASN I 150 4.73 -25.30 7.43
C ASN I 150 4.79 -25.81 5.98
N TRP I 151 5.49 -25.11 5.08
CA TRP I 151 5.72 -25.58 3.70
C TRP I 151 6.64 -26.81 3.71
N LEU I 152 7.65 -26.83 4.58
CA LEU I 152 8.58 -28.00 4.71
C LEU I 152 7.80 -29.21 5.21
N LYS I 153 6.88 -29.02 6.15
CA LYS I 153 5.96 -30.08 6.65
C LYS I 153 5.11 -30.57 5.47
N MET I 154 4.58 -29.63 4.69
CA MET I 154 3.72 -29.89 3.50
C MET I 154 4.47 -30.77 2.49
N ILE I 155 5.67 -30.34 2.07
CA ILE I 155 6.50 -31.06 1.07
C ILE I 155 7.02 -32.39 1.65
N LEU I 156 7.17 -32.49 2.98
CA LEU I 156 7.59 -33.75 3.66
C LEU I 156 6.47 -34.80 3.57
N ASN I 157 5.22 -34.40 3.86
CA ASN I 157 4.03 -35.28 3.87
C ASN I 157 3.62 -35.63 2.44
N LYS I 158 3.76 -34.69 1.50
CA LYS I 158 3.32 -34.84 0.08
C LYS I 158 4.20 -35.88 -0.64
N THR I 159 5.51 -35.61 -0.72
CA THR I 159 6.55 -36.56 -1.24
C THR I 159 7.44 -36.99 -0.08
N LYS I 160 7.27 -38.22 0.39
CA LYS I 160 7.97 -38.76 1.59
C LYS I 160 9.46 -38.90 1.25
N CYS I 161 10.24 -37.86 1.54
CA CYS I 161 11.71 -37.80 1.30
C CYS I 161 12.40 -37.20 2.53
N PRO I 162 13.45 -37.87 3.08
CA PRO I 162 14.08 -37.42 4.32
C PRO I 162 14.82 -36.09 4.14
N ILE I 163 14.60 -35.15 5.06
CA ILE I 163 15.21 -33.78 5.05
C ILE I 163 16.12 -33.67 6.27
N VAL I 164 17.39 -33.33 6.07
CA VAL I 164 18.38 -33.08 7.16
C VAL I 164 18.65 -31.57 7.22
N ILE I 165 17.85 -30.84 8.01
CA ILE I 165 17.97 -29.37 8.16
C ILE I 165 19.13 -29.09 9.12
N PHE I 166 20.18 -28.44 8.62
CA PHE I 166 21.30 -27.90 9.43
C PHE I 166 20.94 -26.48 9.87
N GLY I 167 21.70 -25.94 10.82
CA GLY I 167 21.54 -24.55 11.27
C GLY I 167 22.24 -24.27 12.58
N MET I 168 22.19 -23.02 13.03
CA MET I 168 22.81 -22.56 14.29
C MET I 168 21.90 -22.94 15.45
N PRO I 169 22.42 -23.08 16.69
CA PRO I 169 21.63 -23.59 17.82
C PRO I 169 20.37 -22.79 18.15
N TYR I 170 20.38 -21.47 17.94
CA TYR I 170 19.23 -20.56 18.23
C TYR I 170 18.13 -20.72 17.17
N SER I 171 18.33 -21.57 16.16
CA SER I 171 17.30 -21.97 15.16
C SER I 171 16.36 -23.03 15.77
N LYS I 172 16.71 -23.58 16.94
CA LYS I 172 15.88 -24.57 17.69
C LYS I 172 14.47 -24.00 17.93
N VAL I 173 14.36 -22.71 18.25
CA VAL I 173 13.08 -22.01 18.57
C VAL I 173 12.16 -21.99 17.34
N VAL I 174 12.73 -22.07 16.13
CA VAL I 174 11.96 -22.20 14.85
C VAL I 174 11.32 -23.58 14.80
N LEU I 175 12.02 -24.61 15.29
CA LEU I 175 11.47 -25.99 15.43
C LEU I 175 10.48 -26.02 16.61
N GLN I 176 10.72 -25.23 17.66
CA GLN I 176 9.76 -25.09 18.81
C GLN I 176 8.50 -24.33 18.37
N ALA I 177 8.58 -23.46 17.35
CA ALA I 177 7.46 -22.65 16.83
C ALA I 177 6.32 -23.52 16.29
N ASN I 178 6.65 -24.59 15.56
CA ASN I 178 5.65 -25.52 14.94
C ASN I 178 5.77 -26.89 15.64
N SER I 179 4.73 -27.27 16.39
CA SER I 179 4.67 -28.51 17.22
C SER I 179 4.64 -29.77 16.34
N GLN I 180 4.04 -29.68 15.15
CA GLN I 180 3.99 -30.77 14.14
C GLN I 180 5.39 -30.97 13.53
N LEU I 181 6.06 -29.88 13.14
CA LEU I 181 7.43 -29.90 12.61
C LEU I 181 8.42 -30.30 13.72
N HIS I 182 8.14 -29.96 14.99
CA HIS I 182 8.95 -30.40 16.16
C HIS I 182 8.89 -31.92 16.26
N GLY I 183 7.67 -32.47 16.34
CA GLY I 183 7.42 -33.93 16.38
C GLY I 183 8.19 -34.64 15.29
N ARG I 184 8.13 -34.13 14.06
CA ARG I 184 8.67 -34.81 12.84
C ARG I 184 10.19 -34.98 12.96
N PHE I 185 10.91 -33.96 13.45
CA PHE I 185 12.39 -33.94 13.59
C PHE I 185 12.78 -34.48 14.97
N SER I 186 12.72 -35.81 15.12
CA SER I 186 12.95 -36.54 16.40
C SER I 186 14.45 -36.59 16.71
N ILE I 187 15.27 -36.98 15.73
CA ILE I 187 16.75 -37.13 15.90
C ILE I 187 17.37 -35.72 15.80
N GLN I 188 17.89 -35.23 16.93
CA GLN I 188 18.59 -33.93 17.03
C GLN I 188 19.98 -34.16 17.62
N VAL I 189 21.02 -33.81 16.87
CA VAL I 189 22.45 -33.93 17.30
C VAL I 189 23.04 -32.53 17.35
N GLU I 190 23.96 -32.30 18.29
CA GLU I 190 24.64 -31.00 18.53
C GLU I 190 26.11 -31.17 18.13
N LEU I 191 26.50 -30.65 16.97
CA LEU I 191 27.91 -30.57 16.50
C LEU I 191 28.57 -29.37 17.18
N ARG I 192 29.01 -29.54 18.44
CA ARG I 192 29.58 -28.45 19.28
C ARG I 192 31.11 -28.50 19.21
N PRO I 193 31.81 -27.36 19.44
CA PRO I 193 33.27 -27.30 19.36
C PRO I 193 34.06 -28.18 20.35
N PHE I 194 35.39 -28.16 20.21
CA PHE I 194 36.37 -28.88 21.06
C PHE I 194 36.27 -28.37 22.51
N SER I 195 36.53 -29.26 23.47
CA SER I 195 36.07 -29.15 24.88
C SER I 195 37.21 -28.71 25.80
N TYR I 196 38.30 -29.49 25.94
CA TYR I 196 39.32 -29.28 26.99
C TYR I 196 40.74 -29.33 26.43
N GLN I 197 41.72 -28.91 27.23
CA GLN I 197 43.14 -28.98 26.81
C GLN I 197 43.94 -29.98 27.68
N GLY I 198 43.49 -30.25 28.91
CA GLY I 198 44.15 -31.19 29.84
C GLY I 198 44.99 -32.27 29.17
N GLY I 199 44.75 -32.60 27.89
CA GLY I 199 45.61 -33.48 27.10
C GLY I 199 45.08 -34.89 27.09
N ARG I 200 45.38 -35.64 26.03
CA ARG I 200 44.91 -37.03 25.77
C ARG I 200 43.38 -37.01 25.58
N GLY I 201 42.85 -35.89 25.08
CA GLY I 201 41.44 -35.73 24.67
C GLY I 201 41.32 -35.85 23.16
N VAL I 202 40.15 -35.49 22.62
CA VAL I 202 39.87 -35.55 21.15
C VAL I 202 40.68 -34.46 20.44
N PHE I 203 40.94 -33.33 21.11
CA PHE I 203 41.69 -32.18 20.55
C PHE I 203 43.13 -32.58 20.21
N LYS I 204 43.78 -33.38 21.07
CA LYS I 204 45.20 -33.79 20.90
C LYS I 204 45.33 -34.66 19.65
N THR I 205 44.53 -35.71 19.54
CA THR I 205 44.59 -36.70 18.42
C THR I 205 44.13 -36.01 17.13
N PHE I 206 43.21 -35.05 17.23
CA PHE I 206 42.76 -34.21 16.09
C PHE I 206 43.95 -33.41 15.54
N LEU I 207 44.69 -32.74 16.41
CA LEU I 207 45.91 -31.96 16.02
C LEU I 207 47.01 -32.94 15.59
N GLU I 208 47.03 -34.17 16.11
CA GLU I 208 48.00 -35.24 15.73
C GLU I 208 47.77 -35.64 14.26
N TYR I 209 46.52 -35.87 13.85
CA TYR I 209 46.15 -36.29 12.47
C TYR I 209 46.19 -35.10 11.50
N LEU I 210 45.92 -33.89 11.98
CA LEU I 210 46.07 -32.65 11.19
C LEU I 210 47.57 -32.35 10.99
N ASP I 211 48.40 -32.61 12.01
CA ASP I 211 49.88 -32.53 11.91
C ASP I 211 50.37 -33.47 10.80
N LYS I 212 49.82 -34.69 10.75
CA LYS I 212 50.10 -35.69 9.68
C LYS I 212 49.70 -35.12 8.31
N ALA I 213 48.50 -34.55 8.21
CA ALA I 213 47.85 -34.15 6.94
C ALA I 213 48.50 -32.89 6.33
N LEU I 214 49.23 -32.09 7.12
CA LEU I 214 49.87 -30.84 6.63
C LEU I 214 50.95 -31.19 5.60
N PRO I 215 51.16 -30.33 4.58
CA PRO I 215 52.04 -30.67 3.45
C PRO I 215 53.55 -30.61 3.73
N PHE I 216 53.97 -30.26 4.94
CA PHE I 216 55.38 -30.35 5.41
C PHE I 216 55.73 -31.82 5.62
N GLU I 217 57.03 -32.13 5.53
CA GLU I 217 57.56 -33.49 5.25
C GLU I 217 58.02 -34.19 6.54
N LYS I 218 58.38 -33.44 7.59
CA LYS I 218 59.20 -33.95 8.71
C LYS I 218 58.43 -33.89 10.03
N GLN I 219 57.79 -32.75 10.34
CA GLN I 219 56.94 -32.51 11.55
C GLN I 219 56.30 -31.13 11.37
N ALA I 220 55.24 -30.80 12.12
CA ALA I 220 54.71 -29.42 12.24
C ALA I 220 54.66 -28.95 13.71
N GLY I 221 54.89 -29.85 14.67
CA GLY I 221 55.14 -29.53 16.09
C GLY I 221 53.87 -29.44 16.90
N LEU I 222 52.71 -29.70 16.28
CA LEU I 222 51.37 -29.60 16.91
C LEU I 222 51.19 -30.73 17.92
N ALA I 223 50.24 -30.56 18.84
CA ALA I 223 49.76 -31.57 19.82
C ALA I 223 50.88 -31.98 20.78
N ASN I 224 51.77 -31.04 21.15
CA ASN I 224 52.72 -31.17 22.28
C ASN I 224 52.28 -30.25 23.42
N GLU I 225 52.83 -30.48 24.61
CA GLU I 225 52.55 -29.76 25.89
C GLU I 225 52.36 -28.26 25.60
N SER I 226 53.39 -27.60 25.09
CA SER I 226 53.49 -26.12 24.95
C SER I 226 52.50 -25.62 23.90
N LEU I 227 52.60 -26.12 22.66
CA LEU I 227 51.93 -25.54 21.46
C LEU I 227 50.41 -25.78 21.49
N GLN I 228 49.97 -26.95 21.97
CA GLN I 228 48.52 -27.29 22.10
C GLN I 228 47.83 -26.31 23.07
N LYS I 229 48.51 -25.93 24.15
CA LYS I 229 47.99 -24.97 25.17
C LYS I 229 47.83 -23.60 24.52
N LYS I 230 48.84 -23.17 23.76
CA LYS I 230 48.84 -21.87 23.03
C LYS I 230 47.76 -21.90 21.94
N LEU I 231 47.56 -23.05 21.29
CA LEU I 231 46.60 -23.24 20.16
C LEU I 231 45.16 -23.12 20.66
N TYR I 232 44.82 -23.81 21.75
CA TYR I 232 43.47 -23.75 22.38
C TYR I 232 43.25 -22.34 22.95
N ALA I 233 44.29 -21.72 23.50
CA ALA I 233 44.23 -20.36 24.09
C ALA I 233 43.88 -19.34 23.00
N PHE I 234 44.36 -19.54 21.77
CA PHE I 234 44.08 -18.65 20.60
C PHE I 234 42.64 -18.87 20.11
N SER I 235 42.33 -20.11 19.73
CA SER I 235 41.01 -20.55 19.23
C SER I 235 40.40 -21.53 20.23
N GLN I 236 39.35 -21.10 20.96
CA GLN I 236 38.77 -21.87 22.08
C GLN I 236 38.40 -23.27 21.57
N GLY I 237 37.31 -23.38 20.79
CA GLY I 237 36.99 -24.59 20.01
C GLY I 237 36.82 -24.28 18.52
N ASN I 238 36.55 -23.01 18.17
CA ASN I 238 36.13 -22.58 16.81
C ASN I 238 37.10 -23.20 15.79
N MET I 239 36.64 -24.24 15.09
CA MET I 239 37.41 -25.00 14.07
C MET I 239 37.95 -24.04 13.00
N ARG I 240 37.15 -23.06 12.57
CA ARG I 240 37.48 -22.15 11.45
C ARG I 240 38.67 -21.26 11.83
N SER I 241 38.67 -20.66 13.02
CA SER I 241 39.73 -19.73 13.49
C SER I 241 41.04 -20.50 13.74
N LEU I 242 40.94 -21.74 14.25
CA LEU I 242 42.07 -22.68 14.38
C LEU I 242 42.64 -22.99 13.00
N ARG I 243 41.79 -23.46 12.06
CA ARG I 243 42.23 -23.85 10.69
C ARG I 243 42.79 -22.64 9.93
N ASN I 244 42.22 -21.44 10.15
CA ASN I 244 42.69 -20.17 9.54
C ASN I 244 44.12 -19.90 10.03
N LEU I 245 44.34 -19.91 11.35
CA LEU I 245 45.68 -19.69 11.97
C LEU I 245 46.69 -20.70 11.40
N ILE I 246 46.34 -21.99 11.39
CA ILE I 246 47.21 -23.10 10.87
C ILE I 246 47.48 -22.85 9.39
N TYR I 247 46.47 -22.45 8.62
CA TYR I 247 46.58 -22.18 7.16
C TYR I 247 47.54 -21.00 6.93
N GLN I 248 47.34 -19.88 7.62
CA GLN I 248 48.16 -18.65 7.46
C GLN I 248 49.61 -18.94 7.89
N ALA I 249 49.79 -19.69 8.97
CA ALA I 249 51.13 -20.11 9.48
C ALA I 249 51.81 -21.03 8.46
N SER I 250 51.06 -21.97 7.87
CA SER I 250 51.60 -22.94 6.87
C SER I 250 52.14 -22.17 5.65
N ILE I 251 51.29 -21.36 5.03
CA ILE I 251 51.63 -20.58 3.80
C ILE I 251 52.69 -19.52 4.11
N GLU I 252 52.85 -19.13 5.38
CA GLU I 252 53.96 -18.24 5.84
C GLU I 252 55.27 -19.04 5.83
N ALA I 253 55.25 -20.27 6.36
CA ALA I 253 56.40 -21.19 6.40
C ALA I 253 56.74 -21.69 4.98
N ILE I 254 55.79 -21.70 4.05
CA ILE I 254 56.04 -22.07 2.62
C ILE I 254 56.70 -20.89 1.89
N ASP I 255 56.29 -19.65 2.19
CA ASP I 255 56.77 -18.42 1.49
C ASP I 255 58.29 -18.31 1.64
N ASN I 256 58.78 -18.13 2.87
CA ASN I 256 60.23 -18.13 3.21
C ASN I 256 60.65 -19.58 3.46
N GLN I 257 61.43 -20.15 2.54
CA GLN I 257 61.75 -21.61 2.49
C GLN I 257 62.21 -22.06 3.88
N HIS I 258 61.38 -22.84 4.57
CA HIS I 258 61.58 -23.28 5.98
C HIS I 258 61.53 -24.81 6.08
N GLU I 259 61.93 -25.32 7.24
CA GLU I 259 61.91 -26.76 7.63
C GLU I 259 60.45 -27.21 7.80
N THR I 260 59.71 -26.47 8.63
CA THR I 260 58.37 -26.82 9.15
C THR I 260 57.68 -25.53 9.65
N ILE I 261 56.48 -25.66 10.24
CA ILE I 261 55.81 -24.57 11.02
C ILE I 261 56.55 -24.46 12.36
N THR I 262 57.16 -23.31 12.64
CA THR I 262 57.93 -23.01 13.86
C THR I 262 57.27 -21.85 14.61
N GLU I 263 57.88 -21.39 15.71
CA GLU I 263 57.41 -20.24 16.54
C GLU I 263 58.09 -18.96 16.04
N GLU I 264 58.15 -18.81 14.71
CA GLU I 264 58.75 -17.66 13.95
C GLU I 264 57.63 -16.97 13.17
N ASP I 265 56.86 -17.76 12.41
CA ASP I 265 55.76 -17.32 11.51
C ASP I 265 54.39 -17.55 12.15
N PHE I 266 54.30 -18.36 13.20
CA PHE I 266 53.06 -18.68 13.94
C PHE I 266 52.56 -17.41 14.65
N VAL I 267 53.49 -16.68 15.29
CA VAL I 267 53.26 -15.37 15.96
C VAL I 267 52.68 -14.38 14.94
N PHE I 268 53.23 -14.32 13.72
CA PHE I 268 52.77 -13.43 12.63
C PHE I 268 51.34 -13.81 12.21
N ALA I 269 51.07 -15.11 12.07
CA ALA I 269 49.74 -15.67 11.73
C ALA I 269 48.72 -15.35 12.83
N SER I 270 49.15 -15.35 14.10
CA SER I 270 48.29 -15.02 15.28
C SER I 270 47.85 -13.55 15.20
N LYS I 271 48.79 -12.62 14.95
CA LYS I 271 48.51 -11.16 14.81
C LYS I 271 47.76 -10.87 13.51
N LEU I 272 47.78 -11.79 12.54
CA LEU I 272 47.06 -11.66 11.23
C LEU I 272 45.57 -11.98 11.39
N THR I 273 45.23 -13.11 12.01
CA THR I 273 43.84 -13.64 12.14
C THR I 273 43.29 -13.45 13.56
N SER I 274 43.54 -12.29 14.17
CA SER I 274 43.03 -11.92 15.53
C SER I 274 42.10 -10.70 15.46
N GLY I 275 41.53 -10.43 14.28
CA GLY I 275 40.62 -9.29 14.07
C GLY I 275 39.22 -9.57 14.61
N ASP I 276 38.71 -10.78 14.37
CA ASP I 276 37.33 -11.20 14.72
C ASP I 276 37.21 -11.51 16.22
N LYS I 277 38.32 -11.79 16.91
CA LYS I 277 38.35 -12.26 18.31
C LYS I 277 37.85 -11.16 19.24
N PRO I 278 37.15 -11.48 20.37
CA PRO I 278 36.49 -10.48 21.19
C PRO I 278 37.44 -9.52 21.94
N ASN I 279 36.86 -8.54 22.63
CA ASN I 279 37.56 -7.35 23.21
C ASN I 279 38.50 -7.80 24.34
N SER I 280 38.00 -8.62 25.27
CA SER I 280 38.73 -9.05 26.50
C SER I 280 39.73 -10.18 26.20
N TRP I 281 39.60 -10.85 25.06
CA TRP I 281 40.46 -11.99 24.63
C TRP I 281 41.91 -11.51 24.47
N LYS I 282 42.88 -12.33 24.89
CA LYS I 282 44.34 -12.04 24.76
C LYS I 282 44.97 -13.01 23.76
N ASN I 283 45.87 -12.50 22.92
CA ASN I 283 46.67 -13.29 21.95
C ASN I 283 47.79 -13.99 22.71
N PRO I 284 47.79 -15.34 22.82
CA PRO I 284 48.75 -16.03 23.67
C PRO I 284 50.16 -16.23 23.09
N PHE I 285 50.54 -15.50 22.04
CA PHE I 285 51.75 -15.76 21.22
C PHE I 285 52.76 -14.60 21.25
N GLU I 286 52.37 -13.42 21.71
CA GLU I 286 53.03 -12.14 21.31
C GLU I 286 54.41 -12.03 21.97
N GLU I 287 54.50 -11.62 23.24
CA GLU I 287 55.81 -11.43 23.94
C GLU I 287 55.86 -12.29 25.22
N GLY I 288 54.86 -12.16 26.11
CA GLY I 288 54.92 -12.74 27.47
C GLY I 288 53.53 -13.01 28.04
N VAL I 289 52.69 -13.71 27.27
CA VAL I 289 51.32 -14.12 27.69
C VAL I 289 51.40 -15.55 28.25
N GLU I 290 51.81 -15.66 29.51
CA GLU I 290 51.70 -16.86 30.37
C GLU I 290 50.25 -17.37 30.25
N VAL I 291 50.05 -18.50 29.57
CA VAL I 291 48.70 -19.09 29.29
C VAL I 291 48.11 -19.60 30.61
N THR I 292 46.94 -19.09 30.97
CA THR I 292 46.33 -19.22 32.33
C THR I 292 45.31 -20.35 32.36
N GLU I 293 44.85 -20.68 33.57
CA GLU I 293 43.76 -21.66 33.85
C GLU I 293 42.44 -21.12 33.28
N ASP I 294 42.21 -19.81 33.44
CA ASP I 294 40.94 -19.10 33.08
C ASP I 294 40.74 -19.05 31.56
N MET I 295 41.80 -19.18 30.76
CA MET I 295 41.73 -19.17 29.27
C MET I 295 41.19 -20.50 28.75
N LEU I 296 41.50 -21.62 29.43
CA LEU I 296 41.32 -23.00 28.89
C LEU I 296 40.03 -23.65 29.41
N ARG I 297 39.01 -22.86 29.76
CA ARG I 297 37.70 -23.40 30.24
C ARG I 297 36.96 -23.93 29.02
N PRO I 298 36.12 -24.98 29.14
CA PRO I 298 35.34 -25.48 28.01
C PRO I 298 34.36 -24.44 27.48
N PRO I 299 33.96 -24.51 26.18
CA PRO I 299 33.02 -23.55 25.60
C PRO I 299 31.65 -23.61 26.30
N PRO I 300 30.92 -22.47 26.41
CA PRO I 300 29.67 -22.45 27.17
C PRO I 300 28.56 -23.29 26.52
N LYS I 301 27.41 -23.40 27.20
CA LYS I 301 26.19 -24.07 26.67
C LYS I 301 25.61 -23.23 25.53
N ASP I 302 25.41 -21.93 25.77
CA ASP I 302 24.80 -20.96 24.82
C ASP I 302 25.92 -20.32 23.98
N ILE I 303 26.65 -21.15 23.23
CA ILE I 303 27.84 -20.74 22.42
C ILE I 303 27.35 -20.11 21.11
N GLY I 304 26.32 -20.68 20.48
CA GLY I 304 25.76 -20.21 19.20
C GLY I 304 24.42 -19.50 19.36
N TRP I 305 24.08 -19.04 20.57
CA TRP I 305 22.76 -18.44 20.92
C TRP I 305 22.84 -16.90 20.96
N GLU I 306 24.05 -16.33 20.98
CA GLU I 306 24.34 -14.97 21.51
C GLU I 306 23.61 -13.90 20.68
N ASP I 307 23.52 -14.11 19.36
CA ASP I 307 22.81 -13.22 18.39
C ASP I 307 21.30 -13.17 18.69
N TYR I 308 20.71 -14.26 19.20
CA TYR I 308 19.30 -14.31 19.67
C TYR I 308 19.19 -13.59 21.02
N LEU I 309 20.19 -13.73 21.90
CA LEU I 309 20.23 -13.13 23.26
C LEU I 309 20.59 -11.65 23.19
N ARG I 310 21.06 -11.15 22.05
CA ARG I 310 21.55 -9.75 21.88
C ARG I 310 20.36 -8.76 21.85
N HIS I 311 19.16 -9.21 21.47
CA HIS I 311 17.94 -8.38 21.30
C HIS I 311 17.05 -8.49 22.54
#